data_5T53
# 
_entry.id   5T53 
# 
_audit_conform.dict_name       mmcif_pdbx.dic 
_audit_conform.dict_version    5.387 
_audit_conform.dict_location   http://mmcif.pdb.org/dictionaries/ascii/mmcif_pdbx.dic 
# 
loop_
_database_2.database_id 
_database_2.database_code 
_database_2.pdbx_database_accession 
_database_2.pdbx_DOI 
PDB   5T53         pdb_00005t53 10.2210/pdb5t53/pdb 
WWPDB D_1000223702 ?            ?                   
# 
loop_
_pdbx_audit_revision_history.ordinal 
_pdbx_audit_revision_history.data_content_type 
_pdbx_audit_revision_history.major_revision 
_pdbx_audit_revision_history.minor_revision 
_pdbx_audit_revision_history.revision_date 
1 'Structure model' 1 0 2016-11-09 
2 'Structure model' 1 1 2016-11-16 
3 'Structure model' 1 2 2016-12-28 
4 'Structure model' 1 3 2017-09-27 
5 'Structure model' 1 4 2019-12-25 
6 'Structure model' 1 5 2024-03-06 
# 
_pdbx_audit_revision_details.ordinal             1 
_pdbx_audit_revision_details.revision_ordinal    1 
_pdbx_audit_revision_details.data_content_type   'Structure model' 
_pdbx_audit_revision_details.provider            repository 
_pdbx_audit_revision_details.type                'Initial release' 
_pdbx_audit_revision_details.description         ? 
_pdbx_audit_revision_details.details             ? 
# 
loop_
_pdbx_audit_revision_group.ordinal 
_pdbx_audit_revision_group.revision_ordinal 
_pdbx_audit_revision_group.data_content_type 
_pdbx_audit_revision_group.group 
1 2 'Structure model' 'Database references'        
2 3 'Structure model' 'Database references'        
3 4 'Structure model' 'Author supporting evidence' 
4 5 'Structure model' 'Author supporting evidence' 
5 6 'Structure model' 'Data collection'            
6 6 'Structure model' 'Database references'        
# 
loop_
_pdbx_audit_revision_category.ordinal 
_pdbx_audit_revision_category.revision_ordinal 
_pdbx_audit_revision_category.data_content_type 
_pdbx_audit_revision_category.category 
1 4 'Structure model' pdbx_audit_support 
2 5 'Structure model' pdbx_audit_support 
3 6 'Structure model' chem_comp_atom     
4 6 'Structure model' chem_comp_bond     
5 6 'Structure model' database_2         
# 
loop_
_pdbx_audit_revision_item.ordinal 
_pdbx_audit_revision_item.revision_ordinal 
_pdbx_audit_revision_item.data_content_type 
_pdbx_audit_revision_item.item 
1 4 'Structure model' '_pdbx_audit_support.funding_organization' 
2 5 'Structure model' '_pdbx_audit_support.funding_organization' 
3 6 'Structure model' '_database_2.pdbx_DOI'                     
4 6 'Structure model' '_database_2.pdbx_database_accession'      
# 
_pdbx_database_status.status_code                     REL 
_pdbx_database_status.status_code_sf                  REL 
_pdbx_database_status.status_code_mr                  ? 
_pdbx_database_status.entry_id                        5T53 
_pdbx_database_status.recvd_initial_deposition_date   2016-08-30 
_pdbx_database_status.SG_entry                        N 
_pdbx_database_status.deposit_site                    RCSB 
_pdbx_database_status.process_site                    RCSB 
_pdbx_database_status.status_code_cs                  ? 
_pdbx_database_status.methods_development_category    ? 
_pdbx_database_status.pdb_format_compatible           Y 
_pdbx_database_status.status_code_nmr_data            ? 
# 
loop_
_audit_author.name 
_audit_author.pdbx_ordinal 
'Marmorstein, R.'  1 
'Rivera-Colon, Y.' 2 
'Liszczak, G.P.'   3 
'Olia, A.S.'       4 
'Maguire, A.'      5 
# 
_citation.abstract                  ? 
_citation.abstract_id_CAS           ? 
_citation.book_id_ISBN              ? 
_citation.book_publisher            ? 
_citation.book_publisher_city       ? 
_citation.book_title                ? 
_citation.coordinate_linkage        ? 
_citation.country                   US 
_citation.database_id_Medline       ? 
_citation.details                   ? 
_citation.id                        primary 
_citation.journal_abbrev            'J. Biol. Chem.' 
_citation.journal_id_ASTM           JBCHA3 
_citation.journal_id_CSD            0071 
_citation.journal_id_ISSN           1083-351X 
_citation.journal_full              ? 
_citation.journal_issue             ? 
_citation.journal_volume            291 
_citation.language                  ? 
_citation.page_first                26468 
_citation.page_last                 26477 
_citation.title                     
'Molecular Basis for Cohesin Acetylation by Establishment of Sister Chromatid Cohesion N-Acetyltransferase ESCO1.' 
_citation.year                      2016 
_citation.database_id_CSD           ? 
_citation.pdbx_database_id_DOI      10.1074/jbc.M116.752220 
_citation.pdbx_database_id_PubMed   27803161 
_citation.unpublished_flag          ? 
# 
loop_
_citation_author.citation_id 
_citation_author.name 
_citation_author.ordinal 
_citation_author.identifier_ORCID 
primary 'Rivera-Colon, Y.' 1 ? 
primary 'Maguire, A.'      2 ? 
primary 'Liszczak, G.P.'   3 ? 
primary 'Olia, A.S.'       4 ? 
primary 'Marmorstein, R.'  5 ? 
# 
loop_
_entity.id 
_entity.type 
_entity.src_method 
_entity.pdbx_description 
_entity.formula_weight 
_entity.pdbx_number_of_molecules 
_entity.pdbx_ec 
_entity.pdbx_mutation 
_entity.pdbx_fragment 
_entity.details 
1 polymer     man 'N-acetyltransferase ESCO1' 26247.506 1  2.3.1.- ? 'UNP residues 599-825' 
'Some residues were omitted due to lack of electron density.' 
2 non-polymer syn 'ACETYL COENZYME *A'        809.571   1  ?       ? ?                      ? 
3 non-polymer syn 'ZINC ION'                  65.409    1  ?       ? ?                      ? 
4 water       nat water                       18.015    14 ?       ? ?                      ? 
# 
_entity_name_com.entity_id   1 
_entity_name_com.name        
'CTF7 homolog 1,Establishment factor-like protein 1,hEFO1,Establishment of cohesion 1 homolog 1,ESO1 homolog 1' 
# 
_entity_poly.entity_id                      1 
_entity_poly.type                           'polypeptide(L)' 
_entity_poly.nstd_linkage                   no 
_entity_poly.nstd_monomer                   no 
_entity_poly.pdbx_seq_one_letter_code       
;KTDEKQLIIDAGQKRFGAVSCNVCGMLYTASNPEDETQHLLFHNQFISAVKYVGWKKERILAEYPDGRIIMVLPEDPKYA
LKKVDEIREMVDNDLGFQQAPLMCYSRTKTLLFISNDKKVVGCLIAEHIQWGYRVIEEKLPVIRSEEEKVRFERQKAWCC
STLPEPAICGISRIWVFSMMRRKKIASRMIECLRSNFIYGSYLSKEEIAFSDPTPDGKLFATQYCGT
;
_entity_poly.pdbx_seq_one_letter_code_can   
;KTDEKQLIIDAGQKRFGAVSCNVCGMLYTASNPEDETQHLLFHNQFISAVKYVGWKKERILAEYPDGRIIMVLPEDPKYA
LKKVDEIREMVDNDLGFQQAPLMCYSRTKTLLFISNDKKVVGCLIAEHIQWGYRVIEEKLPVIRSEEEKVRFERQKAWCC
STLPEPAICGISRIWVFSMMRRKKIASRMIECLRSNFIYGSYLSKEEIAFSDPTPDGKLFATQYCGT
;
_entity_poly.pdbx_strand_id                 A 
_entity_poly.pdbx_target_identifier         ? 
# 
loop_
_pdbx_entity_nonpoly.entity_id 
_pdbx_entity_nonpoly.name 
_pdbx_entity_nonpoly.comp_id 
2 'ACETYL COENZYME *A' ACO 
3 'ZINC ION'           ZN  
4 water                HOH 
# 
loop_
_entity_poly_seq.entity_id 
_entity_poly_seq.num 
_entity_poly_seq.mon_id 
_entity_poly_seq.hetero 
1 1   LYS n 
1 2   THR n 
1 3   ASP n 
1 4   GLU n 
1 5   LYS n 
1 6   GLN n 
1 7   LEU n 
1 8   ILE n 
1 9   ILE n 
1 10  ASP n 
1 11  ALA n 
1 12  GLY n 
1 13  GLN n 
1 14  LYS n 
1 15  ARG n 
1 16  PHE n 
1 17  GLY n 
1 18  ALA n 
1 19  VAL n 
1 20  SER n 
1 21  CYS n 
1 22  ASN n 
1 23  VAL n 
1 24  CYS n 
1 25  GLY n 
1 26  MET n 
1 27  LEU n 
1 28  TYR n 
1 29  THR n 
1 30  ALA n 
1 31  SER n 
1 32  ASN n 
1 33  PRO n 
1 34  GLU n 
1 35  ASP n 
1 36  GLU n 
1 37  THR n 
1 38  GLN n 
1 39  HIS n 
1 40  LEU n 
1 41  LEU n 
1 42  PHE n 
1 43  HIS n 
1 44  ASN n 
1 45  GLN n 
1 46  PHE n 
1 47  ILE n 
1 48  SER n 
1 49  ALA n 
1 50  VAL n 
1 51  LYS n 
1 52  TYR n 
1 53  VAL n 
1 54  GLY n 
1 55  TRP n 
1 56  LYS n 
1 57  LYS n 
1 58  GLU n 
1 59  ARG n 
1 60  ILE n 
1 61  LEU n 
1 62  ALA n 
1 63  GLU n 
1 64  TYR n 
1 65  PRO n 
1 66  ASP n 
1 67  GLY n 
1 68  ARG n 
1 69  ILE n 
1 70  ILE n 
1 71  MET n 
1 72  VAL n 
1 73  LEU n 
1 74  PRO n 
1 75  GLU n 
1 76  ASP n 
1 77  PRO n 
1 78  LYS n 
1 79  TYR n 
1 80  ALA n 
1 81  LEU n 
1 82  LYS n 
1 83  LYS n 
1 84  VAL n 
1 85  ASP n 
1 86  GLU n 
1 87  ILE n 
1 88  ARG n 
1 89  GLU n 
1 90  MET n 
1 91  VAL n 
1 92  ASP n 
1 93  ASN n 
1 94  ASP n 
1 95  LEU n 
1 96  GLY n 
1 97  PHE n 
1 98  GLN n 
1 99  GLN n 
1 100 ALA n 
1 101 PRO n 
1 102 LEU n 
1 103 MET n 
1 104 CYS n 
1 105 TYR n 
1 106 SER n 
1 107 ARG n 
1 108 THR n 
1 109 LYS n 
1 110 THR n 
1 111 LEU n 
1 112 LEU n 
1 113 PHE n 
1 114 ILE n 
1 115 SER n 
1 116 ASN n 
1 117 ASP n 
1 118 LYS n 
1 119 LYS n 
1 120 VAL n 
1 121 VAL n 
1 122 GLY n 
1 123 CYS n 
1 124 LEU n 
1 125 ILE n 
1 126 ALA n 
1 127 GLU n 
1 128 HIS n 
1 129 ILE n 
1 130 GLN n 
1 131 TRP n 
1 132 GLY n 
1 133 TYR n 
1 134 ARG n 
1 135 VAL n 
1 136 ILE n 
1 137 GLU n 
1 138 GLU n 
1 139 LYS n 
1 140 LEU n 
1 141 PRO n 
1 142 VAL n 
1 143 ILE n 
1 144 ARG n 
1 145 SER n 
1 146 GLU n 
1 147 GLU n 
1 148 GLU n 
1 149 LYS n 
1 150 VAL n 
1 151 ARG n 
1 152 PHE n 
1 153 GLU n 
1 154 ARG n 
1 155 GLN n 
1 156 LYS n 
1 157 ALA n 
1 158 TRP n 
1 159 CYS n 
1 160 CYS n 
1 161 SER n 
1 162 THR n 
1 163 LEU n 
1 164 PRO n 
1 165 GLU n 
1 166 PRO n 
1 167 ALA n 
1 168 ILE n 
1 169 CYS n 
1 170 GLY n 
1 171 ILE n 
1 172 SER n 
1 173 ARG n 
1 174 ILE n 
1 175 TRP n 
1 176 VAL n 
1 177 PHE n 
1 178 SER n 
1 179 MET n 
1 180 MET n 
1 181 ARG n 
1 182 ARG n 
1 183 LYS n 
1 184 LYS n 
1 185 ILE n 
1 186 ALA n 
1 187 SER n 
1 188 ARG n 
1 189 MET n 
1 190 ILE n 
1 191 GLU n 
1 192 CYS n 
1 193 LEU n 
1 194 ARG n 
1 195 SER n 
1 196 ASN n 
1 197 PHE n 
1 198 ILE n 
1 199 TYR n 
1 200 GLY n 
1 201 SER n 
1 202 TYR n 
1 203 LEU n 
1 204 SER n 
1 205 LYS n 
1 206 GLU n 
1 207 GLU n 
1 208 ILE n 
1 209 ALA n 
1 210 PHE n 
1 211 SER n 
1 212 ASP n 
1 213 PRO n 
1 214 THR n 
1 215 PRO n 
1 216 ASP n 
1 217 GLY n 
1 218 LYS n 
1 219 LEU n 
1 220 PHE n 
1 221 ALA n 
1 222 THR n 
1 223 GLN n 
1 224 TYR n 
1 225 CYS n 
1 226 GLY n 
1 227 THR n 
# 
_entity_src_gen.entity_id                          1 
_entity_src_gen.pdbx_src_id                        1 
_entity_src_gen.pdbx_alt_source_flag               sample 
_entity_src_gen.pdbx_seq_type                      'Biological sequence' 
_entity_src_gen.pdbx_beg_seq_num                   1 
_entity_src_gen.pdbx_end_seq_num                   227 
_entity_src_gen.gene_src_common_name               Human 
_entity_src_gen.gene_src_genus                     ? 
_entity_src_gen.pdbx_gene_src_gene                 'ESCO1, EFO1, KIAA1911' 
_entity_src_gen.gene_src_species                   ? 
_entity_src_gen.gene_src_strain                    ? 
_entity_src_gen.gene_src_tissue                    ? 
_entity_src_gen.gene_src_tissue_fraction           ? 
_entity_src_gen.gene_src_details                   ? 
_entity_src_gen.pdbx_gene_src_fragment             ? 
_entity_src_gen.pdbx_gene_src_scientific_name      'Homo sapiens' 
_entity_src_gen.pdbx_gene_src_ncbi_taxonomy_id     9606 
_entity_src_gen.pdbx_gene_src_variant              ? 
_entity_src_gen.pdbx_gene_src_cell_line            ? 
_entity_src_gen.pdbx_gene_src_atcc                 ? 
_entity_src_gen.pdbx_gene_src_organ                ? 
_entity_src_gen.pdbx_gene_src_organelle            ? 
_entity_src_gen.pdbx_gene_src_cell                 ? 
_entity_src_gen.pdbx_gene_src_cellular_location    ? 
_entity_src_gen.host_org_common_name               ? 
_entity_src_gen.pdbx_host_org_scientific_name      'Escherichia coli' 
_entity_src_gen.pdbx_host_org_ncbi_taxonomy_id     562 
_entity_src_gen.host_org_genus                     ? 
_entity_src_gen.pdbx_host_org_gene                 ? 
_entity_src_gen.pdbx_host_org_organ                ? 
_entity_src_gen.host_org_species                   ? 
_entity_src_gen.pdbx_host_org_tissue               ? 
_entity_src_gen.pdbx_host_org_tissue_fraction      ? 
_entity_src_gen.pdbx_host_org_strain               Rosetta 
_entity_src_gen.pdbx_host_org_variant              ? 
_entity_src_gen.pdbx_host_org_cell_line            ? 
_entity_src_gen.pdbx_host_org_atcc                 ? 
_entity_src_gen.pdbx_host_org_culture_collection   ? 
_entity_src_gen.pdbx_host_org_cell                 ? 
_entity_src_gen.pdbx_host_org_organelle            ? 
_entity_src_gen.pdbx_host_org_cellular_location    ? 
_entity_src_gen.pdbx_host_org_vector_type          ? 
_entity_src_gen.pdbx_host_org_vector               ? 
_entity_src_gen.host_org_details                   ? 
_entity_src_gen.expression_system_id               ? 
_entity_src_gen.plasmid_name                       ? 
_entity_src_gen.plasmid_details                    ? 
_entity_src_gen.pdbx_description                   ? 
# 
loop_
_chem_comp.id 
_chem_comp.type 
_chem_comp.mon_nstd_flag 
_chem_comp.name 
_chem_comp.pdbx_synonyms 
_chem_comp.formula 
_chem_comp.formula_weight 
ACO non-polymer         . 'ACETYL COENZYME *A' ? 'C23 H38 N7 O17 P3 S' 809.571 
ALA 'L-peptide linking' y ALANINE              ? 'C3 H7 N O2'          89.093  
ARG 'L-peptide linking' y ARGININE             ? 'C6 H15 N4 O2 1'      175.209 
ASN 'L-peptide linking' y ASPARAGINE           ? 'C4 H8 N2 O3'         132.118 
ASP 'L-peptide linking' y 'ASPARTIC ACID'      ? 'C4 H7 N O4'          133.103 
CYS 'L-peptide linking' y CYSTEINE             ? 'C3 H7 N O2 S'        121.158 
GLN 'L-peptide linking' y GLUTAMINE            ? 'C5 H10 N2 O3'        146.144 
GLU 'L-peptide linking' y 'GLUTAMIC ACID'      ? 'C5 H9 N O4'          147.129 
GLY 'peptide linking'   y GLYCINE              ? 'C2 H5 N O2'          75.067  
HIS 'L-peptide linking' y HISTIDINE            ? 'C6 H10 N3 O2 1'      156.162 
HOH non-polymer         . WATER                ? 'H2 O'                18.015  
ILE 'L-peptide linking' y ISOLEUCINE           ? 'C6 H13 N O2'         131.173 
LEU 'L-peptide linking' y LEUCINE              ? 'C6 H13 N O2'         131.173 
LYS 'L-peptide linking' y LYSINE               ? 'C6 H15 N2 O2 1'      147.195 
MET 'L-peptide linking' y METHIONINE           ? 'C5 H11 N O2 S'       149.211 
PHE 'L-peptide linking' y PHENYLALANINE        ? 'C9 H11 N O2'         165.189 
PRO 'L-peptide linking' y PROLINE              ? 'C5 H9 N O2'          115.130 
SER 'L-peptide linking' y SERINE               ? 'C3 H7 N O3'          105.093 
THR 'L-peptide linking' y THREONINE            ? 'C4 H9 N O3'          119.119 
TRP 'L-peptide linking' y TRYPTOPHAN           ? 'C11 H12 N2 O2'       204.225 
TYR 'L-peptide linking' y TYROSINE             ? 'C9 H11 N O3'         181.189 
VAL 'L-peptide linking' y VALINE               ? 'C5 H11 N O2'         117.146 
ZN  non-polymer         . 'ZINC ION'           ? 'Zn 2'                65.409  
# 
loop_
_pdbx_poly_seq_scheme.asym_id 
_pdbx_poly_seq_scheme.entity_id 
_pdbx_poly_seq_scheme.seq_id 
_pdbx_poly_seq_scheme.mon_id 
_pdbx_poly_seq_scheme.ndb_seq_num 
_pdbx_poly_seq_scheme.pdb_seq_num 
_pdbx_poly_seq_scheme.auth_seq_num 
_pdbx_poly_seq_scheme.pdb_mon_id 
_pdbx_poly_seq_scheme.auth_mon_id 
_pdbx_poly_seq_scheme.pdb_strand_id 
_pdbx_poly_seq_scheme.pdb_ins_code 
_pdbx_poly_seq_scheme.hetero 
A 1 1   LYS 1   599 ?   ?   ?   A . n 
A 1 2   THR 2   600 ?   ?   ?   A . n 
A 1 3   ASP 3   601 ?   ?   ?   A . n 
A 1 4   GLU 4   602 ?   ?   ?   A . n 
A 1 5   LYS 5   603 ?   ?   ?   A . n 
A 1 6   GLN 6   604 ?   ?   ?   A . n 
A 1 7   LEU 7   605 ?   ?   ?   A . n 
A 1 8   ILE 8   606 ?   ?   ?   A . n 
A 1 9   ILE 9   607 ?   ?   ?   A . n 
A 1 10  ASP 10  608 ?   ?   ?   A . n 
A 1 11  ALA 11  609 ?   ?   ?   A . n 
A 1 12  GLY 12  610 ?   ?   ?   A . n 
A 1 13  GLN 13  611 ?   ?   ?   A . n 
A 1 14  LYS 14  612 ?   ?   ?   A . n 
A 1 15  ARG 15  613 ?   ?   ?   A . n 
A 1 16  PHE 16  614 614 PHE PHE A . n 
A 1 17  GLY 17  615 615 GLY GLY A . n 
A 1 18  ALA 18  616 616 ALA ALA A . n 
A 1 19  VAL 19  617 617 VAL VAL A . n 
A 1 20  SER 20  618 618 SER SER A . n 
A 1 21  CYS 21  619 619 CYS CYS A . n 
A 1 22  ASN 22  620 620 ASN ASN A . n 
A 1 23  VAL 23  621 621 VAL VAL A . n 
A 1 24  CYS 24  622 622 CYS CYS A . n 
A 1 25  GLY 25  623 623 GLY GLY A . n 
A 1 26  MET 26  624 624 MET MET A . n 
A 1 27  LEU 27  625 625 LEU LEU A . n 
A 1 28  TYR 28  626 626 TYR TYR A . n 
A 1 29  THR 29  627 627 THR THR A . n 
A 1 30  ALA 30  628 ?   ?   ?   A . n 
A 1 31  SER 31  629 ?   ?   ?   A . n 
A 1 32  ASN 32  630 ?   ?   ?   A . n 
A 1 33  PRO 33  631 631 PRO PRO A . n 
A 1 34  GLU 34  632 632 GLU GLU A . n 
A 1 35  ASP 35  633 633 ASP ASP A . n 
A 1 36  GLU 36  634 634 GLU GLU A . n 
A 1 37  THR 37  635 635 THR THR A . n 
A 1 38  GLN 38  636 636 GLN GLN A . n 
A 1 39  HIS 39  637 637 HIS HIS A . n 
A 1 40  LEU 40  638 638 LEU LEU A . n 
A 1 41  LEU 41  639 639 LEU LEU A . n 
A 1 42  PHE 42  640 640 PHE PHE A . n 
A 1 43  HIS 43  641 641 HIS HIS A . n 
A 1 44  ASN 44  642 642 ASN ASN A . n 
A 1 45  GLN 45  643 643 GLN GLN A . n 
A 1 46  PHE 46  644 644 PHE PHE A . n 
A 1 47  ILE 47  645 645 ILE ILE A . n 
A 1 48  SER 48  646 646 SER SER A . n 
A 1 49  ALA 49  647 647 ALA ALA A . n 
A 1 50  VAL 50  648 648 VAL VAL A . n 
A 1 51  LYS 51  649 649 LYS LYS A . n 
A 1 52  TYR 52  650 650 TYR TYR A . n 
A 1 53  VAL 53  651 651 VAL VAL A . n 
A 1 54  GLY 54  652 652 GLY GLY A . n 
A 1 55  TRP 55  653 653 TRP TRP A . n 
A 1 56  LYS 56  654 654 LYS LYS A . n 
A 1 57  LYS 57  655 655 LYS LYS A . n 
A 1 58  GLU 58  656 656 GLU GLU A . n 
A 1 59  ARG 59  657 657 ARG ARG A . n 
A 1 60  ILE 60  658 658 ILE ILE A . n 
A 1 61  LEU 61  659 659 LEU LEU A . n 
A 1 62  ALA 62  660 660 ALA ALA A . n 
A 1 63  GLU 63  661 661 GLU GLU A . n 
A 1 64  TYR 64  662 662 TYR TYR A . n 
A 1 65  PRO 65  663 663 PRO PRO A . n 
A 1 66  ASP 66  664 664 ASP ASP A . n 
A 1 67  GLY 67  665 665 GLY GLY A . n 
A 1 68  ARG 68  666 666 ARG ARG A . n 
A 1 69  ILE 69  667 667 ILE ILE A . n 
A 1 70  ILE 70  668 668 ILE ILE A . n 
A 1 71  MET 71  669 669 MET MET A . n 
A 1 72  VAL 72  670 670 VAL VAL A . n 
A 1 73  LEU 73  671 671 LEU LEU A . n 
A 1 74  PRO 74  672 672 PRO PRO A . n 
A 1 75  GLU 75  673 673 GLU GLU A . n 
A 1 76  ASP 76  674 674 ASP ASP A . n 
A 1 77  PRO 77  675 675 PRO PRO A . n 
A 1 78  LYS 78  676 676 LYS LYS A . n 
A 1 79  TYR 79  677 677 TYR TYR A . n 
A 1 80  ALA 80  678 678 ALA ALA A . n 
A 1 81  LEU 81  679 679 LEU LEU A . n 
A 1 82  LYS 82  680 680 LYS LYS A . n 
A 1 83  LYS 83  681 681 LYS LYS A . n 
A 1 84  VAL 84  682 682 VAL VAL A . n 
A 1 85  ASP 85  683 683 ASP ASP A . n 
A 1 86  GLU 86  684 684 GLU GLU A . n 
A 1 87  ILE 87  685 685 ILE ILE A . n 
A 1 88  ARG 88  686 686 ARG ARG A . n 
A 1 89  GLU 89  687 687 GLU GLU A . n 
A 1 90  MET 90  688 688 MET MET A . n 
A 1 91  VAL 91  689 689 VAL VAL A . n 
A 1 92  ASP 92  690 690 ASP ASP A . n 
A 1 93  ASN 93  691 691 ASN ASN A . n 
A 1 94  ASP 94  692 692 ASP ASP A . n 
A 1 95  LEU 95  693 693 LEU LEU A . n 
A 1 96  GLY 96  694 694 GLY GLY A . n 
A 1 97  PHE 97  695 ?   ?   ?   A . n 
A 1 98  GLN 98  696 ?   ?   ?   A . n 
A 1 99  GLN 99  697 ?   ?   ?   A . n 
A 1 100 ALA 100 698 ?   ?   ?   A . n 
A 1 101 PRO 101 699 ?   ?   ?   A . n 
A 1 102 LEU 102 700 ?   ?   ?   A . n 
A 1 103 MET 103 701 701 MET MET A . n 
A 1 104 CYS 104 702 702 CYS CYS A . n 
A 1 105 TYR 105 703 703 TYR TYR A . n 
A 1 106 SER 106 704 704 SER SER A . n 
A 1 107 ARG 107 705 705 ARG ARG A . n 
A 1 108 THR 108 706 706 THR THR A . n 
A 1 109 LYS 109 707 707 LYS LYS A . n 
A 1 110 THR 110 708 708 THR THR A . n 
A 1 111 LEU 111 709 709 LEU LEU A . n 
A 1 112 LEU 112 710 710 LEU LEU A . n 
A 1 113 PHE 113 711 711 PHE PHE A . n 
A 1 114 ILE 114 712 712 ILE ILE A . n 
A 1 115 SER 115 713 713 SER SER A . n 
A 1 116 ASN 116 714 714 ASN ASN A . n 
A 1 117 ASP 117 715 715 ASP ASP A . n 
A 1 118 LYS 118 716 716 LYS LYS A . n 
A 1 119 LYS 119 717 717 LYS LYS A . n 
A 1 120 VAL 120 718 718 VAL VAL A . n 
A 1 121 VAL 121 719 719 VAL VAL A . n 
A 1 122 GLY 122 720 720 GLY GLY A . n 
A 1 123 CYS 123 721 721 CYS CYS A . n 
A 1 124 LEU 124 722 722 LEU LEU A . n 
A 1 125 ILE 125 723 723 ILE ILE A . n 
A 1 126 ALA 126 724 724 ALA ALA A . n 
A 1 127 GLU 127 725 725 GLU GLU A . n 
A 1 128 HIS 128 726 726 HIS HIS A . n 
A 1 129 ILE 129 727 727 ILE ILE A . n 
A 1 130 GLN 130 728 728 GLN GLN A . n 
A 1 131 TRP 131 729 729 TRP TRP A . n 
A 1 132 GLY 132 730 730 GLY GLY A . n 
A 1 133 TYR 133 731 731 TYR TYR A . n 
A 1 134 ARG 134 732 732 ARG ARG A . n 
A 1 135 VAL 135 733 733 VAL VAL A . n 
A 1 136 ILE 136 734 734 ILE ILE A . n 
A 1 137 GLU 137 735 735 GLU GLU A . n 
A 1 138 GLU 138 736 736 GLU GLU A . n 
A 1 139 LYS 139 737 737 LYS LYS A . n 
A 1 140 LEU 140 738 738 LEU LEU A . n 
A 1 141 PRO 141 739 739 PRO PRO A . n 
A 1 142 VAL 142 740 ?   ?   ?   A . n 
A 1 143 ILE 143 741 ?   ?   ?   A . n 
A 1 144 ARG 144 742 ?   ?   ?   A . n 
A 1 145 SER 145 743 ?   ?   ?   A . n 
A 1 146 GLU 146 744 ?   ?   ?   A . n 
A 1 147 GLU 147 745 ?   ?   ?   A . n 
A 1 148 GLU 148 746 ?   ?   ?   A . n 
A 1 149 LYS 149 747 ?   ?   ?   A . n 
A 1 150 VAL 150 748 ?   ?   ?   A . n 
A 1 151 ARG 151 749 ?   ?   ?   A . n 
A 1 152 PHE 152 750 ?   ?   ?   A . n 
A 1 153 GLU 153 751 ?   ?   ?   A . n 
A 1 154 ARG 154 752 ?   ?   ?   A . n 
A 1 155 GLN 155 753 ?   ?   ?   A . n 
A 1 156 LYS 156 754 ?   ?   ?   A . n 
A 1 157 ALA 157 755 755 ALA ALA A . n 
A 1 158 TRP 158 756 756 TRP TRP A . n 
A 1 159 CYS 159 757 757 CYS CYS A . n 
A 1 160 CYS 160 758 758 CYS CYS A . n 
A 1 161 SER 161 759 759 SER SER A . n 
A 1 162 THR 162 760 760 THR THR A . n 
A 1 163 LEU 163 761 761 LEU LEU A . n 
A 1 164 PRO 164 762 762 PRO PRO A . n 
A 1 165 GLU 165 763 763 GLU GLU A . n 
A 1 166 PRO 166 764 764 PRO PRO A . n 
A 1 167 ALA 167 765 765 ALA ALA A . n 
A 1 168 ILE 168 766 766 ILE ILE A . n 
A 1 169 CYS 169 767 767 CYS CYS A . n 
A 1 170 GLY 170 768 768 GLY GLY A . n 
A 1 171 ILE 171 769 769 ILE ILE A . n 
A 1 172 SER 172 770 770 SER SER A . n 
A 1 173 ARG 173 771 771 ARG ARG A . n 
A 1 174 ILE 174 772 772 ILE ILE A . n 
A 1 175 TRP 175 773 773 TRP TRP A . n 
A 1 176 VAL 176 774 774 VAL VAL A . n 
A 1 177 PHE 177 775 775 PHE PHE A . n 
A 1 178 SER 178 776 776 SER SER A . n 
A 1 179 MET 179 777 777 MET MET A . n 
A 1 180 MET 180 778 778 MET MET A . n 
A 1 181 ARG 181 779 779 ARG ARG A . n 
A 1 182 ARG 182 780 780 ARG ARG A . n 
A 1 183 LYS 183 781 781 LYS LYS A . n 
A 1 184 LYS 184 782 782 LYS LYS A . n 
A 1 185 ILE 185 783 783 ILE ILE A . n 
A 1 186 ALA 186 784 784 ALA ALA A . n 
A 1 187 SER 187 785 785 SER SER A . n 
A 1 188 ARG 188 786 786 ARG ARG A . n 
A 1 189 MET 189 787 787 MET MET A . n 
A 1 190 ILE 190 788 788 ILE ILE A . n 
A 1 191 GLU 191 789 789 GLU GLU A . n 
A 1 192 CYS 192 790 790 CYS CYS A . n 
A 1 193 LEU 193 791 791 LEU LEU A . n 
A 1 194 ARG 194 792 792 ARG ARG A . n 
A 1 195 SER 195 793 793 SER SER A . n 
A 1 196 ASN 196 794 794 ASN ASN A . n 
A 1 197 PHE 197 795 795 PHE PHE A . n 
A 1 198 ILE 198 796 796 ILE ILE A . n 
A 1 199 TYR 199 797 797 TYR TYR A . n 
A 1 200 GLY 200 798 798 GLY GLY A . n 
A 1 201 SER 201 799 799 SER SER A . n 
A 1 202 TYR 202 800 800 TYR TYR A . n 
A 1 203 LEU 203 801 801 LEU LEU A . n 
A 1 204 SER 204 802 802 SER SER A . n 
A 1 205 LYS 205 803 803 LYS LYS A . n 
A 1 206 GLU 206 804 804 GLU GLU A . n 
A 1 207 GLU 207 805 805 GLU GLU A . n 
A 1 208 ILE 208 806 806 ILE ILE A . n 
A 1 209 ALA 209 807 807 ALA ALA A . n 
A 1 210 PHE 210 808 808 PHE PHE A . n 
A 1 211 SER 211 809 809 SER SER A . n 
A 1 212 ASP 212 810 810 ASP ASP A . n 
A 1 213 PRO 213 811 811 PRO PRO A . n 
A 1 214 THR 214 812 812 THR THR A . n 
A 1 215 PRO 215 813 813 PRO PRO A . n 
A 1 216 ASP 216 814 814 ASP ASP A . n 
A 1 217 GLY 217 815 815 GLY GLY A . n 
A 1 218 LYS 218 816 816 LYS LYS A . n 
A 1 219 LEU 219 817 817 LEU LEU A . n 
A 1 220 PHE 220 818 818 PHE PHE A . n 
A 1 221 ALA 221 819 819 ALA ALA A . n 
A 1 222 THR 222 820 820 THR THR A . n 
A 1 223 GLN 223 821 821 GLN GLN A . n 
A 1 224 TYR 224 822 822 TYR TYR A . n 
A 1 225 CYS 225 823 823 CYS CYS A . n 
A 1 226 GLY 226 824 824 GLY GLY A . n 
A 1 227 THR 227 825 ?   ?   ?   A . n 
# 
loop_
_pdbx_nonpoly_scheme.asym_id 
_pdbx_nonpoly_scheme.entity_id 
_pdbx_nonpoly_scheme.mon_id 
_pdbx_nonpoly_scheme.ndb_seq_num 
_pdbx_nonpoly_scheme.pdb_seq_num 
_pdbx_nonpoly_scheme.auth_seq_num 
_pdbx_nonpoly_scheme.pdb_mon_id 
_pdbx_nonpoly_scheme.auth_mon_id 
_pdbx_nonpoly_scheme.pdb_strand_id 
_pdbx_nonpoly_scheme.pdb_ins_code 
B 2 ACO 1  901  1  ACO ACO A . 
C 3 ZN  1  902  1  ZN  ZN  A . 
D 4 HOH 1  1001 3  HOH HOH A . 
D 4 HOH 2  1002 4  HOH HOH A . 
D 4 HOH 3  1003 1  HOH HOH A . 
D 4 HOH 4  1004 6  HOH HOH A . 
D 4 HOH 5  1005 8  HOH HOH A . 
D 4 HOH 6  1006 5  HOH HOH A . 
D 4 HOH 7  1007 2  HOH HOH A . 
D 4 HOH 8  1008 15 HOH HOH A . 
D 4 HOH 9  1009 7  HOH HOH A . 
D 4 HOH 10 1010 12 HOH HOH A . 
D 4 HOH 11 1011 13 HOH HOH A . 
D 4 HOH 12 1012 11 HOH HOH A . 
D 4 HOH 13 1013 14 HOH HOH A . 
D 4 HOH 14 1014 10 HOH HOH A . 
# 
loop_
_pdbx_unobs_or_zero_occ_atoms.id 
_pdbx_unobs_or_zero_occ_atoms.PDB_model_num 
_pdbx_unobs_or_zero_occ_atoms.polymer_flag 
_pdbx_unobs_or_zero_occ_atoms.occupancy_flag 
_pdbx_unobs_or_zero_occ_atoms.auth_asym_id 
_pdbx_unobs_or_zero_occ_atoms.auth_comp_id 
_pdbx_unobs_or_zero_occ_atoms.auth_seq_id 
_pdbx_unobs_or_zero_occ_atoms.PDB_ins_code 
_pdbx_unobs_or_zero_occ_atoms.auth_atom_id 
_pdbx_unobs_or_zero_occ_atoms.label_alt_id 
_pdbx_unobs_or_zero_occ_atoms.label_asym_id 
_pdbx_unobs_or_zero_occ_atoms.label_comp_id 
_pdbx_unobs_or_zero_occ_atoms.label_seq_id 
_pdbx_unobs_or_zero_occ_atoms.label_atom_id 
1   1 Y 1 A PHE 614 ? CG  ? A PHE 16  CG  
2   1 Y 1 A PHE 614 ? CD1 ? A PHE 16  CD1 
3   1 Y 1 A PHE 614 ? CD2 ? A PHE 16  CD2 
4   1 Y 1 A PHE 614 ? CE1 ? A PHE 16  CE1 
5   1 Y 1 A PHE 614 ? CE2 ? A PHE 16  CE2 
6   1 Y 1 A PHE 614 ? CZ  ? A PHE 16  CZ  
7   1 Y 1 A GLU 632 ? CG  ? A GLU 34  CG  
8   1 Y 1 A GLU 632 ? CD  ? A GLU 34  CD  
9   1 Y 1 A GLU 632 ? OE1 ? A GLU 34  OE1 
10  1 Y 1 A GLU 632 ? OE2 ? A GLU 34  OE2 
11  1 Y 1 A ASP 633 ? CG  ? A ASP 35  CG  
12  1 Y 1 A ASP 633 ? OD1 ? A ASP 35  OD1 
13  1 Y 1 A ASP 633 ? OD2 ? A ASP 35  OD2 
14  1 Y 1 A GLN 636 ? CG  ? A GLN 38  CG  
15  1 Y 1 A GLN 636 ? CD  ? A GLN 38  CD  
16  1 Y 1 A GLN 636 ? OE1 ? A GLN 38  OE1 
17  1 Y 1 A GLN 636 ? NE2 ? A GLN 38  NE2 
18  1 Y 1 A ASN 642 ? CG  ? A ASN 44  CG  
19  1 Y 1 A ASN 642 ? OD1 ? A ASN 44  OD1 
20  1 Y 1 A ASN 642 ? ND2 ? A ASN 44  ND2 
21  1 Y 1 A LYS 649 ? CG  ? A LYS 51  CG  
22  1 Y 1 A LYS 649 ? CD  ? A LYS 51  CD  
23  1 Y 1 A LYS 649 ? CE  ? A LYS 51  CE  
24  1 Y 1 A LYS 649 ? NZ  ? A LYS 51  NZ  
25  1 Y 1 A LYS 654 ? CG  ? A LYS 56  CG  
26  1 Y 1 A LYS 654 ? CD  ? A LYS 56  CD  
27  1 Y 1 A LYS 654 ? CE  ? A LYS 56  CE  
28  1 Y 1 A LYS 654 ? NZ  ? A LYS 56  NZ  
29  1 Y 1 A LYS 655 ? CG  ? A LYS 57  CG  
30  1 Y 1 A LYS 655 ? CD  ? A LYS 57  CD  
31  1 Y 1 A LYS 655 ? CE  ? A LYS 57  CE  
32  1 Y 1 A LYS 655 ? NZ  ? A LYS 57  NZ  
33  1 Y 1 A GLU 673 ? CG  ? A GLU 75  CG  
34  1 Y 1 A GLU 673 ? CD  ? A GLU 75  CD  
35  1 Y 1 A GLU 673 ? OE1 ? A GLU 75  OE1 
36  1 Y 1 A GLU 673 ? OE2 ? A GLU 75  OE2 
37  1 Y 1 A LYS 676 ? CG  ? A LYS 78  CG  
38  1 Y 1 A LYS 676 ? CD  ? A LYS 78  CD  
39  1 Y 1 A LYS 676 ? CE  ? A LYS 78  CE  
40  1 Y 1 A LYS 676 ? NZ  ? A LYS 78  NZ  
41  1 Y 1 A LYS 680 ? CG  ? A LYS 82  CG  
42  1 Y 1 A LYS 680 ? CD  ? A LYS 82  CD  
43  1 Y 1 A LYS 680 ? CE  ? A LYS 82  CE  
44  1 Y 1 A LYS 680 ? NZ  ? A LYS 82  NZ  
45  1 Y 1 A ARG 686 ? NE  ? A ARG 88  NE  
46  1 Y 1 A ARG 686 ? CZ  ? A ARG 88  CZ  
47  1 Y 1 A ARG 686 ? NH1 ? A ARG 88  NH1 
48  1 Y 1 A ARG 686 ? NH2 ? A ARG 88  NH2 
49  1 Y 1 A GLU 687 ? CG  ? A GLU 89  CG  
50  1 Y 1 A GLU 687 ? CD  ? A GLU 89  CD  
51  1 Y 1 A GLU 687 ? OE1 ? A GLU 89  OE1 
52  1 Y 1 A GLU 687 ? OE2 ? A GLU 89  OE2 
53  1 Y 1 A MET 701 ? CG  ? A MET 103 CG  
54  1 Y 1 A MET 701 ? SD  ? A MET 103 SD  
55  1 Y 1 A MET 701 ? CE  ? A MET 103 CE  
56  1 Y 1 A TYR 703 ? CG  ? A TYR 105 CG  
57  1 Y 1 A TYR 703 ? CD1 ? A TYR 105 CD1 
58  1 Y 1 A TYR 703 ? CD2 ? A TYR 105 CD2 
59  1 Y 1 A TYR 703 ? CE1 ? A TYR 105 CE1 
60  1 Y 1 A TYR 703 ? CE2 ? A TYR 105 CE2 
61  1 Y 1 A TYR 703 ? CZ  ? A TYR 105 CZ  
62  1 Y 1 A TYR 703 ? OH  ? A TYR 105 OH  
63  1 Y 1 A LYS 716 ? CG  ? A LYS 118 CG  
64  1 Y 1 A LYS 716 ? CD  ? A LYS 118 CD  
65  1 Y 1 A LYS 716 ? CE  ? A LYS 118 CE  
66  1 Y 1 A LYS 716 ? NZ  ? A LYS 118 NZ  
67  1 Y 1 A LYS 717 ? CG  ? A LYS 119 CG  
68  1 Y 1 A LYS 717 ? CD  ? A LYS 119 CD  
69  1 Y 1 A LYS 717 ? CE  ? A LYS 119 CE  
70  1 Y 1 A LYS 717 ? NZ  ? A LYS 119 NZ  
71  1 Y 1 A GLN 728 ? CG  ? A GLN 130 CG  
72  1 Y 1 A GLN 728 ? CD  ? A GLN 130 CD  
73  1 Y 1 A GLN 728 ? OE1 ? A GLN 130 OE1 
74  1 Y 1 A GLN 728 ? NE2 ? A GLN 130 NE2 
75  1 Y 1 A TRP 729 ? CG  ? A TRP 131 CG  
76  1 Y 1 A TRP 729 ? CD1 ? A TRP 131 CD1 
77  1 Y 1 A TRP 729 ? CD2 ? A TRP 131 CD2 
78  1 Y 1 A TRP 729 ? NE1 ? A TRP 131 NE1 
79  1 Y 1 A TRP 729 ? CE2 ? A TRP 131 CE2 
80  1 Y 1 A TRP 729 ? CE3 ? A TRP 131 CE3 
81  1 Y 1 A TRP 729 ? CZ2 ? A TRP 131 CZ2 
82  1 Y 1 A TRP 729 ? CZ3 ? A TRP 131 CZ3 
83  1 Y 1 A TRP 729 ? CH2 ? A TRP 131 CH2 
84  1 Y 1 A ARG 732 ? NE  ? A ARG 134 NE  
85  1 Y 1 A ARG 732 ? CZ  ? A ARG 134 CZ  
86  1 Y 1 A ARG 732 ? NH1 ? A ARG 134 NH1 
87  1 Y 1 A ARG 732 ? NH2 ? A ARG 134 NH2 
88  1 Y 1 A GLU 735 ? CD  ? A GLU 137 CD  
89  1 Y 1 A GLU 735 ? OE1 ? A GLU 137 OE1 
90  1 Y 1 A GLU 735 ? OE2 ? A GLU 137 OE2 
91  1 Y 1 A LYS 737 ? CG  ? A LYS 139 CG  
92  1 Y 1 A LYS 737 ? CD  ? A LYS 139 CD  
93  1 Y 1 A LYS 737 ? CE  ? A LYS 139 CE  
94  1 Y 1 A LYS 737 ? NZ  ? A LYS 139 NZ  
95  1 Y 1 A LEU 738 ? CG  ? A LEU 140 CG  
96  1 Y 1 A LEU 738 ? CD1 ? A LEU 140 CD1 
97  1 Y 1 A LEU 738 ? CD2 ? A LEU 140 CD2 
98  1 Y 1 A ARG 771 ? CG  ? A ARG 173 CG  
99  1 Y 1 A ARG 771 ? CD  ? A ARG 173 CD  
100 1 Y 1 A ARG 771 ? NE  ? A ARG 173 NE  
101 1 Y 1 A ARG 771 ? CZ  ? A ARG 173 CZ  
102 1 Y 1 A ARG 771 ? NH1 ? A ARG 173 NH1 
103 1 Y 1 A ARG 771 ? NH2 ? A ARG 173 NH2 
104 1 Y 1 A MET 777 ? CG  ? A MET 179 CG  
105 1 Y 1 A MET 777 ? SD  ? A MET 179 SD  
106 1 Y 1 A MET 777 ? CE  ? A MET 179 CE  
107 1 Y 1 A LYS 781 ? CD  ? A LYS 183 CD  
108 1 Y 1 A LYS 781 ? CE  ? A LYS 183 CE  
109 1 Y 1 A LYS 781 ? NZ  ? A LYS 183 NZ  
110 1 Y 1 A LYS 782 ? CG  ? A LYS 184 CG  
111 1 Y 1 A LYS 782 ? CD  ? A LYS 184 CD  
112 1 Y 1 A LYS 782 ? CE  ? A LYS 184 CE  
113 1 Y 1 A LYS 782 ? NZ  ? A LYS 184 NZ  
114 1 Y 1 A SER 793 ? OG  ? A SER 195 OG  
115 1 Y 1 A TYR 797 ? CG  ? A TYR 199 CG  
116 1 Y 1 A TYR 797 ? CD1 ? A TYR 199 CD1 
117 1 Y 1 A TYR 797 ? CD2 ? A TYR 199 CD2 
118 1 Y 1 A TYR 797 ? CE1 ? A TYR 199 CE1 
119 1 Y 1 A TYR 797 ? CE2 ? A TYR 199 CE2 
120 1 Y 1 A TYR 797 ? CZ  ? A TYR 199 CZ  
121 1 Y 1 A TYR 797 ? OH  ? A TYR 199 OH  
122 1 Y 1 A LYS 803 ? CG  ? A LYS 205 CG  
123 1 Y 1 A LYS 803 ? CD  ? A LYS 205 CD  
124 1 Y 1 A LYS 803 ? CE  ? A LYS 205 CE  
125 1 Y 1 A LYS 803 ? NZ  ? A LYS 205 NZ  
126 1 Y 1 A GLU 804 ? CG  ? A GLU 206 CG  
127 1 Y 1 A GLU 804 ? CD  ? A GLU 206 CD  
128 1 Y 1 A GLU 804 ? OE1 ? A GLU 206 OE1 
129 1 Y 1 A GLU 804 ? OE2 ? A GLU 206 OE2 
130 1 Y 1 A LYS 816 ? CD  ? A LYS 218 CD  
131 1 Y 1 A LYS 816 ? CE  ? A LYS 218 CE  
132 1 Y 1 A LYS 816 ? NZ  ? A LYS 218 NZ  
133 1 Y 1 A LEU 817 ? CG  ? A LEU 219 CG  
134 1 Y 1 A LEU 817 ? CD1 ? A LEU 219 CD1 
135 1 Y 1 A LEU 817 ? CD2 ? A LEU 219 CD2 
# 
loop_
_software.citation_id 
_software.classification 
_software.compiler_name 
_software.compiler_version 
_software.contact_author 
_software.contact_author_email 
_software.date 
_software.description 
_software.dependencies 
_software.hardware 
_software.language 
_software.location 
_software.mods 
_software.name 
_software.os 
_software.os_version 
_software.type 
_software.version 
_software.pdbx_ordinal 
? refinement       ? ? ? ? ? ? ? ? ? ? ? PHENIX    ? ? ? '(1.10.1_2155: ???)' 1 
? 'data reduction' ? ? ? ? ? ? ? ? ? ? ? HKL-2000  ? ? ? .                    2 
? 'data scaling'   ? ? ? ? ? ? ? ? ? ? ? SCALEPACK ? ? ? .                    3 
? phasing          ? ? ? ? ? ? ? ? ? ? ? PHENIX    ? ? ? .                    4 
# 
_cell.entry_id           5T53 
_cell.length_a           115.556 
_cell.length_b           115.556 
_cell.length_c           61.152 
_cell.angle_alpha        90.00 
_cell.angle_beta         90.00 
_cell.angle_gamma        90.00 
_cell.Z_PDB              8 
_cell.pdbx_unique_axis   ? 
# 
_symmetry.entry_id                         5T53 
_symmetry.space_group_name_H-M             'I 41' 
_symmetry.pdbx_full_space_group_name_H-M   ? 
_symmetry.cell_setting                     ? 
_symmetry.Int_Tables_number                80 
# 
_exptl.absorpt_coefficient_mu     ? 
_exptl.absorpt_correction_T_max   ? 
_exptl.absorpt_correction_T_min   ? 
_exptl.absorpt_correction_type    ? 
_exptl.absorpt_process_details    ? 
_exptl.entry_id                   5T53 
_exptl.crystals_number            1 
_exptl.details                    ? 
_exptl.method                     'X-RAY DIFFRACTION' 
_exptl.method_details             ? 
# 
_exptl_crystal.colour                      ? 
_exptl_crystal.density_diffrn              ? 
_exptl_crystal.density_Matthews            3.89 
_exptl_crystal.density_method              ? 
_exptl_crystal.density_percent_sol         68.37 
_exptl_crystal.description                 ? 
_exptl_crystal.F_000                       ? 
_exptl_crystal.id                          1 
_exptl_crystal.preparation                 ? 
_exptl_crystal.size_max                    ? 
_exptl_crystal.size_mid                    ? 
_exptl_crystal.size_min                    ? 
_exptl_crystal.size_rad                    ? 
_exptl_crystal.colour_lustre               ? 
_exptl_crystal.colour_modifier             ? 
_exptl_crystal.colour_primary              ? 
_exptl_crystal.density_meas                ? 
_exptl_crystal.density_meas_esd            ? 
_exptl_crystal.density_meas_gt             ? 
_exptl_crystal.density_meas_lt             ? 
_exptl_crystal.density_meas_temp           ? 
_exptl_crystal.density_meas_temp_esd       ? 
_exptl_crystal.density_meas_temp_gt        ? 
_exptl_crystal.density_meas_temp_lt        ? 
_exptl_crystal.pdbx_crystal_image_url      ? 
_exptl_crystal.pdbx_crystal_image_format   ? 
_exptl_crystal.pdbx_mosaicity              ? 
_exptl_crystal.pdbx_mosaicity_esd          ? 
# 
_exptl_crystal_grow.apparatus       ? 
_exptl_crystal_grow.atmosphere      ? 
_exptl_crystal_grow.crystal_id      1 
_exptl_crystal_grow.details         ? 
_exptl_crystal_grow.method          'VAPOR DIFFUSION, HANGING DROP' 
_exptl_crystal_grow.method_ref      ? 
_exptl_crystal_grow.pH              7.5 
_exptl_crystal_grow.pressure        ? 
_exptl_crystal_grow.pressure_esd    ? 
_exptl_crystal_grow.seeding         ? 
_exptl_crystal_grow.seeding_ref     ? 
_exptl_crystal_grow.temp            298.15 
_exptl_crystal_grow.temp_details    ? 
_exptl_crystal_grow.temp_esd        ? 
_exptl_crystal_grow.time            ? 
_exptl_crystal_grow.pdbx_details    '8% PEG 8000, 0.1M HEPES, pH 7.5 and 10 % ethylene glycol' 
_exptl_crystal_grow.pdbx_pH_range   ? 
# 
_diffrn.ambient_environment    ? 
_diffrn.ambient_temp           100 
_diffrn.ambient_temp_details   ? 
_diffrn.ambient_temp_esd       ? 
_diffrn.crystal_id             1 
_diffrn.crystal_support        ? 
_diffrn.crystal_treatment      ? 
_diffrn.details                ? 
_diffrn.id                     1 
_diffrn.ambient_pressure       ? 
_diffrn.ambient_pressure_esd   ? 
_diffrn.ambient_pressure_gt    ? 
_diffrn.ambient_pressure_lt    ? 
_diffrn.ambient_temp_gt        ? 
_diffrn.ambient_temp_lt        ? 
# 
_diffrn_detector.details                      ? 
_diffrn_detector.detector                     PIXEL 
_diffrn_detector.diffrn_id                    1 
_diffrn_detector.type                         'DECTRIS PILATUS 6M' 
_diffrn_detector.area_resol_mean              ? 
_diffrn_detector.dtime                        ? 
_diffrn_detector.pdbx_frames_total            ? 
_diffrn_detector.pdbx_collection_time_total   ? 
_diffrn_detector.pdbx_collection_date         2013-04-26 
# 
_diffrn_radiation.collimation                      ? 
_diffrn_radiation.diffrn_id                        1 
_diffrn_radiation.filter_edge                      ? 
_diffrn_radiation.inhomogeneity                    ? 
_diffrn_radiation.monochromator                    ? 
_diffrn_radiation.polarisn_norm                    ? 
_diffrn_radiation.polarisn_ratio                   ? 
_diffrn_radiation.probe                            ? 
_diffrn_radiation.type                             ? 
_diffrn_radiation.xray_symbol                      ? 
_diffrn_radiation.wavelength_id                    1 
_diffrn_radiation.pdbx_monochromatic_or_laue_m_l   M 
_diffrn_radiation.pdbx_wavelength_list             ? 
_diffrn_radiation.pdbx_wavelength                  ? 
_diffrn_radiation.pdbx_diffrn_protocol             'SINGLE WAVELENGTH' 
_diffrn_radiation.pdbx_analyzer                    ? 
_diffrn_radiation.pdbx_scattering_type             x-ray 
# 
_diffrn_radiation_wavelength.id           1 
_diffrn_radiation_wavelength.wavelength   1.281 
_diffrn_radiation_wavelength.wt           1.0 
# 
_diffrn_source.current                     ? 
_diffrn_source.details                     ? 
_diffrn_source.diffrn_id                   1 
_diffrn_source.power                       ? 
_diffrn_source.size                        ? 
_diffrn_source.source                      SYNCHROTRON 
_diffrn_source.target                      ? 
_diffrn_source.type                        'NSLS BEAMLINE X25' 
_diffrn_source.voltage                     ? 
_diffrn_source.take-off_angle              ? 
_diffrn_source.pdbx_wavelength_list        1.281 
_diffrn_source.pdbx_wavelength             ? 
_diffrn_source.pdbx_synchrotron_beamline   X25 
_diffrn_source.pdbx_synchrotron_site       NSLS 
# 
_reflns.B_iso_Wilson_estimate            ? 
_reflns.entry_id                         5T53 
_reflns.data_reduction_details           ? 
_reflns.data_reduction_method            ? 
_reflns.d_resolution_high                2.70 
_reflns.d_resolution_low                 50.00 
_reflns.details                          ? 
_reflns.limit_h_max                      ? 
_reflns.limit_h_min                      ? 
_reflns.limit_k_max                      ? 
_reflns.limit_k_min                      ? 
_reflns.limit_l_max                      ? 
_reflns.limit_l_min                      ? 
_reflns.number_all                       ? 
_reflns.number_obs                       11046 
_reflns.observed_criterion               ? 
_reflns.observed_criterion_F_max         ? 
_reflns.observed_criterion_F_min         ? 
_reflns.observed_criterion_I_max         ? 
_reflns.observed_criterion_I_min         ? 
_reflns.observed_criterion_sigma_F       ? 
_reflns.observed_criterion_sigma_I       ? 
_reflns.percent_possible_obs             98.2 
_reflns.R_free_details                   ? 
_reflns.Rmerge_F_all                     ? 
_reflns.Rmerge_F_obs                     ? 
_reflns.Friedel_coverage                 ? 
_reflns.number_gt                        ? 
_reflns.threshold_expression             ? 
_reflns.pdbx_redundancy                  30.3 
_reflns.pdbx_Rmerge_I_obs                0.061 
_reflns.pdbx_Rmerge_I_all                ? 
_reflns.pdbx_Rsym_value                  ? 
_reflns.pdbx_netI_over_av_sigmaI         ? 
_reflns.pdbx_netI_over_sigmaI            73.29 
_reflns.pdbx_res_netI_over_av_sigmaI_2   ? 
_reflns.pdbx_res_netI_over_sigmaI_2      ? 
_reflns.pdbx_chi_squared                 ? 
_reflns.pdbx_scaling_rejects             ? 
_reflns.pdbx_d_res_high_opt              ? 
_reflns.pdbx_d_res_low_opt               ? 
_reflns.pdbx_d_res_opt_method            ? 
_reflns.phase_calculation_details        ? 
_reflns.pdbx_Rrim_I_all                  ? 
_reflns.pdbx_Rpim_I_all                  ? 
_reflns.pdbx_d_opt                       ? 
_reflns.pdbx_number_measured_all         ? 
_reflns.pdbx_diffrn_id                   1 
_reflns.pdbx_ordinal                     1 
_reflns.pdbx_CC_half                     ? 
_reflns.pdbx_R_split                     ? 
# 
_reflns_shell.d_res_high                  2.70 
_reflns_shell.d_res_low                   2.75 
_reflns_shell.meanI_over_sigI_all         ? 
_reflns_shell.meanI_over_sigI_obs         2.42 
_reflns_shell.number_measured_all         ? 
_reflns_shell.number_measured_obs         ? 
_reflns_shell.number_possible             ? 
_reflns_shell.number_unique_all           ? 
_reflns_shell.number_unique_obs           ? 
_reflns_shell.percent_possible_all        86.8 
_reflns_shell.percent_possible_obs        ? 
_reflns_shell.Rmerge_F_all                ? 
_reflns_shell.Rmerge_F_obs                ? 
_reflns_shell.Rmerge_I_all                ? 
_reflns_shell.Rmerge_I_obs                0.624 
_reflns_shell.meanI_over_sigI_gt          ? 
_reflns_shell.meanI_over_uI_all           ? 
_reflns_shell.meanI_over_uI_gt            ? 
_reflns_shell.number_measured_gt          ? 
_reflns_shell.number_unique_gt            ? 
_reflns_shell.percent_possible_gt         ? 
_reflns_shell.Rmerge_F_gt                 ? 
_reflns_shell.Rmerge_I_gt                 ? 
_reflns_shell.pdbx_redundancy             21.0 
_reflns_shell.pdbx_Rsym_value             ? 
_reflns_shell.pdbx_chi_squared            ? 
_reflns_shell.pdbx_netI_over_sigmaI_all   ? 
_reflns_shell.pdbx_netI_over_sigmaI_obs   ? 
_reflns_shell.pdbx_Rrim_I_all             ? 
_reflns_shell.pdbx_Rpim_I_all             ? 
_reflns_shell.pdbx_rejects                ? 
_reflns_shell.pdbx_ordinal                1 
_reflns_shell.pdbx_diffrn_id              1 
_reflns_shell.pdbx_CC_half                0.956 
_reflns_shell.pdbx_R_split                ? 
# 
_refine.pdbx_refine_id                           'X-RAY DIFFRACTION' 
_refine.entry_id                                 5T53 
_refine.pdbx_diffrn_id                           1 
_refine.pdbx_TLS_residual_ADP_flag               ? 
_refine.ls_number_reflns_obs                     11028 
_refine.ls_number_reflns_all                     ? 
_refine.pdbx_ls_sigma_I                          ? 
_refine.pdbx_ls_sigma_F                          1.38 
_refine.pdbx_data_cutoff_high_absF               ? 
_refine.pdbx_data_cutoff_low_absF                ? 
_refine.pdbx_data_cutoff_high_rms_absF           ? 
_refine.ls_d_res_low                             40.855 
_refine.ls_d_res_high                            2.699 
_refine.ls_percent_reflns_obs                    97.97 
_refine.ls_R_factor_obs                          0.2531 
_refine.ls_R_factor_all                          ? 
_refine.ls_R_factor_R_work                       0.2496 
_refine.ls_R_factor_R_free                       0.2852 
_refine.ls_R_factor_R_free_error                 ? 
_refine.ls_R_factor_R_free_error_details         ? 
_refine.ls_percent_reflns_R_free                 9.98 
_refine.ls_number_reflns_R_free                  1101 
_refine.ls_number_parameters                     ? 
_refine.ls_number_restraints                     ? 
_refine.occupancy_min                            ? 
_refine.occupancy_max                            ? 
_refine.correlation_coeff_Fo_to_Fc               ? 
_refine.correlation_coeff_Fo_to_Fc_free          ? 
_refine.B_iso_mean                               ? 
_refine.aniso_B[1][1]                            ? 
_refine.aniso_B[2][2]                            ? 
_refine.aniso_B[3][3]                            ? 
_refine.aniso_B[1][2]                            ? 
_refine.aniso_B[1][3]                            ? 
_refine.aniso_B[2][3]                            ? 
_refine.solvent_model_details                    'FLAT BULK SOLVENT MODEL' 
_refine.solvent_model_param_ksol                 ? 
_refine.solvent_model_param_bsol                 ? 
_refine.pdbx_solvent_vdw_probe_radii             1.11 
_refine.pdbx_solvent_ion_probe_radii             ? 
_refine.pdbx_solvent_shrinkage_radii             0.90 
_refine.pdbx_ls_cross_valid_method               'FREE R-VALUE' 
_refine.details                                  ? 
_refine.pdbx_starting_model                      ? 
_refine.pdbx_method_to_determine_struct          SAD 
_refine.pdbx_isotropic_thermal_model             ? 
_refine.pdbx_stereochemistry_target_values       ML 
_refine.pdbx_stereochem_target_val_spec_case     ? 
_refine.pdbx_R_Free_selection_details            ? 
_refine.pdbx_overall_ESU_R                       ? 
_refine.pdbx_overall_ESU_R_Free                  ? 
_refine.overall_SU_ML                            0.39 
_refine.pdbx_overall_phase_error                 39.68 
_refine.overall_SU_B                             ? 
_refine.overall_SU_R_Cruickshank_DPI             ? 
_refine.pdbx_overall_SU_R_free_Cruickshank_DPI   ? 
_refine.pdbx_overall_SU_R_Blow_DPI               ? 
_refine.pdbx_overall_SU_R_free_Blow_DPI          ? 
# 
_refine_hist.pdbx_refine_id                   'X-RAY DIFFRACTION' 
_refine_hist.cycle_id                         LAST 
_refine_hist.pdbx_number_atoms_protein        1370 
_refine_hist.pdbx_number_atoms_nucleic_acid   0 
_refine_hist.pdbx_number_atoms_ligand         52 
_refine_hist.number_atoms_solvent             14 
_refine_hist.number_atoms_total               1436 
_refine_hist.d_res_high                       2.699 
_refine_hist.d_res_low                        40.855 
# 
loop_
_refine_ls_restr.type 
_refine_ls_restr.dev_ideal 
_refine_ls_restr.dev_ideal_target 
_refine_ls_restr.weight 
_refine_ls_restr.number 
_refine_ls_restr.pdbx_refine_id 
_refine_ls_restr.pdbx_restraint_function 
f_bond_d           0.007  ? ? 1451 'X-RAY DIFFRACTION' ? 
f_angle_d          0.996  ? ? 1982 'X-RAY DIFFRACTION' ? 
f_dihedral_angle_d 17.706 ? ? 856  'X-RAY DIFFRACTION' ? 
f_chiral_restr     0.061  ? ? 228  'X-RAY DIFFRACTION' ? 
f_plane_restr      0.006  ? ? 244  'X-RAY DIFFRACTION' ? 
# 
loop_
_refine_ls_shell.pdbx_refine_id 
_refine_ls_shell.pdbx_total_number_of_bins_used 
_refine_ls_shell.d_res_high 
_refine_ls_shell.d_res_low 
_refine_ls_shell.number_reflns_R_work 
_refine_ls_shell.R_factor_R_work 
_refine_ls_shell.percent_reflns_obs 
_refine_ls_shell.R_factor_R_free 
_refine_ls_shell.R_factor_R_free_error 
_refine_ls_shell.percent_reflns_R_free 
_refine_ls_shell.number_reflns_R_free 
_refine_ls_shell.number_reflns_all 
_refine_ls_shell.R_factor_all 
'X-RAY DIFFRACTION' . 2.6989 2.8218  1128 0.3852 89.00  0.4335 . . 124 . . 
'X-RAY DIFFRACTION' . 2.8218 2.9705  1194 0.3059 96.00  0.4051 . . 135 . . 
'X-RAY DIFFRACTION' . 2.9705 3.1565  1240 0.3028 99.00  0.3289 . . 138 . . 
'X-RAY DIFFRACTION' . 3.1565 3.4001  1283 0.2828 100.00 0.3326 . . 138 . . 
'X-RAY DIFFRACTION' . 3.4001 3.7421  1242 0.2434 100.00 0.3551 . . 143 . . 
'X-RAY DIFFRACTION' . 3.7421 4.2831  1263 0.2328 100.00 0.2580 . . 141 . . 
'X-RAY DIFFRACTION' . 4.2831 5.3943  1264 0.2193 100.00 0.2326 . . 142 . . 
'X-RAY DIFFRACTION' . 5.3943 40.8599 1313 0.2492 100.00 0.2711 . . 140 . . 
# 
_struct.entry_id                     5T53 
_struct.title                        
'MOLECULAR BASIS FOR COHESIN ACETYLATION BY ESTABLISHMENT OF SISTER CHROMATID COHESION N-ACETYLTRANSFERASE ESCO1' 
_struct.pdbx_model_details           ? 
_struct.pdbx_formula_weight          ? 
_struct.pdbx_formula_weight_method   ? 
_struct.pdbx_model_type_details      ? 
_struct.pdbx_CASP_flag               N 
# 
_struct_keywords.entry_id        5T53 
_struct_keywords.text            'Acetyltransferase, Cohesin, ESCO1, SMC3, TRANSFERASE' 
_struct_keywords.pdbx_keywords   TRANSFERASE 
# 
loop_
_struct_asym.id 
_struct_asym.pdbx_blank_PDB_chainid_flag 
_struct_asym.pdbx_modified 
_struct_asym.entity_id 
_struct_asym.details 
A N N 1 ? 
B N N 2 ? 
C N N 3 ? 
D N N 4 ? 
# 
_struct_ref.id                         1 
_struct_ref.db_name                    UNP 
_struct_ref.db_code                    ESCO1_HUMAN 
_struct_ref.pdbx_db_accession          Q5FWF5 
_struct_ref.pdbx_db_isoform            ? 
_struct_ref.entity_id                  1 
_struct_ref.pdbx_seq_one_letter_code   
;KTDEKQLIIDAGQKRFGAVSCNVCGMLYTASNPEDETQHLLFHNQFISAVKYVGWKKERILAEYPDGRIIMVLPEDPKYA
LKKVDEIREMVDNDLGFQQAPLMCYSRTKTLLFISNDKKVVGCLIAEHIQWGYRVIEEKLPVIRSEEEKVRFERQKAWCC
STLPEPAICGISRIWVFSMMRRKKIASRMIECLRSNFIYGSYLSKEEIAFSDPTPDGKLFATQYCGT
;
_struct_ref.pdbx_align_begin           599 
# 
_struct_ref_seq.align_id                      1 
_struct_ref_seq.ref_id                        1 
_struct_ref_seq.pdbx_PDB_id_code              5T53 
_struct_ref_seq.pdbx_strand_id                A 
_struct_ref_seq.seq_align_beg                 1 
_struct_ref_seq.pdbx_seq_align_beg_ins_code   ? 
_struct_ref_seq.seq_align_end                 227 
_struct_ref_seq.pdbx_seq_align_end_ins_code   ? 
_struct_ref_seq.pdbx_db_accession             Q5FWF5 
_struct_ref_seq.db_align_beg                  599 
_struct_ref_seq.pdbx_db_align_beg_ins_code    ? 
_struct_ref_seq.db_align_end                  825 
_struct_ref_seq.pdbx_db_align_end_ins_code    ? 
_struct_ref_seq.pdbx_auth_seq_align_beg       599 
_struct_ref_seq.pdbx_auth_seq_align_end       825 
# 
loop_
_pdbx_struct_assembly.id 
_pdbx_struct_assembly.details 
_pdbx_struct_assembly.method_details 
_pdbx_struct_assembly.oligomeric_details 
_pdbx_struct_assembly.oligomeric_count 
1 author_defined_assembly   ?    monomeric 1 
2 software_defined_assembly PISA dimeric   2 
# 
loop_
_pdbx_struct_assembly_prop.biol_id 
_pdbx_struct_assembly_prop.type 
_pdbx_struct_assembly_prop.value 
_pdbx_struct_assembly_prop.details 
2 'ABSA (A^2)' 2670  ? 
2 MORE         -27   ? 
2 'SSA (A^2)'  19730 ? 
# 
loop_
_pdbx_struct_assembly_gen.assembly_id 
_pdbx_struct_assembly_gen.oper_expression 
_pdbx_struct_assembly_gen.asym_id_list 
1 1   A,B,C,D 
2 1,2 A,B,C,D 
# 
loop_
_pdbx_struct_oper_list.id 
_pdbx_struct_oper_list.type 
_pdbx_struct_oper_list.name 
_pdbx_struct_oper_list.symmetry_operation 
_pdbx_struct_oper_list.matrix[1][1] 
_pdbx_struct_oper_list.matrix[1][2] 
_pdbx_struct_oper_list.matrix[1][3] 
_pdbx_struct_oper_list.vector[1] 
_pdbx_struct_oper_list.matrix[2][1] 
_pdbx_struct_oper_list.matrix[2][2] 
_pdbx_struct_oper_list.matrix[2][3] 
_pdbx_struct_oper_list.vector[2] 
_pdbx_struct_oper_list.matrix[3][1] 
_pdbx_struct_oper_list.matrix[3][2] 
_pdbx_struct_oper_list.matrix[3][3] 
_pdbx_struct_oper_list.vector[3] 
1 'identity operation'         1_555 x,y,z   1.0000000000  0.0000000000 0.0000000000  0.0000000000   0.0000000000 1.0000000000 0.0000000000  0.0000000000  0.0000000000  0.0000000000  1.0000000000  0.0000000000   
2 'crystal symmetry operation' 6_555 -x,-y,z -0.8602703743 0.4384145511 -0.2602452006 -31.3705361002 0.4384145511 0.3755659739 -0.8165432509 -8.4869223102 -0.2602452006 -0.8165432509 -0.5152955996 -31.1405685204 
# 
loop_
_struct_conf.conf_type_id 
_struct_conf.id 
_struct_conf.pdbx_PDB_helix_id 
_struct_conf.beg_label_comp_id 
_struct_conf.beg_label_asym_id 
_struct_conf.beg_label_seq_id 
_struct_conf.pdbx_beg_PDB_ins_code 
_struct_conf.end_label_comp_id 
_struct_conf.end_label_asym_id 
_struct_conf.end_label_seq_id 
_struct_conf.pdbx_end_PDB_ins_code 
_struct_conf.beg_auth_comp_id 
_struct_conf.beg_auth_asym_id 
_struct_conf.beg_auth_seq_id 
_struct_conf.end_auth_comp_id 
_struct_conf.end_auth_asym_id 
_struct_conf.end_auth_seq_id 
_struct_conf.pdbx_PDB_helix_class 
_struct_conf.details 
_struct_conf.pdbx_PDB_helix_length 
HELX_P HELX_P1 AA1 ASP A 35  ? LYS A 51  ? ASP A 633 LYS A 649 1 ? 17 
HELX_P HELX_P2 AA2 PRO A 77  ? GLY A 96  ? PRO A 675 GLY A 694 1 ? 20 
HELX_P HELX_P3 AA3 CYS A 104 ? SER A 106 ? CYS A 702 SER A 704 5 ? 3  
HELX_P HELX_P4 AA4 SER A 178 ? ARG A 181 ? SER A 776 ARG A 779 5 ? 4  
HELX_P HELX_P5 AA5 LYS A 184 ? PHE A 197 ? LYS A 782 PHE A 795 1 ? 14 
HELX_P HELX_P6 AA6 SER A 204 ? GLU A 206 ? SER A 802 GLU A 804 5 ? 3  
HELX_P HELX_P7 AA7 THR A 214 ? THR A 222 ? THR A 812 THR A 820 1 ? 9  
# 
_struct_conf_type.id          HELX_P 
_struct_conf_type.criteria    ? 
_struct_conf_type.reference   ? 
# 
loop_
_struct_conn.id 
_struct_conn.conn_type_id 
_struct_conn.pdbx_leaving_atom_flag 
_struct_conn.pdbx_PDB_id 
_struct_conn.ptnr1_label_asym_id 
_struct_conn.ptnr1_label_comp_id 
_struct_conn.ptnr1_label_seq_id 
_struct_conn.ptnr1_label_atom_id 
_struct_conn.pdbx_ptnr1_label_alt_id 
_struct_conn.pdbx_ptnr1_PDB_ins_code 
_struct_conn.pdbx_ptnr1_standard_comp_id 
_struct_conn.ptnr1_symmetry 
_struct_conn.ptnr2_label_asym_id 
_struct_conn.ptnr2_label_comp_id 
_struct_conn.ptnr2_label_seq_id 
_struct_conn.ptnr2_label_atom_id 
_struct_conn.pdbx_ptnr2_label_alt_id 
_struct_conn.pdbx_ptnr2_PDB_ins_code 
_struct_conn.ptnr1_auth_asym_id 
_struct_conn.ptnr1_auth_comp_id 
_struct_conn.ptnr1_auth_seq_id 
_struct_conn.ptnr2_auth_asym_id 
_struct_conn.ptnr2_auth_comp_id 
_struct_conn.ptnr2_auth_seq_id 
_struct_conn.ptnr2_symmetry 
_struct_conn.pdbx_ptnr3_label_atom_id 
_struct_conn.pdbx_ptnr3_label_seq_id 
_struct_conn.pdbx_ptnr3_label_comp_id 
_struct_conn.pdbx_ptnr3_label_asym_id 
_struct_conn.pdbx_ptnr3_label_alt_id 
_struct_conn.pdbx_ptnr3_PDB_ins_code 
_struct_conn.details 
_struct_conn.pdbx_dist_value 
_struct_conn.pdbx_value_order 
_struct_conn.pdbx_role 
metalc1 metalc ? ? A CYS 21 SG  ? ? ? 1_555 C ZN . ZN ? ? A CYS 619 A ZN 902 1_555 ? ? ? ? ? ? ? 2.258 ? ? 
metalc2 metalc ? ? A HIS 39 NE2 ? ? ? 1_555 C ZN . ZN ? ? A HIS 637 A ZN 902 1_555 ? ? ? ? ? ? ? 1.852 ? ? 
metalc3 metalc ? ? A HIS 43 ND1 ? ? ? 1_555 C ZN . ZN ? ? A HIS 641 A ZN 902 1_555 ? ? ? ? ? ? ? 2.026 ? ? 
# 
_struct_conn_type.id          metalc 
_struct_conn_type.criteria    ? 
_struct_conn_type.reference   ? 
# 
loop_
_pdbx_struct_conn_angle.id 
_pdbx_struct_conn_angle.ptnr1_label_atom_id 
_pdbx_struct_conn_angle.ptnr1_label_alt_id 
_pdbx_struct_conn_angle.ptnr1_label_asym_id 
_pdbx_struct_conn_angle.ptnr1_label_comp_id 
_pdbx_struct_conn_angle.ptnr1_label_seq_id 
_pdbx_struct_conn_angle.ptnr1_auth_atom_id 
_pdbx_struct_conn_angle.ptnr1_auth_asym_id 
_pdbx_struct_conn_angle.ptnr1_auth_comp_id 
_pdbx_struct_conn_angle.ptnr1_auth_seq_id 
_pdbx_struct_conn_angle.ptnr1_PDB_ins_code 
_pdbx_struct_conn_angle.ptnr1_symmetry 
_pdbx_struct_conn_angle.ptnr2_label_atom_id 
_pdbx_struct_conn_angle.ptnr2_label_alt_id 
_pdbx_struct_conn_angle.ptnr2_label_asym_id 
_pdbx_struct_conn_angle.ptnr2_label_comp_id 
_pdbx_struct_conn_angle.ptnr2_label_seq_id 
_pdbx_struct_conn_angle.ptnr2_auth_atom_id 
_pdbx_struct_conn_angle.ptnr2_auth_asym_id 
_pdbx_struct_conn_angle.ptnr2_auth_comp_id 
_pdbx_struct_conn_angle.ptnr2_auth_seq_id 
_pdbx_struct_conn_angle.ptnr2_PDB_ins_code 
_pdbx_struct_conn_angle.ptnr2_symmetry 
_pdbx_struct_conn_angle.ptnr3_label_atom_id 
_pdbx_struct_conn_angle.ptnr3_label_alt_id 
_pdbx_struct_conn_angle.ptnr3_label_asym_id 
_pdbx_struct_conn_angle.ptnr3_label_comp_id 
_pdbx_struct_conn_angle.ptnr3_label_seq_id 
_pdbx_struct_conn_angle.ptnr3_auth_atom_id 
_pdbx_struct_conn_angle.ptnr3_auth_asym_id 
_pdbx_struct_conn_angle.ptnr3_auth_comp_id 
_pdbx_struct_conn_angle.ptnr3_auth_seq_id 
_pdbx_struct_conn_angle.ptnr3_PDB_ins_code 
_pdbx_struct_conn_angle.ptnr3_symmetry 
_pdbx_struct_conn_angle.value 
_pdbx_struct_conn_angle.value_esd 
1 SG  ? A CYS 21 ? A CYS 619 ? 1_555 ZN ? C ZN . ? A ZN 902 ? 1_555 NE2 ? A HIS 39 ? A HIS 637 ? 1_555 129.5 ? 
2 SG  ? A CYS 21 ? A CYS 619 ? 1_555 ZN ? C ZN . ? A ZN 902 ? 1_555 ND1 ? A HIS 43 ? A HIS 641 ? 1_555 120.5 ? 
3 NE2 ? A HIS 39 ? A HIS 637 ? 1_555 ZN ? C ZN . ? A ZN 902 ? 1_555 ND1 ? A HIS 43 ? A HIS 641 ? 1_555 98.6  ? 
# 
loop_
_struct_sheet.id 
_struct_sheet.type 
_struct_sheet.number_strands 
_struct_sheet.details 
AA1 ? 2 ? 
AA2 ? 6 ? 
AA3 ? 2 ? 
# 
loop_
_struct_sheet_order.sheet_id 
_struct_sheet_order.range_id_1 
_struct_sheet_order.range_id_2 
_struct_sheet_order.offset 
_struct_sheet_order.sense 
AA1 1 2 ? anti-parallel 
AA2 1 2 ? anti-parallel 
AA2 2 3 ? anti-parallel 
AA2 3 4 ? anti-parallel 
AA2 4 5 ? anti-parallel 
AA2 5 6 ? parallel      
AA3 1 2 ? anti-parallel 
# 
loop_
_struct_sheet_range.sheet_id 
_struct_sheet_range.id 
_struct_sheet_range.beg_label_comp_id 
_struct_sheet_range.beg_label_asym_id 
_struct_sheet_range.beg_label_seq_id 
_struct_sheet_range.pdbx_beg_PDB_ins_code 
_struct_sheet_range.end_label_comp_id 
_struct_sheet_range.end_label_asym_id 
_struct_sheet_range.end_label_seq_id 
_struct_sheet_range.pdbx_end_PDB_ins_code 
_struct_sheet_range.beg_auth_comp_id 
_struct_sheet_range.beg_auth_asym_id 
_struct_sheet_range.beg_auth_seq_id 
_struct_sheet_range.end_auth_comp_id 
_struct_sheet_range.end_auth_asym_id 
_struct_sheet_range.end_auth_seq_id 
AA1 1 VAL A 19  ? SER A 20  ? VAL A 617 SER A 618 
AA1 2 LEU A 27  ? TYR A 28  ? LEU A 625 TYR A 626 
AA2 1 ILE A 60  ? TYR A 64  ? ILE A 658 TYR A 662 
AA2 2 GLY A 67  ? VAL A 72  ? GLY A 665 VAL A 670 
AA2 3 THR A 108 ? ILE A 114 ? THR A 706 ILE A 712 
AA2 4 VAL A 120 ? ILE A 129 ? VAL A 718 ILE A 727 
AA2 5 ILE A 168 ? VAL A 176 ? ILE A 766 VAL A 774 
AA2 6 ILE A 208 ? PHE A 210 ? ILE A 806 PHE A 808 
AA3 1 VAL A 135 ? ILE A 136 ? VAL A 733 ILE A 734 
AA3 2 TRP A 158 ? CYS A 159 ? TRP A 756 CYS A 757 
# 
loop_
_pdbx_struct_sheet_hbond.sheet_id 
_pdbx_struct_sheet_hbond.range_id_1 
_pdbx_struct_sheet_hbond.range_id_2 
_pdbx_struct_sheet_hbond.range_1_label_atom_id 
_pdbx_struct_sheet_hbond.range_1_label_comp_id 
_pdbx_struct_sheet_hbond.range_1_label_asym_id 
_pdbx_struct_sheet_hbond.range_1_label_seq_id 
_pdbx_struct_sheet_hbond.range_1_PDB_ins_code 
_pdbx_struct_sheet_hbond.range_1_auth_atom_id 
_pdbx_struct_sheet_hbond.range_1_auth_comp_id 
_pdbx_struct_sheet_hbond.range_1_auth_asym_id 
_pdbx_struct_sheet_hbond.range_1_auth_seq_id 
_pdbx_struct_sheet_hbond.range_2_label_atom_id 
_pdbx_struct_sheet_hbond.range_2_label_comp_id 
_pdbx_struct_sheet_hbond.range_2_label_asym_id 
_pdbx_struct_sheet_hbond.range_2_label_seq_id 
_pdbx_struct_sheet_hbond.range_2_PDB_ins_code 
_pdbx_struct_sheet_hbond.range_2_auth_atom_id 
_pdbx_struct_sheet_hbond.range_2_auth_comp_id 
_pdbx_struct_sheet_hbond.range_2_auth_asym_id 
_pdbx_struct_sheet_hbond.range_2_auth_seq_id 
AA1 1 2 N VAL A 19  ? N VAL A 617 O TYR A 28  ? O TYR A 626 
AA2 1 2 N LEU A 61  ? N LEU A 659 O ILE A 69  ? O ILE A 667 
AA2 2 3 N ILE A 70  ? N ILE A 668 O LEU A 112 ? O LEU A 710 
AA2 3 4 N LEU A 111 ? N LEU A 709 O LEU A 124 ? O LEU A 722 
AA2 4 5 N GLU A 127 ? N GLU A 725 O GLY A 170 ? O GLY A 768 
AA2 5 6 N CYS A 169 ? N CYS A 767 O ALA A 209 ? O ALA A 807 
AA3 1 2 N ILE A 136 ? N ILE A 734 O TRP A 158 ? O TRP A 756 
# 
loop_
_struct_site.id 
_struct_site.pdbx_evidence_code 
_struct_site.pdbx_auth_asym_id 
_struct_site.pdbx_auth_comp_id 
_struct_site.pdbx_auth_seq_id 
_struct_site.pdbx_auth_ins_code 
_struct_site.pdbx_num_residues 
_struct_site.details 
AC1 Software A ACO 901 ? 22 'binding site for residue ACO A 901' 
AC2 Software A ZN  902 ? 4  'binding site for residue ZN A 902'  
# 
loop_
_struct_site_gen.id 
_struct_site_gen.site_id 
_struct_site_gen.pdbx_num_res 
_struct_site_gen.label_comp_id 
_struct_site_gen.label_asym_id 
_struct_site_gen.label_seq_id 
_struct_site_gen.pdbx_auth_ins_code 
_struct_site_gen.auth_comp_id 
_struct_site_gen.auth_asym_id 
_struct_site_gen.auth_seq_id 
_struct_site_gen.label_atom_id 
_struct_site_gen.label_alt_id 
_struct_site_gen.symmetry 
_struct_site_gen.details 
1  AC1 22 GLY A 17  ? GLY A 615  . ? 4_454 ? 
2  AC1 22 SER A 172 ? SER A 770  . ? 1_555 ? 
3  AC1 22 ARG A 173 ? ARG A 771  . ? 1_555 ? 
4  AC1 22 ILE A 174 ? ILE A 772  . ? 1_555 ? 
5  AC1 22 VAL A 176 ? VAL A 774  . ? 1_555 ? 
6  AC1 22 ARG A 181 ? ARG A 779  . ? 1_555 ? 
7  AC1 22 ARG A 182 ? ARG A 780  . ? 1_555 ? 
8  AC1 22 LYS A 183 ? LYS A 781  . ? 1_555 ? 
9  AC1 22 LYS A 184 ? LYS A 782  . ? 1_555 ? 
10 AC1 22 ILE A 185 ? ILE A 783  . ? 1_555 ? 
11 AC1 22 ALA A 186 ? ALA A 784  . ? 1_555 ? 
12 AC1 22 SER A 187 ? SER A 785  . ? 1_555 ? 
13 AC1 22 SER A 211 ? SER A 809  . ? 1_555 ? 
14 AC1 22 PRO A 213 ? PRO A 811  . ? 1_555 ? 
15 AC1 22 THR A 214 ? THR A 812  . ? 1_555 ? 
16 AC1 22 ASP A 216 ? ASP A 814  . ? 1_555 ? 
17 AC1 22 LEU A 219 ? LEU A 817  . ? 1_555 ? 
18 AC1 22 PHE A 220 ? PHE A 818  . ? 1_555 ? 
19 AC1 22 GLN A 223 ? GLN A 821  . ? 1_555 ? 
20 AC1 22 HOH D .   ? HOH A 1001 . ? 1_555 ? 
21 AC1 22 HOH D .   ? HOH A 1002 . ? 1_555 ? 
22 AC1 22 HOH D .   ? HOH A 1006 . ? 1_555 ? 
23 AC2 4  CYS A 21  ? CYS A 619  . ? 1_555 ? 
24 AC2 4  CYS A 24  ? CYS A 622  . ? 1_555 ? 
25 AC2 4  HIS A 39  ? HIS A 637  . ? 1_555 ? 
26 AC2 4  HIS A 43  ? HIS A 641  . ? 1_555 ? 
# 
loop_
_pdbx_validate_close_contact.id 
_pdbx_validate_close_contact.PDB_model_num 
_pdbx_validate_close_contact.auth_atom_id_1 
_pdbx_validate_close_contact.auth_asym_id_1 
_pdbx_validate_close_contact.auth_comp_id_1 
_pdbx_validate_close_contact.auth_seq_id_1 
_pdbx_validate_close_contact.PDB_ins_code_1 
_pdbx_validate_close_contact.label_alt_id_1 
_pdbx_validate_close_contact.auth_atom_id_2 
_pdbx_validate_close_contact.auth_asym_id_2 
_pdbx_validate_close_contact.auth_comp_id_2 
_pdbx_validate_close_contact.auth_seq_id_2 
_pdbx_validate_close_contact.PDB_ins_code_2 
_pdbx_validate_close_contact.label_alt_id_2 
_pdbx_validate_close_contact.dist 
1 1 O4A A ACO 901 ? ? O A HOH 1001 ? ? 1.97 
2 1 O5A A ACO 901 ? ? O A HOH 1002 ? ? 2.01 
# 
loop_
_pdbx_validate_torsion.id 
_pdbx_validate_torsion.PDB_model_num 
_pdbx_validate_torsion.auth_comp_id 
_pdbx_validate_torsion.auth_asym_id 
_pdbx_validate_torsion.auth_seq_id 
_pdbx_validate_torsion.PDB_ins_code 
_pdbx_validate_torsion.label_alt_id 
_pdbx_validate_torsion.phi 
_pdbx_validate_torsion.psi 
1 1 ARG A 657 ? ? -104.93 77.92 
2 1 ASN A 794 ? ? -140.82 -9.44 
# 
loop_
_pdbx_unobs_or_zero_occ_residues.id 
_pdbx_unobs_or_zero_occ_residues.PDB_model_num 
_pdbx_unobs_or_zero_occ_residues.polymer_flag 
_pdbx_unobs_or_zero_occ_residues.occupancy_flag 
_pdbx_unobs_or_zero_occ_residues.auth_asym_id 
_pdbx_unobs_or_zero_occ_residues.auth_comp_id 
_pdbx_unobs_or_zero_occ_residues.auth_seq_id 
_pdbx_unobs_or_zero_occ_residues.PDB_ins_code 
_pdbx_unobs_or_zero_occ_residues.label_asym_id 
_pdbx_unobs_or_zero_occ_residues.label_comp_id 
_pdbx_unobs_or_zero_occ_residues.label_seq_id 
1  1 Y 1 A LYS 599 ? A LYS 1   
2  1 Y 1 A THR 600 ? A THR 2   
3  1 Y 1 A ASP 601 ? A ASP 3   
4  1 Y 1 A GLU 602 ? A GLU 4   
5  1 Y 1 A LYS 603 ? A LYS 5   
6  1 Y 1 A GLN 604 ? A GLN 6   
7  1 Y 1 A LEU 605 ? A LEU 7   
8  1 Y 1 A ILE 606 ? A ILE 8   
9  1 Y 1 A ILE 607 ? A ILE 9   
10 1 Y 1 A ASP 608 ? A ASP 10  
11 1 Y 1 A ALA 609 ? A ALA 11  
12 1 Y 1 A GLY 610 ? A GLY 12  
13 1 Y 1 A GLN 611 ? A GLN 13  
14 1 Y 1 A LYS 612 ? A LYS 14  
15 1 Y 1 A ARG 613 ? A ARG 15  
16 1 Y 1 A ALA 628 ? A ALA 30  
17 1 Y 1 A SER 629 ? A SER 31  
18 1 Y 1 A ASN 630 ? A ASN 32  
19 1 Y 1 A PHE 695 ? A PHE 97  
20 1 Y 1 A GLN 696 ? A GLN 98  
21 1 Y 1 A GLN 697 ? A GLN 99  
22 1 Y 1 A ALA 698 ? A ALA 100 
23 1 Y 1 A PRO 699 ? A PRO 101 
24 1 Y 1 A LEU 700 ? A LEU 102 
25 1 Y 1 A VAL 740 ? A VAL 142 
26 1 Y 1 A ILE 741 ? A ILE 143 
27 1 Y 1 A ARG 742 ? A ARG 144 
28 1 Y 1 A SER 743 ? A SER 145 
29 1 Y 1 A GLU 744 ? A GLU 146 
30 1 Y 1 A GLU 745 ? A GLU 147 
31 1 Y 1 A GLU 746 ? A GLU 148 
32 1 Y 1 A LYS 747 ? A LYS 149 
33 1 Y 1 A VAL 748 ? A VAL 150 
34 1 Y 1 A ARG 749 ? A ARG 151 
35 1 Y 1 A PHE 750 ? A PHE 152 
36 1 Y 1 A GLU 751 ? A GLU 153 
37 1 Y 1 A ARG 752 ? A ARG 154 
38 1 Y 1 A GLN 753 ? A GLN 155 
39 1 Y 1 A LYS 754 ? A LYS 156 
40 1 Y 1 A THR 825 ? A THR 227 
# 
loop_
_chem_comp_atom.comp_id 
_chem_comp_atom.atom_id 
_chem_comp_atom.type_symbol 
_chem_comp_atom.pdbx_aromatic_flag 
_chem_comp_atom.pdbx_stereo_config 
_chem_comp_atom.pdbx_ordinal 
ACO N1A  N  Y N 1   
ACO C2A  C  Y N 2   
ACO N3A  N  Y N 3   
ACO C4A  C  Y N 4   
ACO C5A  C  Y N 5   
ACO C6A  C  Y N 6   
ACO N6A  N  N N 7   
ACO N7A  N  Y N 8   
ACO C8A  C  Y N 9   
ACO N9A  N  Y N 10  
ACO C1B  C  N R 11  
ACO C2B  C  N R 12  
ACO O2B  O  N N 13  
ACO C3B  C  N S 14  
ACO O3B  O  N N 15  
ACO P3B  P  N N 16  
ACO O7A  O  N N 17  
ACO O8A  O  N N 18  
ACO O9A  O  N N 19  
ACO C4B  C  N R 20  
ACO O4B  O  N N 21  
ACO C5B  C  N N 22  
ACO O5B  O  N N 23  
ACO P1A  P  N S 24  
ACO O1A  O  N N 25  
ACO O2A  O  N N 26  
ACO O3A  O  N N 27  
ACO P2A  P  N S 28  
ACO O4A  O  N N 29  
ACO O5A  O  N N 30  
ACO O6A  O  N N 31  
ACO CBP  C  N N 32  
ACO CCP  C  N N 33  
ACO CDP  C  N N 34  
ACO CEP  C  N N 35  
ACO CAP  C  N R 36  
ACO OAP  O  N N 37  
ACO C9P  C  N N 38  
ACO O9P  O  N N 39  
ACO N8P  N  N N 40  
ACO C7P  C  N N 41  
ACO C6P  C  N N 42  
ACO C5P  C  N N 43  
ACO O5P  O  N N 44  
ACO N4P  N  N N 45  
ACO C3P  C  N N 46  
ACO C2P  C  N N 47  
ACO S1P  S  N N 48  
ACO C    C  N N 49  
ACO O    O  N N 50  
ACO CH3  C  N N 51  
ACO H2A  H  N N 52  
ACO H61A H  N N 53  
ACO H62A H  N N 54  
ACO H8A  H  N N 55  
ACO H1B  H  N N 56  
ACO H2B  H  N N 57  
ACO HO2A H  N N 58  
ACO H3B  H  N N 59  
ACO HOA8 H  N N 60  
ACO HOA9 H  N N 61  
ACO H4B  H  N N 62  
ACO H51A H  N N 63  
ACO H52A H  N N 64  
ACO HOA2 H  N N 65  
ACO HOA5 H  N N 66  
ACO H121 H  N N 67  
ACO H122 H  N N 68  
ACO H131 H  N N 69  
ACO H132 H  N N 70  
ACO H133 H  N N 71  
ACO H141 H  N N 72  
ACO H142 H  N N 73  
ACO H143 H  N N 74  
ACO H10  H  N N 75  
ACO HO1  H  N N 76  
ACO HN8  H  N N 77  
ACO H71  H  N N 78  
ACO H72  H  N N 79  
ACO H61  H  N N 80  
ACO H62  H  N N 81  
ACO HN4  H  N N 82  
ACO H31  H  N N 83  
ACO H32  H  N N 84  
ACO H21  H  N N 85  
ACO H22  H  N N 86  
ACO HH31 H  N N 87  
ACO HH32 H  N N 88  
ACO HH33 H  N N 89  
ALA N    N  N N 90  
ALA CA   C  N S 91  
ALA C    C  N N 92  
ALA O    O  N N 93  
ALA CB   C  N N 94  
ALA OXT  O  N N 95  
ALA H    H  N N 96  
ALA H2   H  N N 97  
ALA HA   H  N N 98  
ALA HB1  H  N N 99  
ALA HB2  H  N N 100 
ALA HB3  H  N N 101 
ALA HXT  H  N N 102 
ARG N    N  N N 103 
ARG CA   C  N S 104 
ARG C    C  N N 105 
ARG O    O  N N 106 
ARG CB   C  N N 107 
ARG CG   C  N N 108 
ARG CD   C  N N 109 
ARG NE   N  N N 110 
ARG CZ   C  N N 111 
ARG NH1  N  N N 112 
ARG NH2  N  N N 113 
ARG OXT  O  N N 114 
ARG H    H  N N 115 
ARG H2   H  N N 116 
ARG HA   H  N N 117 
ARG HB2  H  N N 118 
ARG HB3  H  N N 119 
ARG HG2  H  N N 120 
ARG HG3  H  N N 121 
ARG HD2  H  N N 122 
ARG HD3  H  N N 123 
ARG HE   H  N N 124 
ARG HH11 H  N N 125 
ARG HH12 H  N N 126 
ARG HH21 H  N N 127 
ARG HH22 H  N N 128 
ARG HXT  H  N N 129 
ASN N    N  N N 130 
ASN CA   C  N S 131 
ASN C    C  N N 132 
ASN O    O  N N 133 
ASN CB   C  N N 134 
ASN CG   C  N N 135 
ASN OD1  O  N N 136 
ASN ND2  N  N N 137 
ASN OXT  O  N N 138 
ASN H    H  N N 139 
ASN H2   H  N N 140 
ASN HA   H  N N 141 
ASN HB2  H  N N 142 
ASN HB3  H  N N 143 
ASN HD21 H  N N 144 
ASN HD22 H  N N 145 
ASN HXT  H  N N 146 
ASP N    N  N N 147 
ASP CA   C  N S 148 
ASP C    C  N N 149 
ASP O    O  N N 150 
ASP CB   C  N N 151 
ASP CG   C  N N 152 
ASP OD1  O  N N 153 
ASP OD2  O  N N 154 
ASP OXT  O  N N 155 
ASP H    H  N N 156 
ASP H2   H  N N 157 
ASP HA   H  N N 158 
ASP HB2  H  N N 159 
ASP HB3  H  N N 160 
ASP HD2  H  N N 161 
ASP HXT  H  N N 162 
CYS N    N  N N 163 
CYS CA   C  N R 164 
CYS C    C  N N 165 
CYS O    O  N N 166 
CYS CB   C  N N 167 
CYS SG   S  N N 168 
CYS OXT  O  N N 169 
CYS H    H  N N 170 
CYS H2   H  N N 171 
CYS HA   H  N N 172 
CYS HB2  H  N N 173 
CYS HB3  H  N N 174 
CYS HG   H  N N 175 
CYS HXT  H  N N 176 
GLN N    N  N N 177 
GLN CA   C  N S 178 
GLN C    C  N N 179 
GLN O    O  N N 180 
GLN CB   C  N N 181 
GLN CG   C  N N 182 
GLN CD   C  N N 183 
GLN OE1  O  N N 184 
GLN NE2  N  N N 185 
GLN OXT  O  N N 186 
GLN H    H  N N 187 
GLN H2   H  N N 188 
GLN HA   H  N N 189 
GLN HB2  H  N N 190 
GLN HB3  H  N N 191 
GLN HG2  H  N N 192 
GLN HG3  H  N N 193 
GLN HE21 H  N N 194 
GLN HE22 H  N N 195 
GLN HXT  H  N N 196 
GLU N    N  N N 197 
GLU CA   C  N S 198 
GLU C    C  N N 199 
GLU O    O  N N 200 
GLU CB   C  N N 201 
GLU CG   C  N N 202 
GLU CD   C  N N 203 
GLU OE1  O  N N 204 
GLU OE2  O  N N 205 
GLU OXT  O  N N 206 
GLU H    H  N N 207 
GLU H2   H  N N 208 
GLU HA   H  N N 209 
GLU HB2  H  N N 210 
GLU HB3  H  N N 211 
GLU HG2  H  N N 212 
GLU HG3  H  N N 213 
GLU HE2  H  N N 214 
GLU HXT  H  N N 215 
GLY N    N  N N 216 
GLY CA   C  N N 217 
GLY C    C  N N 218 
GLY O    O  N N 219 
GLY OXT  O  N N 220 
GLY H    H  N N 221 
GLY H2   H  N N 222 
GLY HA2  H  N N 223 
GLY HA3  H  N N 224 
GLY HXT  H  N N 225 
HIS N    N  N N 226 
HIS CA   C  N S 227 
HIS C    C  N N 228 
HIS O    O  N N 229 
HIS CB   C  N N 230 
HIS CG   C  Y N 231 
HIS ND1  N  Y N 232 
HIS CD2  C  Y N 233 
HIS CE1  C  Y N 234 
HIS NE2  N  Y N 235 
HIS OXT  O  N N 236 
HIS H    H  N N 237 
HIS H2   H  N N 238 
HIS HA   H  N N 239 
HIS HB2  H  N N 240 
HIS HB3  H  N N 241 
HIS HD1  H  N N 242 
HIS HD2  H  N N 243 
HIS HE1  H  N N 244 
HIS HE2  H  N N 245 
HIS HXT  H  N N 246 
HOH O    O  N N 247 
HOH H1   H  N N 248 
HOH H2   H  N N 249 
ILE N    N  N N 250 
ILE CA   C  N S 251 
ILE C    C  N N 252 
ILE O    O  N N 253 
ILE CB   C  N S 254 
ILE CG1  C  N N 255 
ILE CG2  C  N N 256 
ILE CD1  C  N N 257 
ILE OXT  O  N N 258 
ILE H    H  N N 259 
ILE H2   H  N N 260 
ILE HA   H  N N 261 
ILE HB   H  N N 262 
ILE HG12 H  N N 263 
ILE HG13 H  N N 264 
ILE HG21 H  N N 265 
ILE HG22 H  N N 266 
ILE HG23 H  N N 267 
ILE HD11 H  N N 268 
ILE HD12 H  N N 269 
ILE HD13 H  N N 270 
ILE HXT  H  N N 271 
LEU N    N  N N 272 
LEU CA   C  N S 273 
LEU C    C  N N 274 
LEU O    O  N N 275 
LEU CB   C  N N 276 
LEU CG   C  N N 277 
LEU CD1  C  N N 278 
LEU CD2  C  N N 279 
LEU OXT  O  N N 280 
LEU H    H  N N 281 
LEU H2   H  N N 282 
LEU HA   H  N N 283 
LEU HB2  H  N N 284 
LEU HB3  H  N N 285 
LEU HG   H  N N 286 
LEU HD11 H  N N 287 
LEU HD12 H  N N 288 
LEU HD13 H  N N 289 
LEU HD21 H  N N 290 
LEU HD22 H  N N 291 
LEU HD23 H  N N 292 
LEU HXT  H  N N 293 
LYS N    N  N N 294 
LYS CA   C  N S 295 
LYS C    C  N N 296 
LYS O    O  N N 297 
LYS CB   C  N N 298 
LYS CG   C  N N 299 
LYS CD   C  N N 300 
LYS CE   C  N N 301 
LYS NZ   N  N N 302 
LYS OXT  O  N N 303 
LYS H    H  N N 304 
LYS H2   H  N N 305 
LYS HA   H  N N 306 
LYS HB2  H  N N 307 
LYS HB3  H  N N 308 
LYS HG2  H  N N 309 
LYS HG3  H  N N 310 
LYS HD2  H  N N 311 
LYS HD3  H  N N 312 
LYS HE2  H  N N 313 
LYS HE3  H  N N 314 
LYS HZ1  H  N N 315 
LYS HZ2  H  N N 316 
LYS HZ3  H  N N 317 
LYS HXT  H  N N 318 
MET N    N  N N 319 
MET CA   C  N S 320 
MET C    C  N N 321 
MET O    O  N N 322 
MET CB   C  N N 323 
MET CG   C  N N 324 
MET SD   S  N N 325 
MET CE   C  N N 326 
MET OXT  O  N N 327 
MET H    H  N N 328 
MET H2   H  N N 329 
MET HA   H  N N 330 
MET HB2  H  N N 331 
MET HB3  H  N N 332 
MET HG2  H  N N 333 
MET HG3  H  N N 334 
MET HE1  H  N N 335 
MET HE2  H  N N 336 
MET HE3  H  N N 337 
MET HXT  H  N N 338 
PHE N    N  N N 339 
PHE CA   C  N S 340 
PHE C    C  N N 341 
PHE O    O  N N 342 
PHE CB   C  N N 343 
PHE CG   C  Y N 344 
PHE CD1  C  Y N 345 
PHE CD2  C  Y N 346 
PHE CE1  C  Y N 347 
PHE CE2  C  Y N 348 
PHE CZ   C  Y N 349 
PHE OXT  O  N N 350 
PHE H    H  N N 351 
PHE H2   H  N N 352 
PHE HA   H  N N 353 
PHE HB2  H  N N 354 
PHE HB3  H  N N 355 
PHE HD1  H  N N 356 
PHE HD2  H  N N 357 
PHE HE1  H  N N 358 
PHE HE2  H  N N 359 
PHE HZ   H  N N 360 
PHE HXT  H  N N 361 
PRO N    N  N N 362 
PRO CA   C  N S 363 
PRO C    C  N N 364 
PRO O    O  N N 365 
PRO CB   C  N N 366 
PRO CG   C  N N 367 
PRO CD   C  N N 368 
PRO OXT  O  N N 369 
PRO H    H  N N 370 
PRO HA   H  N N 371 
PRO HB2  H  N N 372 
PRO HB3  H  N N 373 
PRO HG2  H  N N 374 
PRO HG3  H  N N 375 
PRO HD2  H  N N 376 
PRO HD3  H  N N 377 
PRO HXT  H  N N 378 
SER N    N  N N 379 
SER CA   C  N S 380 
SER C    C  N N 381 
SER O    O  N N 382 
SER CB   C  N N 383 
SER OG   O  N N 384 
SER OXT  O  N N 385 
SER H    H  N N 386 
SER H2   H  N N 387 
SER HA   H  N N 388 
SER HB2  H  N N 389 
SER HB3  H  N N 390 
SER HG   H  N N 391 
SER HXT  H  N N 392 
THR N    N  N N 393 
THR CA   C  N S 394 
THR C    C  N N 395 
THR O    O  N N 396 
THR CB   C  N R 397 
THR OG1  O  N N 398 
THR CG2  C  N N 399 
THR OXT  O  N N 400 
THR H    H  N N 401 
THR H2   H  N N 402 
THR HA   H  N N 403 
THR HB   H  N N 404 
THR HG1  H  N N 405 
THR HG21 H  N N 406 
THR HG22 H  N N 407 
THR HG23 H  N N 408 
THR HXT  H  N N 409 
TRP N    N  N N 410 
TRP CA   C  N S 411 
TRP C    C  N N 412 
TRP O    O  N N 413 
TRP CB   C  N N 414 
TRP CG   C  Y N 415 
TRP CD1  C  Y N 416 
TRP CD2  C  Y N 417 
TRP NE1  N  Y N 418 
TRP CE2  C  Y N 419 
TRP CE3  C  Y N 420 
TRP CZ2  C  Y N 421 
TRP CZ3  C  Y N 422 
TRP CH2  C  Y N 423 
TRP OXT  O  N N 424 
TRP H    H  N N 425 
TRP H2   H  N N 426 
TRP HA   H  N N 427 
TRP HB2  H  N N 428 
TRP HB3  H  N N 429 
TRP HD1  H  N N 430 
TRP HE1  H  N N 431 
TRP HE3  H  N N 432 
TRP HZ2  H  N N 433 
TRP HZ3  H  N N 434 
TRP HH2  H  N N 435 
TRP HXT  H  N N 436 
TYR N    N  N N 437 
TYR CA   C  N S 438 
TYR C    C  N N 439 
TYR O    O  N N 440 
TYR CB   C  N N 441 
TYR CG   C  Y N 442 
TYR CD1  C  Y N 443 
TYR CD2  C  Y N 444 
TYR CE1  C  Y N 445 
TYR CE2  C  Y N 446 
TYR CZ   C  Y N 447 
TYR OH   O  N N 448 
TYR OXT  O  N N 449 
TYR H    H  N N 450 
TYR H2   H  N N 451 
TYR HA   H  N N 452 
TYR HB2  H  N N 453 
TYR HB3  H  N N 454 
TYR HD1  H  N N 455 
TYR HD2  H  N N 456 
TYR HE1  H  N N 457 
TYR HE2  H  N N 458 
TYR HH   H  N N 459 
TYR HXT  H  N N 460 
VAL N    N  N N 461 
VAL CA   C  N S 462 
VAL C    C  N N 463 
VAL O    O  N N 464 
VAL CB   C  N N 465 
VAL CG1  C  N N 466 
VAL CG2  C  N N 467 
VAL OXT  O  N N 468 
VAL H    H  N N 469 
VAL H2   H  N N 470 
VAL HA   H  N N 471 
VAL HB   H  N N 472 
VAL HG11 H  N N 473 
VAL HG12 H  N N 474 
VAL HG13 H  N N 475 
VAL HG21 H  N N 476 
VAL HG22 H  N N 477 
VAL HG23 H  N N 478 
VAL HXT  H  N N 479 
ZN  ZN   ZN N N 480 
# 
loop_
_chem_comp_bond.comp_id 
_chem_comp_bond.atom_id_1 
_chem_comp_bond.atom_id_2 
_chem_comp_bond.value_order 
_chem_comp_bond.pdbx_aromatic_flag 
_chem_comp_bond.pdbx_stereo_config 
_chem_comp_bond.pdbx_ordinal 
ACO N1A C2A  sing Y N 1   
ACO N1A C6A  doub Y N 2   
ACO C2A N3A  doub Y N 3   
ACO C2A H2A  sing N N 4   
ACO N3A C4A  sing Y N 5   
ACO C4A C5A  doub Y N 6   
ACO C4A N9A  sing Y N 7   
ACO C5A C6A  sing Y N 8   
ACO C5A N7A  sing Y N 9   
ACO C6A N6A  sing N N 10  
ACO N6A H61A sing N N 11  
ACO N6A H62A sing N N 12  
ACO N7A C8A  doub Y N 13  
ACO C8A N9A  sing Y N 14  
ACO C8A H8A  sing N N 15  
ACO N9A C1B  sing N N 16  
ACO C1B C2B  sing N N 17  
ACO C1B O4B  sing N N 18  
ACO C1B H1B  sing N N 19  
ACO C2B O2B  sing N N 20  
ACO C2B C3B  sing N N 21  
ACO C2B H2B  sing N N 22  
ACO O2B HO2A sing N N 23  
ACO C3B O3B  sing N N 24  
ACO C3B C4B  sing N N 25  
ACO C3B H3B  sing N N 26  
ACO O3B P3B  sing N N 27  
ACO P3B O7A  doub N N 28  
ACO P3B O8A  sing N N 29  
ACO P3B O9A  sing N N 30  
ACO O8A HOA8 sing N N 31  
ACO O9A HOA9 sing N N 32  
ACO C4B O4B  sing N N 33  
ACO C4B C5B  sing N N 34  
ACO C4B H4B  sing N N 35  
ACO C5B O5B  sing N N 36  
ACO C5B H51A sing N N 37  
ACO C5B H52A sing N N 38  
ACO O5B P1A  sing N N 39  
ACO P1A O1A  doub N N 40  
ACO P1A O2A  sing N N 41  
ACO P1A O3A  sing N N 42  
ACO O2A HOA2 sing N N 43  
ACO O3A P2A  sing N N 44  
ACO P2A O4A  doub N N 45  
ACO P2A O5A  sing N N 46  
ACO P2A O6A  sing N N 47  
ACO O5A HOA5 sing N N 48  
ACO O6A CCP  sing N N 49  
ACO CBP CCP  sing N N 50  
ACO CBP CDP  sing N N 51  
ACO CBP CEP  sing N N 52  
ACO CBP CAP  sing N N 53  
ACO CCP H121 sing N N 54  
ACO CCP H122 sing N N 55  
ACO CDP H131 sing N N 56  
ACO CDP H132 sing N N 57  
ACO CDP H133 sing N N 58  
ACO CEP H141 sing N N 59  
ACO CEP H142 sing N N 60  
ACO CEP H143 sing N N 61  
ACO CAP OAP  sing N N 62  
ACO CAP C9P  sing N N 63  
ACO CAP H10  sing N N 64  
ACO OAP HO1  sing N N 65  
ACO C9P O9P  doub N N 66  
ACO C9P N8P  sing N N 67  
ACO N8P C7P  sing N N 68  
ACO N8P HN8  sing N N 69  
ACO C7P C6P  sing N N 70  
ACO C7P H71  sing N N 71  
ACO C7P H72  sing N N 72  
ACO C6P C5P  sing N N 73  
ACO C6P H61  sing N N 74  
ACO C6P H62  sing N N 75  
ACO C5P O5P  doub N N 76  
ACO C5P N4P  sing N N 77  
ACO N4P C3P  sing N N 78  
ACO N4P HN4  sing N N 79  
ACO C3P C2P  sing N N 80  
ACO C3P H31  sing N N 81  
ACO C3P H32  sing N N 82  
ACO C2P S1P  sing N N 83  
ACO C2P H21  sing N N 84  
ACO C2P H22  sing N N 85  
ACO S1P C    sing N N 86  
ACO C   O    doub N N 87  
ACO C   CH3  sing N N 88  
ACO CH3 HH31 sing N N 89  
ACO CH3 HH32 sing N N 90  
ACO CH3 HH33 sing N N 91  
ALA N   CA   sing N N 92  
ALA N   H    sing N N 93  
ALA N   H2   sing N N 94  
ALA CA  C    sing N N 95  
ALA CA  CB   sing N N 96  
ALA CA  HA   sing N N 97  
ALA C   O    doub N N 98  
ALA C   OXT  sing N N 99  
ALA CB  HB1  sing N N 100 
ALA CB  HB2  sing N N 101 
ALA CB  HB3  sing N N 102 
ALA OXT HXT  sing N N 103 
ARG N   CA   sing N N 104 
ARG N   H    sing N N 105 
ARG N   H2   sing N N 106 
ARG CA  C    sing N N 107 
ARG CA  CB   sing N N 108 
ARG CA  HA   sing N N 109 
ARG C   O    doub N N 110 
ARG C   OXT  sing N N 111 
ARG CB  CG   sing N N 112 
ARG CB  HB2  sing N N 113 
ARG CB  HB3  sing N N 114 
ARG CG  CD   sing N N 115 
ARG CG  HG2  sing N N 116 
ARG CG  HG3  sing N N 117 
ARG CD  NE   sing N N 118 
ARG CD  HD2  sing N N 119 
ARG CD  HD3  sing N N 120 
ARG NE  CZ   sing N N 121 
ARG NE  HE   sing N N 122 
ARG CZ  NH1  sing N N 123 
ARG CZ  NH2  doub N N 124 
ARG NH1 HH11 sing N N 125 
ARG NH1 HH12 sing N N 126 
ARG NH2 HH21 sing N N 127 
ARG NH2 HH22 sing N N 128 
ARG OXT HXT  sing N N 129 
ASN N   CA   sing N N 130 
ASN N   H    sing N N 131 
ASN N   H2   sing N N 132 
ASN CA  C    sing N N 133 
ASN CA  CB   sing N N 134 
ASN CA  HA   sing N N 135 
ASN C   O    doub N N 136 
ASN C   OXT  sing N N 137 
ASN CB  CG   sing N N 138 
ASN CB  HB2  sing N N 139 
ASN CB  HB3  sing N N 140 
ASN CG  OD1  doub N N 141 
ASN CG  ND2  sing N N 142 
ASN ND2 HD21 sing N N 143 
ASN ND2 HD22 sing N N 144 
ASN OXT HXT  sing N N 145 
ASP N   CA   sing N N 146 
ASP N   H    sing N N 147 
ASP N   H2   sing N N 148 
ASP CA  C    sing N N 149 
ASP CA  CB   sing N N 150 
ASP CA  HA   sing N N 151 
ASP C   O    doub N N 152 
ASP C   OXT  sing N N 153 
ASP CB  CG   sing N N 154 
ASP CB  HB2  sing N N 155 
ASP CB  HB3  sing N N 156 
ASP CG  OD1  doub N N 157 
ASP CG  OD2  sing N N 158 
ASP OD2 HD2  sing N N 159 
ASP OXT HXT  sing N N 160 
CYS N   CA   sing N N 161 
CYS N   H    sing N N 162 
CYS N   H2   sing N N 163 
CYS CA  C    sing N N 164 
CYS CA  CB   sing N N 165 
CYS CA  HA   sing N N 166 
CYS C   O    doub N N 167 
CYS C   OXT  sing N N 168 
CYS CB  SG   sing N N 169 
CYS CB  HB2  sing N N 170 
CYS CB  HB3  sing N N 171 
CYS SG  HG   sing N N 172 
CYS OXT HXT  sing N N 173 
GLN N   CA   sing N N 174 
GLN N   H    sing N N 175 
GLN N   H2   sing N N 176 
GLN CA  C    sing N N 177 
GLN CA  CB   sing N N 178 
GLN CA  HA   sing N N 179 
GLN C   O    doub N N 180 
GLN C   OXT  sing N N 181 
GLN CB  CG   sing N N 182 
GLN CB  HB2  sing N N 183 
GLN CB  HB3  sing N N 184 
GLN CG  CD   sing N N 185 
GLN CG  HG2  sing N N 186 
GLN CG  HG3  sing N N 187 
GLN CD  OE1  doub N N 188 
GLN CD  NE2  sing N N 189 
GLN NE2 HE21 sing N N 190 
GLN NE2 HE22 sing N N 191 
GLN OXT HXT  sing N N 192 
GLU N   CA   sing N N 193 
GLU N   H    sing N N 194 
GLU N   H2   sing N N 195 
GLU CA  C    sing N N 196 
GLU CA  CB   sing N N 197 
GLU CA  HA   sing N N 198 
GLU C   O    doub N N 199 
GLU C   OXT  sing N N 200 
GLU CB  CG   sing N N 201 
GLU CB  HB2  sing N N 202 
GLU CB  HB3  sing N N 203 
GLU CG  CD   sing N N 204 
GLU CG  HG2  sing N N 205 
GLU CG  HG3  sing N N 206 
GLU CD  OE1  doub N N 207 
GLU CD  OE2  sing N N 208 
GLU OE2 HE2  sing N N 209 
GLU OXT HXT  sing N N 210 
GLY N   CA   sing N N 211 
GLY N   H    sing N N 212 
GLY N   H2   sing N N 213 
GLY CA  C    sing N N 214 
GLY CA  HA2  sing N N 215 
GLY CA  HA3  sing N N 216 
GLY C   O    doub N N 217 
GLY C   OXT  sing N N 218 
GLY OXT HXT  sing N N 219 
HIS N   CA   sing N N 220 
HIS N   H    sing N N 221 
HIS N   H2   sing N N 222 
HIS CA  C    sing N N 223 
HIS CA  CB   sing N N 224 
HIS CA  HA   sing N N 225 
HIS C   O    doub N N 226 
HIS C   OXT  sing N N 227 
HIS CB  CG   sing N N 228 
HIS CB  HB2  sing N N 229 
HIS CB  HB3  sing N N 230 
HIS CG  ND1  sing Y N 231 
HIS CG  CD2  doub Y N 232 
HIS ND1 CE1  doub Y N 233 
HIS ND1 HD1  sing N N 234 
HIS CD2 NE2  sing Y N 235 
HIS CD2 HD2  sing N N 236 
HIS CE1 NE2  sing Y N 237 
HIS CE1 HE1  sing N N 238 
HIS NE2 HE2  sing N N 239 
HIS OXT HXT  sing N N 240 
HOH O   H1   sing N N 241 
HOH O   H2   sing N N 242 
ILE N   CA   sing N N 243 
ILE N   H    sing N N 244 
ILE N   H2   sing N N 245 
ILE CA  C    sing N N 246 
ILE CA  CB   sing N N 247 
ILE CA  HA   sing N N 248 
ILE C   O    doub N N 249 
ILE C   OXT  sing N N 250 
ILE CB  CG1  sing N N 251 
ILE CB  CG2  sing N N 252 
ILE CB  HB   sing N N 253 
ILE CG1 CD1  sing N N 254 
ILE CG1 HG12 sing N N 255 
ILE CG1 HG13 sing N N 256 
ILE CG2 HG21 sing N N 257 
ILE CG2 HG22 sing N N 258 
ILE CG2 HG23 sing N N 259 
ILE CD1 HD11 sing N N 260 
ILE CD1 HD12 sing N N 261 
ILE CD1 HD13 sing N N 262 
ILE OXT HXT  sing N N 263 
LEU N   CA   sing N N 264 
LEU N   H    sing N N 265 
LEU N   H2   sing N N 266 
LEU CA  C    sing N N 267 
LEU CA  CB   sing N N 268 
LEU CA  HA   sing N N 269 
LEU C   O    doub N N 270 
LEU C   OXT  sing N N 271 
LEU CB  CG   sing N N 272 
LEU CB  HB2  sing N N 273 
LEU CB  HB3  sing N N 274 
LEU CG  CD1  sing N N 275 
LEU CG  CD2  sing N N 276 
LEU CG  HG   sing N N 277 
LEU CD1 HD11 sing N N 278 
LEU CD1 HD12 sing N N 279 
LEU CD1 HD13 sing N N 280 
LEU CD2 HD21 sing N N 281 
LEU CD2 HD22 sing N N 282 
LEU CD2 HD23 sing N N 283 
LEU OXT HXT  sing N N 284 
LYS N   CA   sing N N 285 
LYS N   H    sing N N 286 
LYS N   H2   sing N N 287 
LYS CA  C    sing N N 288 
LYS CA  CB   sing N N 289 
LYS CA  HA   sing N N 290 
LYS C   O    doub N N 291 
LYS C   OXT  sing N N 292 
LYS CB  CG   sing N N 293 
LYS CB  HB2  sing N N 294 
LYS CB  HB3  sing N N 295 
LYS CG  CD   sing N N 296 
LYS CG  HG2  sing N N 297 
LYS CG  HG3  sing N N 298 
LYS CD  CE   sing N N 299 
LYS CD  HD2  sing N N 300 
LYS CD  HD3  sing N N 301 
LYS CE  NZ   sing N N 302 
LYS CE  HE2  sing N N 303 
LYS CE  HE3  sing N N 304 
LYS NZ  HZ1  sing N N 305 
LYS NZ  HZ2  sing N N 306 
LYS NZ  HZ3  sing N N 307 
LYS OXT HXT  sing N N 308 
MET N   CA   sing N N 309 
MET N   H    sing N N 310 
MET N   H2   sing N N 311 
MET CA  C    sing N N 312 
MET CA  CB   sing N N 313 
MET CA  HA   sing N N 314 
MET C   O    doub N N 315 
MET C   OXT  sing N N 316 
MET CB  CG   sing N N 317 
MET CB  HB2  sing N N 318 
MET CB  HB3  sing N N 319 
MET CG  SD   sing N N 320 
MET CG  HG2  sing N N 321 
MET CG  HG3  sing N N 322 
MET SD  CE   sing N N 323 
MET CE  HE1  sing N N 324 
MET CE  HE2  sing N N 325 
MET CE  HE3  sing N N 326 
MET OXT HXT  sing N N 327 
PHE N   CA   sing N N 328 
PHE N   H    sing N N 329 
PHE N   H2   sing N N 330 
PHE CA  C    sing N N 331 
PHE CA  CB   sing N N 332 
PHE CA  HA   sing N N 333 
PHE C   O    doub N N 334 
PHE C   OXT  sing N N 335 
PHE CB  CG   sing N N 336 
PHE CB  HB2  sing N N 337 
PHE CB  HB3  sing N N 338 
PHE CG  CD1  doub Y N 339 
PHE CG  CD2  sing Y N 340 
PHE CD1 CE1  sing Y N 341 
PHE CD1 HD1  sing N N 342 
PHE CD2 CE2  doub Y N 343 
PHE CD2 HD2  sing N N 344 
PHE CE1 CZ   doub Y N 345 
PHE CE1 HE1  sing N N 346 
PHE CE2 CZ   sing Y N 347 
PHE CE2 HE2  sing N N 348 
PHE CZ  HZ   sing N N 349 
PHE OXT HXT  sing N N 350 
PRO N   CA   sing N N 351 
PRO N   CD   sing N N 352 
PRO N   H    sing N N 353 
PRO CA  C    sing N N 354 
PRO CA  CB   sing N N 355 
PRO CA  HA   sing N N 356 
PRO C   O    doub N N 357 
PRO C   OXT  sing N N 358 
PRO CB  CG   sing N N 359 
PRO CB  HB2  sing N N 360 
PRO CB  HB3  sing N N 361 
PRO CG  CD   sing N N 362 
PRO CG  HG2  sing N N 363 
PRO CG  HG3  sing N N 364 
PRO CD  HD2  sing N N 365 
PRO CD  HD3  sing N N 366 
PRO OXT HXT  sing N N 367 
SER N   CA   sing N N 368 
SER N   H    sing N N 369 
SER N   H2   sing N N 370 
SER CA  C    sing N N 371 
SER CA  CB   sing N N 372 
SER CA  HA   sing N N 373 
SER C   O    doub N N 374 
SER C   OXT  sing N N 375 
SER CB  OG   sing N N 376 
SER CB  HB2  sing N N 377 
SER CB  HB3  sing N N 378 
SER OG  HG   sing N N 379 
SER OXT HXT  sing N N 380 
THR N   CA   sing N N 381 
THR N   H    sing N N 382 
THR N   H2   sing N N 383 
THR CA  C    sing N N 384 
THR CA  CB   sing N N 385 
THR CA  HA   sing N N 386 
THR C   O    doub N N 387 
THR C   OXT  sing N N 388 
THR CB  OG1  sing N N 389 
THR CB  CG2  sing N N 390 
THR CB  HB   sing N N 391 
THR OG1 HG1  sing N N 392 
THR CG2 HG21 sing N N 393 
THR CG2 HG22 sing N N 394 
THR CG2 HG23 sing N N 395 
THR OXT HXT  sing N N 396 
TRP N   CA   sing N N 397 
TRP N   H    sing N N 398 
TRP N   H2   sing N N 399 
TRP CA  C    sing N N 400 
TRP CA  CB   sing N N 401 
TRP CA  HA   sing N N 402 
TRP C   O    doub N N 403 
TRP C   OXT  sing N N 404 
TRP CB  CG   sing N N 405 
TRP CB  HB2  sing N N 406 
TRP CB  HB3  sing N N 407 
TRP CG  CD1  doub Y N 408 
TRP CG  CD2  sing Y N 409 
TRP CD1 NE1  sing Y N 410 
TRP CD1 HD1  sing N N 411 
TRP CD2 CE2  doub Y N 412 
TRP CD2 CE3  sing Y N 413 
TRP NE1 CE2  sing Y N 414 
TRP NE1 HE1  sing N N 415 
TRP CE2 CZ2  sing Y N 416 
TRP CE3 CZ3  doub Y N 417 
TRP CE3 HE3  sing N N 418 
TRP CZ2 CH2  doub Y N 419 
TRP CZ2 HZ2  sing N N 420 
TRP CZ3 CH2  sing Y N 421 
TRP CZ3 HZ3  sing N N 422 
TRP CH2 HH2  sing N N 423 
TRP OXT HXT  sing N N 424 
TYR N   CA   sing N N 425 
TYR N   H    sing N N 426 
TYR N   H2   sing N N 427 
TYR CA  C    sing N N 428 
TYR CA  CB   sing N N 429 
TYR CA  HA   sing N N 430 
TYR C   O    doub N N 431 
TYR C   OXT  sing N N 432 
TYR CB  CG   sing N N 433 
TYR CB  HB2  sing N N 434 
TYR CB  HB3  sing N N 435 
TYR CG  CD1  doub Y N 436 
TYR CG  CD2  sing Y N 437 
TYR CD1 CE1  sing Y N 438 
TYR CD1 HD1  sing N N 439 
TYR CD2 CE2  doub Y N 440 
TYR CD2 HD2  sing N N 441 
TYR CE1 CZ   doub Y N 442 
TYR CE1 HE1  sing N N 443 
TYR CE2 CZ   sing Y N 444 
TYR CE2 HE2  sing N N 445 
TYR CZ  OH   sing N N 446 
TYR OH  HH   sing N N 447 
TYR OXT HXT  sing N N 448 
VAL N   CA   sing N N 449 
VAL N   H    sing N N 450 
VAL N   H2   sing N N 451 
VAL CA  C    sing N N 452 
VAL CA  CB   sing N N 453 
VAL CA  HA   sing N N 454 
VAL C   O    doub N N 455 
VAL C   OXT  sing N N 456 
VAL CB  CG1  sing N N 457 
VAL CB  CG2  sing N N 458 
VAL CB  HB   sing N N 459 
VAL CG1 HG11 sing N N 460 
VAL CG1 HG12 sing N N 461 
VAL CG1 HG13 sing N N 462 
VAL CG2 HG21 sing N N 463 
VAL CG2 HG22 sing N N 464 
VAL CG2 HG23 sing N N 465 
VAL OXT HXT  sing N N 466 
# 
loop_
_pdbx_audit_support.funding_organization 
_pdbx_audit_support.country 
_pdbx_audit_support.grant_number 
_pdbx_audit_support.ordinal 
'National Institutes of Health/National Institute of General Medical Sciences (NIH/NIGMS)' 'United States' 'R01 GM060293'     1 
'National Institutes of Health/National Institute of General Medical Sciences (NIH/NIGMS)' 'United States' '5K12 GM081259-08' 2 
'National Institutes of Health/National Institute of General Medical Sciences (NIH/NIGMS)' 'United States' 'T32 GM098910'     3 
# 
_atom_sites.entry_id                    5T53 
_atom_sites.fract_transf_matrix[1][1]   0.00620249 
_atom_sites.fract_transf_matrix[1][2]   -0.00441755 
_atom_sites.fract_transf_matrix[1][3]   -0.00411169 
_atom_sites.fract_transf_matrix[2][1]   0.00558467 
_atom_sites.fract_transf_matrix[2][2]   0.00196664 
_atom_sites.fract_transf_matrix[2][3]   0.00631154 
_atom_sites.fract_transf_matrix[3][1]   -0.00432242 
_atom_sites.fract_transf_matrix[3][2]   -0.01356198 
_atom_sites.fract_transf_matrix[3][3]   0.00805046 
_atom_sites.fract_transf_vector[1]      0.014522 
_atom_sites.fract_transf_vector[2]      0.194215 
_atom_sites.fract_transf_vector[3]      0.052000 
# 
loop_
_atom_type.symbol 
C  
N  
O  
P  
S  
ZN 
# 
loop_
_atom_site.group_PDB 
_atom_site.id 
_atom_site.type_symbol 
_atom_site.label_atom_id 
_atom_site.label_alt_id 
_atom_site.label_comp_id 
_atom_site.label_asym_id 
_atom_site.label_entity_id 
_atom_site.label_seq_id 
_atom_site.pdbx_PDB_ins_code 
_atom_site.Cartn_x 
_atom_site.Cartn_y 
_atom_site.Cartn_z 
_atom_site.occupancy 
_atom_site.B_iso_or_equiv 
_atom_site.pdbx_formal_charge 
_atom_site.auth_seq_id 
_atom_site.auth_comp_id 
_atom_site.auth_asym_id 
_atom_site.auth_atom_id 
_atom_site.pdbx_PDB_model_num 
ATOM   1    N  N   . PHE A 1 16  ? -12.390 6.848   30.763  1.00 113.36 ? 614  PHE A N   1 
ATOM   2    C  CA  . PHE A 1 16  ? -11.523 6.260   29.744  1.00 132.94 ? 614  PHE A CA  1 
ATOM   3    C  C   . PHE A 1 16  ? -11.200 4.795   30.044  1.00 135.18 ? 614  PHE A C   1 
ATOM   4    O  O   . PHE A 1 16  ? -12.094 3.951   30.102  1.00 138.78 ? 614  PHE A O   1 
ATOM   5    C  CB  . PHE A 1 16  ? -10.226 7.065   29.616  1.00 123.78 ? 614  PHE A CB  1 
ATOM   6    N  N   . GLY A 1 17  ? -9.913  4.506   30.242  1.00 128.95 ? 615  GLY A N   1 
ATOM   7    C  CA  . GLY A 1 17  ? -9.421  3.161   30.454  1.00 121.49 ? 615  GLY A CA  1 
ATOM   8    C  C   . GLY A 1 17  ? -8.758  2.558   29.237  1.00 133.12 ? 615  GLY A C   1 
ATOM   9    O  O   . GLY A 1 17  ? -7.991  1.594   29.374  1.00 123.54 ? 615  GLY A O   1 
ATOM   10   N  N   . ALA A 1 18  ? -9.032  3.099   28.057  1.00 138.00 ? 616  ALA A N   1 
ATOM   11   C  CA  . ALA A 1 18  ? -8.415  2.670   26.816  1.00 125.76 ? 616  ALA A CA  1 
ATOM   12   C  C   . ALA A 1 18  ? -7.366  3.692   26.397  1.00 120.01 ? 616  ALA A C   1 
ATOM   13   O  O   . ALA A 1 18  ? -7.447  4.880   26.719  1.00 122.59 ? 616  ALA A O   1 
ATOM   14   C  CB  . ALA A 1 18  ? -9.453  2.493   25.706  1.00 127.57 ? 616  ALA A CB  1 
ATOM   15   N  N   . VAL A 1 19  ? -6.368  3.214   25.681  1.00 122.13 ? 617  VAL A N   1 
ATOM   16   C  CA  . VAL A 1 19  ? -5.175  3.988   25.359  1.00 117.68 ? 617  VAL A CA  1 
ATOM   17   C  C   . VAL A 1 19  ? -4.948  3.940   23.846  1.00 113.84 ? 617  VAL A C   1 
ATOM   18   O  O   . VAL A 1 19  ? -5.439  3.061   23.163  1.00 110.94 ? 617  VAL A O   1 
ATOM   19   C  CB  . VAL A 1 19  ? -3.932  3.446   26.105  1.00 112.03 ? 617  VAL A CB  1 
ATOM   20   C  CG1 . VAL A 1 19  ? -4.211  3.388   27.598  1.00 113.02 ? 617  VAL A CG1 1 
ATOM   21   C  CG2 . VAL A 1 19  ? -3.621  2.061   25.626  1.00 120.24 ? 617  VAL A CG2 1 
ATOM   22   N  N   . SER A 1 20  ? -4.233  4.923   23.344  1.00 112.32 ? 618  SER A N   1 
ATOM   23   C  CA  . SER A 1 20  ? -3.721  4.899   21.974  1.00 107.08 ? 618  SER A CA  1 
ATOM   24   C  C   . SER A 1 20  ? -2.210  5.091   22.079  1.00 110.11 ? 618  SER A C   1 
ATOM   25   O  O   . SER A 1 20  ? -1.733  6.169   22.463  1.00 102.69 ? 618  SER A O   1 
ATOM   26   C  CB  . SER A 1 20  ? -4.352  5.986   21.108  1.00 107.66 ? 618  SER A CB  1 
ATOM   27   O  OG  . SER A 1 20  ? -4.199  7.255   21.705  1.00 126.52 ? 618  SER A OG  1 
ATOM   28   N  N   . CYS A 1 21  ? -1.461  4.034   21.767  1.00 106.86 ? 619  CYS A N   1 
ATOM   29   C  CA  . CYS A 1 21  ? -0.012  4.071   21.915  1.00 93.83  ? 619  CYS A CA  1 
ATOM   30   C  C   . CYS A 1 21  ? 0.593   5.216   21.114  1.00 97.35  ? 619  CYS A C   1 
ATOM   31   O  O   . CYS A 1 21  ? 0.188   5.497   19.984  1.00 101.12 ? 619  CYS A O   1 
ATOM   32   C  CB  . CYS A 1 21  ? 0.613   2.754   21.472  1.00 80.63  ? 619  CYS A CB  1 
ATOM   33   S  SG  . CYS A 1 21  ? 2.426   2.811   21.503  1.00 96.85  ? 619  CYS A SG  1 
ATOM   34   N  N   . ASN A 1 22  ? 1.588   5.872   21.710  1.00 101.08 ? 620  ASN A N   1 
ATOM   35   C  CA  . ASN A 1 22  ? 2.198   7.069   21.147  1.00 95.20  ? 620  ASN A CA  1 
ATOM   36   C  C   . ASN A 1 22  ? 3.312   6.775   20.149  1.00 98.02  ? 620  ASN A C   1 
ATOM   37   O  O   . ASN A 1 22  ? 3.813   7.707   19.519  1.00 101.00 ? 620  ASN A O   1 
ATOM   38   C  CB  . ASN A 1 22  ? 2.755   7.950   22.267  1.00 108.94 ? 620  ASN A CB  1 
ATOM   39   C  CG  . ASN A 1 22  ? 1.836   8.008   23.464  1.00 115.85 ? 620  ASN A CG  1 
ATOM   40   O  OD1 . ASN A 1 22  ? 1.736   7.044   24.227  1.00 110.33 ? 620  ASN A OD1 1 
ATOM   41   N  ND2 . ASN A 1 22  ? 1.151   9.133   23.634  1.00 122.77 ? 620  ASN A ND2 1 
ATOM   42   N  N   . VAL A 1 23  ? 3.735   5.521   20.020  1.00 92.24  ? 621  VAL A N   1 
ATOM   43   C  CA  . VAL A 1 23  ? 4.721   5.155   18.991  1.00 97.57  ? 621  VAL A CA  1 
ATOM   44   C  C   . VAL A 1 23  ? 4.252   4.000   18.121  1.00 94.29  ? 621  VAL A C   1 
ATOM   45   O  O   . VAL A 1 23  ? 4.815   3.790   17.027  1.00 94.35  ? 621  VAL A O   1 
ATOM   46   C  CB  . VAL A 1 23  ? 6.104   4.852   19.633  1.00 106.88 ? 621  VAL A CB  1 
ATOM   47   C  CG1 . VAL A 1 23  ? 6.105   3.532   20.449  1.00 91.74  ? 621  VAL A CG1 1 
ATOM   48   C  CG2 . VAL A 1 23  ? 7.193   4.813   18.560  1.00 101.82 ? 621  VAL A CG2 1 
ATOM   49   N  N   . CYS A 1 24  ? 3.212   3.269   18.505  1.00 98.96  ? 622  CYS A N   1 
ATOM   50   C  CA  . CYS A 1 24  ? 2.669   2.168   17.731  1.00 90.08  ? 622  CYS A CA  1 
ATOM   51   C  C   . CYS A 1 24  ? 1.329   2.502   17.084  1.00 100.90 ? 622  CYS A C   1 
ATOM   52   O  O   . CYS A 1 24  ? 1.025   1.974   16.007  1.00 88.60  ? 622  CYS A O   1 
ATOM   53   C  CB  . CYS A 1 24  ? 2.577   0.951   18.655  1.00 83.91  ? 622  CYS A CB  1 
ATOM   54   S  SG  . CYS A 1 24  ? 1.438   -0.338  18.250  1.00 113.63 ? 622  CYS A SG  1 
ATOM   55   N  N   . GLY A 1 25  ? 0.544   3.400   17.691  1.00 90.07  ? 623  GLY A N   1 
ATOM   56   C  CA  . GLY A 1 25  ? -0.710  3.845   17.120  1.00 84.14  ? 623  GLY A CA  1 
ATOM   57   C  C   . GLY A 1 25  ? -1.918  3.020   17.502  1.00 75.09  ? 623  GLY A C   1 
ATOM   58   O  O   . GLY A 1 25  ? -3.048  3.528   17.419  1.00 77.32  ? 623  GLY A O   1 
ATOM   59   N  N   . MET A 1 26  ? -1.714  1.764   17.908  1.00 71.85  ? 624  MET A N   1 
ATOM   60   C  CA  . MET A 1 26  ? -2.794  0.896   18.356  1.00 68.29  ? 624  MET A CA  1 
ATOM   61   C  C   . MET A 1 26  ? -3.607  1.527   19.476  1.00 94.24  ? 624  MET A C   1 
ATOM   62   O  O   . MET A 1 26  ? -3.100  2.318   20.279  1.00 95.95  ? 624  MET A O   1 
ATOM   63   C  CB  . MET A 1 26  ? -2.255  -0.440  18.868  1.00 77.00  ? 624  MET A CB  1 
ATOM   64   C  CG  . MET A 1 26  ? -2.603  -1.609  18.017  1.00 73.14  ? 624  MET A CG  1 
ATOM   65   S  SD  . MET A 1 26  ? -2.395  -3.204  18.839  1.00 87.35  ? 624  MET A SD  1 
ATOM   66   C  CE  . MET A 1 26  ? -3.723  -3.220  20.024  1.00 79.41  ? 624  MET A CE  1 
ATOM   67   N  N   . LEU A 1 27  ? -4.881  1.130   19.539  1.00 102.92 ? 625  LEU A N   1 
ATOM   68   C  CA  . LEU A 1 27  ? -5.730  1.385   20.693  1.00 104.86 ? 625  LEU A CA  1 
ATOM   69   C  C   . LEU A 1 27  ? -6.065  0.041   21.326  1.00 103.46 ? 625  LEU A C   1 
ATOM   70   O  O   . LEU A 1 27  ? -6.647  -0.829  20.667  1.00 103.08 ? 625  LEU A O   1 
ATOM   71   C  CB  . LEU A 1 27  ? -6.987  2.166   20.304  1.00 102.27 ? 625  LEU A CB  1 
ATOM   72   C  CG  . LEU A 1 27  ? -7.980  2.457   21.423  1.00 115.62 ? 625  LEU A CG  1 
ATOM   73   C  CD1 . LEU A 1 27  ? -8.581  3.833   21.254  1.00 111.57 ? 625  LEU A CD1 1 
ATOM   74   C  CD2 . LEU A 1 27  ? -9.093  1.427   21.477  1.00 115.56 ? 625  LEU A CD2 1 
ATOM   75   N  N   . TYR A 1 28  ? -5.678  -0.133  22.593  1.00 116.44 ? 626  TYR A N   1 
ATOM   76   C  CA  . TYR A 1 28  ? -5.875  -1.388  23.307  1.00 118.91 ? 626  TYR A CA  1 
ATOM   77   C  C   . TYR A 1 28  ? -6.410  -1.105  24.705  1.00 122.43 ? 626  TYR A C   1 
ATOM   78   O  O   . TYR A 1 28  ? -6.409  0.035   25.176  1.00 119.15 ? 626  TYR A O   1 
ATOM   79   C  CB  . TYR A 1 28  ? -4.580  -2.216  23.386  1.00 113.27 ? 626  TYR A CB  1 
ATOM   80   C  CG  . TYR A 1 28  ? -3.427  -1.537  24.101  1.00 114.16 ? 626  TYR A CG  1 
ATOM   81   C  CD1 . TYR A 1 28  ? -2.654  -0.578  23.461  1.00 116.35 ? 626  TYR A CD1 1 
ATOM   82   C  CD2 . TYR A 1 28  ? -3.114  -1.854  25.419  1.00 115.85 ? 626  TYR A CD2 1 
ATOM   83   C  CE1 . TYR A 1 28  ? -1.596  0.038   24.107  1.00 114.81 ? 626  TYR A CE1 1 
ATOM   84   C  CE2 . TYR A 1 28  ? -2.062  -1.243  26.073  1.00 117.62 ? 626  TYR A CE2 1 
ATOM   85   C  CZ  . TYR A 1 28  ? -1.303  -0.300  25.415  1.00 114.44 ? 626  TYR A CZ  1 
ATOM   86   O  OH  . TYR A 1 28  ? -0.257  0.307   26.078  1.00 109.92 ? 626  TYR A OH  1 
ATOM   87   N  N   . THR A 1 29  ? -6.852  -2.179  25.365  1.00 119.97 ? 627  THR A N   1 
ATOM   88   C  CA  . THR A 1 29  ? -7.465  -2.152  26.694  1.00 125.23 ? 627  THR A CA  1 
ATOM   89   C  C   . THR A 1 29  ? -8.455  -0.996  26.852  1.00 132.92 ? 627  THR A C   1 
ATOM   90   O  O   . THR A 1 29  ? -9.430  -0.899  26.101  1.00 122.45 ? 627  THR A O   1 
ATOM   91   C  CB  . THR A 1 29  ? -6.395  -2.080  27.828  1.00 124.00 ? 627  THR A CB  1 
ATOM   92   O  OG1 . THR A 1 29  ? -6.916  -2.681  29.022  1.00 126.88 ? 627  THR A OG1 1 
ATOM   93   C  CG2 . THR A 1 29  ? -6.004  -0.643  28.136  1.00 117.54 ? 627  THR A CG2 1 
ATOM   94   N  N   . PRO A 1 33  ? -6.844  -7.335  30.699  1.00 124.73 ? 631  PRO A N   1 
ATOM   95   C  CA  . PRO A 1 33  ? -7.426  -8.352  29.814  1.00 123.09 ? 631  PRO A CA  1 
ATOM   96   C  C   . PRO A 1 33  ? -6.417  -8.970  28.871  1.00 128.25 ? 631  PRO A C   1 
ATOM   97   O  O   . PRO A 1 33  ? -5.292  -9.312  29.255  1.00 135.58 ? 631  PRO A O   1 
ATOM   98   C  CB  . PRO A 1 33  ? -8.474  -7.565  28.996  1.00 122.35 ? 631  PRO A CB  1 
ATOM   99   C  CG  . PRO A 1 33  ? -8.103  -6.116  29.183  1.00 130.55 ? 631  PRO A CG  1 
ATOM   100  C  CD  . PRO A 1 33  ? -7.557  -6.053  30.581  1.00 128.45 ? 631  PRO A CD  1 
ATOM   101  N  N   . GLU A 1 34  ? -6.850  -9.090  27.615  1.00 130.24 ? 632  GLU A N   1 
ATOM   102  C  CA  . GLU A 1 34  ? -6.075  -9.697  26.548  1.00 127.15 ? 632  GLU A CA  1 
ATOM   103  C  C   . GLU A 1 34  ? -5.705  -8.721  25.444  1.00 120.51 ? 632  GLU A C   1 
ATOM   104  O  O   . GLU A 1 34  ? -4.982  -9.106  24.520  1.00 123.77 ? 632  GLU A O   1 
ATOM   105  C  CB  . GLU A 1 34  ? -6.856  -10.870 25.936  1.00 126.73 ? 632  GLU A CB  1 
ATOM   106  N  N   . ASP A 1 35  ? -6.180  -7.475  25.506  1.00 119.55 ? 633  ASP A N   1 
ATOM   107  C  CA  . ASP A 1 35  ? -5.847  -6.517  24.457  1.00 118.55 ? 633  ASP A CA  1 
ATOM   108  C  C   . ASP A 1 35  ? -4.409  -6.025  24.591  1.00 115.47 ? 633  ASP A C   1 
ATOM   109  O  O   . ASP A 1 35  ? -3.759  -5.704  23.590  1.00 112.88 ? 633  ASP A O   1 
ATOM   110  C  CB  . ASP A 1 35  ? -6.826  -5.342  24.484  1.00 120.27 ? 633  ASP A CB  1 
ATOM   111  N  N   . GLU A 1 36  ? -3.891  -5.944  25.820  1.00 122.83 ? 634  GLU A N   1 
ATOM   112  C  CA  . GLU A 1 36  ? -2.504  -5.538  26.008  1.00 121.00 ? 634  GLU A CA  1 
ATOM   113  C  C   . GLU A 1 36  ? -1.529  -6.652  25.672  1.00 117.61 ? 634  GLU A C   1 
ATOM   114  O  O   . GLU A 1 36  ? -0.431  -6.367  25.165  1.00 113.86 ? 634  GLU A O   1 
ATOM   115  C  CB  . GLU A 1 36  ? -2.248  -5.060  27.443  1.00 128.51 ? 634  GLU A CB  1 
ATOM   116  C  CG  . GLU A 1 36  ? -2.610  -6.030  28.569  1.00 134.90 ? 634  GLU A CG  1 
ATOM   117  C  CD  . GLU A 1 36  ? -4.110  -6.162  28.835  1.00 138.46 ? 634  GLU A CD  1 
ATOM   118  O  OE1 . GLU A 1 36  ? -4.875  -6.474  27.893  1.00 134.05 ? 634  GLU A OE1 1 
ATOM   119  O  OE2 . GLU A 1 36  ? -4.520  -5.964  29.995  1.00 127.28 ? 634  GLU A OE2 1 
ATOM   120  N  N   . THR A 1 37  ? -1.904  -7.910  25.928  1.00 119.17 ? 635  THR A N   1 
ATOM   121  C  CA  . THR A 1 37  ? -1.062  -8.998  25.461  1.00 106.49 ? 635  THR A CA  1 
ATOM   122  C  C   . THR A 1 37  ? -1.069  -9.112  23.948  1.00 104.00 ? 635  THR A C   1 
ATOM   123  O  O   . THR A 1 37  ? -0.291  -9.901  23.405  1.00 105.60 ? 635  THR A O   1 
ATOM   124  C  CB  . THR A 1 37  ? -1.485  -10.325 26.091  1.00 108.62 ? 635  THR A CB  1 
ATOM   125  O  OG1 . THR A 1 37  ? -2.910  -10.382 26.210  1.00 135.83 ? 635  THR A OG1 1 
ATOM   126  C  CG2 . THR A 1 37  ? -0.840  -10.512 27.464  1.00 115.36 ? 635  THR A CG2 1 
ATOM   127  N  N   . GLN A 1 38  ? -1.927  -8.348  23.267  1.00 106.39 ? 636  GLN A N   1 
ATOM   128  C  CA  . GLN A 1 38  ? -1.906  -8.227  21.819  1.00 101.69 ? 636  GLN A CA  1 
ATOM   129  C  C   . GLN A 1 38  ? -1.290  -6.920  21.348  1.00 91.64  ? 636  GLN A C   1 
ATOM   130  O  O   . GLN A 1 38  ? -0.902  -6.818  20.180  1.00 94.21  ? 636  GLN A O   1 
ATOM   131  C  CB  . GLN A 1 38  ? -3.327  -8.352  21.257  1.00 104.10 ? 636  GLN A CB  1 
ATOM   132  N  N   . HIS A 1 39  ? -1.205  -5.918  22.224  1.00 97.61  ? 637  HIS A N   1 
ATOM   133  C  CA  . HIS A 1 39  ? -0.439  -4.722  21.897  1.00 97.53  ? 637  HIS A CA  1 
ATOM   134  C  C   . HIS A 1 39  ? 1.048   -5.035  21.827  1.00 95.98  ? 637  HIS A C   1 
ATOM   135  O  O   . HIS A 1 39  ? 1.752   -4.556  20.930  1.00 94.51  ? 637  HIS A O   1 
ATOM   136  C  CB  . HIS A 1 39  ? -0.687  -3.636  22.934  1.00 97.11  ? 637  HIS A CB  1 
ATOM   137  C  CG  . HIS A 1 39  ? 0.172   -2.429  22.743  1.00 99.44  ? 637  HIS A CG  1 
ATOM   138  N  ND1 . HIS A 1 39  ? 0.781   -1.775  23.792  1.00 91.57  ? 637  HIS A ND1 1 
ATOM   139  C  CD2 . HIS A 1 39  ? 0.511   -1.746  21.625  1.00 99.94  ? 637  HIS A CD2 1 
ATOM   140  C  CE1 . HIS A 1 39  ? 1.462   -0.743  23.328  1.00 91.31  ? 637  HIS A CE1 1 
ATOM   141  N  NE2 . HIS A 1 39  ? 1.313   -0.703  22.017  1.00 95.76  ? 637  HIS A NE2 1 
ATOM   142  N  N   . LEU A 1 40  ? 1.542   -5.836  22.774  1.00 90.91  ? 638  LEU A N   1 
ATOM   143  C  CA  . LEU A 1 40  ? 2.960   -6.178  22.792  1.00 101.76 ? 638  LEU A CA  1 
ATOM   144  C  C   . LEU A 1 40  ? 3.386   -6.809  21.471  1.00 93.27  ? 638  LEU A C   1 
ATOM   145  O  O   . LEU A 1 40  ? 4.364   -6.372  20.853  1.00 95.59  ? 638  LEU A O   1 
ATOM   146  C  CB  . LEU A 1 40  ? 3.267   -7.105  23.978  1.00 98.76  ? 638  LEU A CB  1 
ATOM   147  C  CG  . LEU A 1 40  ? 2.874   -6.622  25.387  1.00 100.53 ? 638  LEU A CG  1 
ATOM   148  C  CD1 . LEU A 1 40  ? 3.060   -7.723  26.425  1.00 87.21  ? 638  LEU A CD1 1 
ATOM   149  C  CD2 . LEU A 1 40  ? 3.636   -5.365  25.804  1.00 75.42  ? 638  LEU A CD2 1 
ATOM   150  N  N   . LEU A 1 41  ? 2.639   -7.819  21.003  1.00 104.18 ? 639  LEU A N   1 
ATOM   151  C  CA  . LEU A 1 41  ? 3.045   -8.515  19.783  1.00 95.34  ? 639  LEU A CA  1 
ATOM   152  C  C   . LEU A 1 41  ? 2.983   -7.596  18.568  1.00 81.39  ? 639  LEU A C   1 
ATOM   153  O  O   . LEU A 1 41  ? 3.861   -7.652  17.695  1.00 79.64  ? 639  LEU A O   1 
ATOM   154  C  CB  . LEU A 1 41  ? 2.182   -9.753  19.540  1.00 86.35  ? 639  LEU A CB  1 
ATOM   155  C  CG  . LEU A 1 41  ? 2.107   -10.855 20.582  1.00 98.98  ? 639  LEU A CG  1 
ATOM   156  C  CD1 . LEU A 1 41  ? 0.661   -11.172 20.877  1.00 98.37  ? 639  LEU A CD1 1 
ATOM   157  C  CD2 . LEU A 1 41  ? 2.865   -12.098 20.124  1.00 105.57 ? 639  LEU A CD2 1 
ATOM   158  N  N   . PHE A 1 42  ? 1.955   -6.746  18.485  1.00 77.18  ? 640  PHE A N   1 
ATOM   159  C  CA  . PHE A 1 42  ? 1.873   -5.843  17.345  1.00 84.21  ? 640  PHE A CA  1 
ATOM   160  C  C   . PHE A 1 42  ? 2.894   -4.724  17.447  1.00 84.88  ? 640  PHE A C   1 
ATOM   161  O  O   . PHE A 1 42  ? 3.477   -4.321  16.435  1.00 84.14  ? 640  PHE A O   1 
ATOM   162  C  CB  . PHE A 1 42  ? 0.477   -5.246  17.194  1.00 86.87  ? 640  PHE A CB  1 
ATOM   163  C  CG  . PHE A 1 42  ? 0.411   -4.239  16.095  1.00 86.09  ? 640  PHE A CG  1 
ATOM   164  C  CD1 . PHE A 1 42  ? 0.568   -4.644  14.777  1.00 84.67  ? 640  PHE A CD1 1 
ATOM   165  C  CD2 . PHE A 1 42  ? 0.282   -2.888  16.369  1.00 75.29  ? 640  PHE A CD2 1 
ATOM   166  C  CE1 . PHE A 1 42  ? 0.557   -3.728  13.751  1.00 88.15  ? 640  PHE A CE1 1 
ATOM   167  C  CE2 . PHE A 1 42  ? 0.273   -1.962  15.345  1.00 81.51  ? 640  PHE A CE2 1 
ATOM   168  C  CZ  . PHE A 1 42  ? 0.408   -2.381  14.032  1.00 81.37  ? 640  PHE A CZ  1 
ATOM   169  N  N   . HIS A 1 43  ? 3.093   -4.189  18.655  1.00 84.44  ? 641  HIS A N   1 
ATOM   170  C  CA  . HIS A 1 43  ? 4.160   -3.221  18.898  1.00 82.17  ? 641  HIS A CA  1 
ATOM   171  C  C   . HIS A 1 43  ? 5.504   -3.730  18.396  1.00 82.20  ? 641  HIS A C   1 
ATOM   172  O  O   . HIS A 1 43  ? 6.170   -3.067  17.593  1.00 83.66  ? 641  HIS A O   1 
ATOM   173  C  CB  . HIS A 1 43  ? 4.249   -2.918  20.391  1.00 97.36  ? 641  HIS A CB  1 
ATOM   174  C  CG  . HIS A 1 43  ? 4.852   -1.579  20.714  1.00 92.18  ? 641  HIS A CG  1 
ATOM   175  N  ND1 . HIS A 1 43  ? 4.093   -0.489  21.078  1.00 95.39  ? 641  HIS A ND1 1 
ATOM   176  C  CD2 . HIS A 1 43  ? 6.141   -1.157  20.727  1.00 86.79  ? 641  HIS A CD2 1 
ATOM   177  C  CE1 . HIS A 1 43  ? 4.886   0.547   21.301  1.00 94.30  ? 641  HIS A CE1 1 
ATOM   178  N  NE2 . HIS A 1 43  ? 6.131   0.169   21.095  1.00 78.08  ? 641  HIS A NE2 1 
ATOM   179  N  N   . ASN A 1 44  ? 5.925   -4.904  18.880  1.00 80.25  ? 642  ASN A N   1 
ATOM   180  C  CA  . ASN A 1 44  ? 7.206   -5.464  18.460  1.00 89.96  ? 642  ASN A CA  1 
ATOM   181  C  C   . ASN A 1 44  ? 7.241   -5.652  16.951  1.00 96.12  ? 642  ASN A C   1 
ATOM   182  O  O   . ASN A 1 44  ? 8.238   -5.332  16.292  1.00 90.77  ? 642  ASN A O   1 
ATOM   183  C  CB  . ASN A 1 44  ? 7.464   -6.792  19.172  1.00 92.53  ? 642  ASN A CB  1 
ATOM   184  N  N   . GLN A 1 45  ? 6.144   -6.163  16.384  1.00 88.83  ? 643  GLN A N   1 
ATOM   185  C  CA  . GLN A 1 45  ? 6.085   -6.338  14.939  1.00 83.03  ? 643  GLN A CA  1 
ATOM   186  C  C   . GLN A 1 45  ? 6.123   -4.995  14.223  1.00 84.19  ? 643  GLN A C   1 
ATOM   187  O  O   . GLN A 1 45  ? 6.664   -4.889  13.117  1.00 82.21  ? 643  GLN A O   1 
ATOM   188  C  CB  . GLN A 1 45  ? 4.830   -7.114  14.558  1.00 86.80  ? 643  GLN A CB  1 
ATOM   189  C  CG  . GLN A 1 45  ? 4.739   -7.471  13.094  1.00 86.90  ? 643  GLN A CG  1 
ATOM   190  C  CD  . GLN A 1 45  ? 3.490   -8.261  12.790  1.00 89.51  ? 643  GLN A CD  1 
ATOM   191  O  OE1 . GLN A 1 45  ? 2.453   -8.054  13.417  1.00 93.56  ? 643  GLN A OE1 1 
ATOM   192  N  NE2 . GLN A 1 45  ? 3.577   -9.172  11.828  1.00 90.73  ? 643  GLN A NE2 1 
ATOM   193  N  N   . PHE A 1 46  ? 5.567   -3.952  14.841  1.00 75.43  ? 644  PHE A N   1 
ATOM   194  C  CA  . PHE A 1 46  ? 5.533   -2.655  14.179  1.00 81.49  ? 644  PHE A CA  1 
ATOM   195  C  C   . PHE A 1 46  ? 6.912   -2.009  14.102  1.00 83.63  ? 644  PHE A C   1 
ATOM   196  O  O   . PHE A 1 46  ? 7.436   -1.799  13.004  1.00 79.78  ? 644  PHE A O   1 
ATOM   197  C  CB  . PHE A 1 46  ? 4.568   -1.699  14.875  1.00 73.66  ? 644  PHE A CB  1 
ATOM   198  C  CG  . PHE A 1 46  ? 4.550   -0.332  14.263  1.00 82.86  ? 644  PHE A CG  1 
ATOM   199  C  CD1 . PHE A 1 46  ? 3.855   -0.101  13.085  1.00 82.11  ? 644  PHE A CD1 1 
ATOM   200  C  CD2 . PHE A 1 46  ? 5.245   0.717   14.848  1.00 81.65  ? 644  PHE A CD2 1 
ATOM   201  C  CE1 . PHE A 1 46  ? 3.841   1.156   12.507  1.00 81.84  ? 644  PHE A CE1 1 
ATOM   202  C  CE2 . PHE A 1 46  ? 5.237   1.976   14.278  1.00 83.35  ? 644  PHE A CE2 1 
ATOM   203  C  CZ  . PHE A 1 46  ? 4.536   2.195   13.103  1.00 90.09  ? 644  PHE A CZ  1 
ATOM   204  N  N   . ILE A 1 47  ? 7.496   -1.685  15.264  1.00 92.97  ? 645  ILE A N   1 
ATOM   205  C  CA  . ILE A 1 47  ? 8.773   -0.970  15.317  1.00 84.41  ? 645  ILE A CA  1 
ATOM   206  C  C   . ILE A 1 47  ? 9.857   -1.702  14.534  1.00 80.81  ? 645  ILE A C   1 
ATOM   207  O  O   . ILE A 1 47  ? 10.680  -1.076  13.851  1.00 74.59  ? 645  ILE A O   1 
ATOM   208  C  CB  . ILE A 1 47  ? 9.178   -0.743  16.788  1.00 92.97  ? 645  ILE A CB  1 
ATOM   209  C  CG1 . ILE A 1 47  ? 8.405   0.442   17.358  1.00 93.16  ? 645  ILE A CG1 1 
ATOM   210  C  CG2 . ILE A 1 47  ? 10.677  -0.514  16.913  1.00 100.33 ? 645  ILE A CG2 1 
ATOM   211  C  CD1 . ILE A 1 47  ? 8.498   1.677   16.484  1.00 82.90  ? 645  ILE A CD1 1 
ATOM   212  N  N   . SER A 1 48  ? 9.855   -3.034  14.587  1.00 82.11  ? 646  SER A N   1 
ATOM   213  C  CA  . SER A 1 48  ? 10.787  -3.819  13.790  1.00 75.46  ? 646  SER A CA  1 
ATOM   214  C  C   . SER A 1 48  ? 10.456  -3.762  12.297  1.00 94.79  ? 646  SER A C   1 
ATOM   215  O  O   . SER A 1 48  ? 11.355  -3.901  11.458  1.00 94.31  ? 646  SER A O   1 
ATOM   216  C  CB  . SER A 1 48  ? 10.789  -5.262  14.303  1.00 80.34  ? 646  SER A CB  1 
ATOM   217  O  OG  . SER A 1 48  ? 11.229  -6.175  13.317  1.00 111.32 ? 646  SER A OG  1 
ATOM   218  N  N   . ALA A 1 49  ? 9.186   -3.555  11.937  1.00 86.02  ? 647  ALA A N   1 
ATOM   219  C  CA  . ALA A 1 49  ? 8.828   -3.514  10.520  1.00 85.61  ? 647  ALA A CA  1 
ATOM   220  C  C   . ALA A 1 49  ? 9.141   -2.156  9.898   1.00 81.80  ? 647  ALA A C   1 
ATOM   221  O  O   . ALA A 1 49  ? 9.694   -2.081  8.797   1.00 87.65  ? 647  ALA A O   1 
ATOM   222  C  CB  . ALA A 1 49  ? 7.348   -3.852  10.330  1.00 89.06  ? 647  ALA A CB  1 
ATOM   223  N  N   . VAL A 1 50  ? 8.791   -1.063  10.587  1.00 80.08  ? 648  VAL A N   1 
ATOM   224  C  CA  . VAL A 1 50  ? 8.969   0.271   10.016  1.00 85.68  ? 648  VAL A CA  1 
ATOM   225  C  C   . VAL A 1 50  ? 10.415  0.738   10.029  1.00 91.67  ? 648  VAL A C   1 
ATOM   226  O  O   . VAL A 1 50  ? 10.709  1.812   9.487   1.00 93.59  ? 648  VAL A O   1 
ATOM   227  C  CB  . VAL A 1 50  ? 8.079   1.312   10.735  1.00 94.28  ? 648  VAL A CB  1 
ATOM   228  C  CG1 . VAL A 1 50  ? 6.610   1.150   10.308  1.00 94.01  ? 648  VAL A CG1 1 
ATOM   229  C  CG2 . VAL A 1 50  ? 8.218   1.216   12.244  1.00 95.47  ? 648  VAL A CG2 1 
ATOM   230  N  N   . LYS A 1 51  ? 11.335  -0.027  10.614  1.00 95.96  ? 649  LYS A N   1 
ATOM   231  C  CA  . LYS A 1 51  ? 12.724  0.421   10.678  1.00 101.53 ? 649  LYS A CA  1 
ATOM   232  C  C   . LYS A 1 51  ? 13.348  0.294   9.295   1.00 94.93  ? 649  LYS A C   1 
ATOM   233  O  O   . LYS A 1 51  ? 13.537  -0.817  8.793   1.00 97.96  ? 649  LYS A O   1 
ATOM   234  C  CB  . LYS A 1 51  ? 13.509  -0.376  11.720  1.00 94.27  ? 649  LYS A CB  1 
ATOM   235  N  N   . TYR A 1 52  ? 13.659  1.429   8.669   1.00 100.91 ? 650  TYR A N   1 
ATOM   236  C  CA  . TYR A 1 52  ? 14.288  1.458   7.351   1.00 110.19 ? 650  TYR A CA  1 
ATOM   237  C  C   . TYR A 1 52  ? 15.731  1.921   7.507   1.00 103.97 ? 650  TYR A C   1 
ATOM   238  O  O   . TYR A 1 52  ? 15.981  3.073   7.877   1.00 100.97 ? 650  TYR A O   1 
ATOM   239  C  CB  . TYR A 1 52  ? 13.529  2.371   6.390   1.00 109.74 ? 650  TYR A CB  1 
ATOM   240  C  CG  . TYR A 1 52  ? 14.147  2.421   5.010   1.00 100.13 ? 650  TYR A CG  1 
ATOM   241  C  CD1 . TYR A 1 52  ? 14.252  1.274   4.237   1.00 107.00 ? 650  TYR A CD1 1 
ATOM   242  C  CD2 . TYR A 1 52  ? 14.634  3.613   4.485   1.00 98.82  ? 650  TYR A CD2 1 
ATOM   243  C  CE1 . TYR A 1 52  ? 14.820  1.308   2.976   1.00 107.17 ? 650  TYR A CE1 1 
ATOM   244  C  CE2 . TYR A 1 52  ? 15.199  3.662   3.227   1.00 108.26 ? 650  TYR A CE2 1 
ATOM   245  C  CZ  . TYR A 1 52  ? 15.293  2.505   2.476   1.00 112.79 ? 650  TYR A CZ  1 
ATOM   246  O  OH  . TYR A 1 52  ? 15.861  2.544   1.222   1.00 126.20 ? 650  TYR A OH  1 
ATOM   247  N  N   . VAL A 1 53  ? 16.679  1.032   7.211   1.00 101.45 ? 651  VAL A N   1 
ATOM   248  C  CA  . VAL A 1 53  ? 18.083  1.408   7.346   1.00 123.78 ? 651  VAL A CA  1 
ATOM   249  C  C   . VAL A 1 53  ? 18.522  2.306   6.192   1.00 125.94 ? 651  VAL A C   1 
ATOM   250  O  O   . VAL A 1 53  ? 19.276  3.264   6.395   1.00 129.20 ? 651  VAL A O   1 
ATOM   251  C  CB  . VAL A 1 53  ? 18.975  0.154   7.483   1.00 119.87 ? 651  VAL A CB  1 
ATOM   252  C  CG1 . VAL A 1 53  ? 18.491  -0.724  8.628   1.00 125.83 ? 651  VAL A CG1 1 
ATOM   253  C  CG2 . VAL A 1 53  ? 19.025  -0.645  6.181   1.00 120.49 ? 651  VAL A CG2 1 
ATOM   254  N  N   . GLY A 1 54  ? 18.049  2.035   4.977   1.00 124.44 ? 652  GLY A N   1 
ATOM   255  C  CA  . GLY A 1 54  ? 18.435  2.823   3.821   1.00 124.44 ? 652  GLY A CA  1 
ATOM   256  C  C   . GLY A 1 54  ? 19.467  2.153   2.940   1.00 124.98 ? 652  GLY A C   1 
ATOM   257  O  O   . GLY A 1 54  ? 20.657  2.471   3.018   1.00 136.67 ? 652  GLY A O   1 
ATOM   258  N  N   . TRP A 1 55  ? 19.029  1.232   2.084   1.00 123.11 ? 653  TRP A N   1 
ATOM   259  C  CA  . TRP A 1 55  ? 19.972  0.472   1.279   1.00 130.30 ? 653  TRP A CA  1 
ATOM   260  C  C   . TRP A 1 55  ? 20.541  1.317   0.142   1.00 122.45 ? 653  TRP A C   1 
ATOM   261  O  O   . TRP A 1 55  ? 20.064  2.413   -0.165  1.00 121.73 ? 653  TRP A O   1 
ATOM   262  C  CB  . TRP A 1 55  ? 19.320  -0.789  0.719   1.00 127.37 ? 653  TRP A CB  1 
ATOM   263  C  CG  . TRP A 1 55  ? 17.929  -0.613  0.181   1.00 129.90 ? 653  TRP A CG  1 
ATOM   264  C  CD1 . TRP A 1 55  ? 17.557  0.053   -0.956  1.00 128.95 ? 653  TRP A CD1 1 
ATOM   265  C  CD2 . TRP A 1 55  ? 16.725  -1.143  0.747   1.00 126.30 ? 653  TRP A CD2 1 
ATOM   266  N  NE1 . TRP A 1 55  ? 16.192  -0.022  -1.123  1.00 117.34 ? 653  TRP A NE1 1 
ATOM   267  C  CE2 . TRP A 1 55  ? 15.659  -0.750  -0.092  1.00 119.89 ? 653  TRP A CE2 1 
ATOM   268  C  CE3 . TRP A 1 55  ? 16.444  -1.908  1.885   1.00 116.56 ? 653  TRP A CE3 1 
ATOM   269  C  CZ2 . TRP A 1 55  ? 14.334  -1.097  0.174   1.00 113.29 ? 653  TRP A CZ2 1 
ATOM   270  C  CZ3 . TRP A 1 55  ? 15.129  -2.251  2.146   1.00 114.82 ? 653  TRP A CZ3 1 
ATOM   271  C  CH2 . TRP A 1 55  ? 14.090  -1.844  1.294   1.00 113.43 ? 653  TRP A CH2 1 
ATOM   272  N  N   . LYS A 1 56  ? 21.586  0.784   -0.484  1.00 115.16 ? 654  LYS A N   1 
ATOM   273  C  CA  . LYS A 1 56  ? 22.227  1.448   -1.604  1.00 117.28 ? 654  LYS A CA  1 
ATOM   274  C  C   . LYS A 1 56  ? 21.406  1.260   -2.873  1.00 127.49 ? 654  LYS A C   1 
ATOM   275  O  O   . LYS A 1 56  ? 20.760  0.227   -3.075  1.00 123.45 ? 654  LYS A O   1 
ATOM   276  C  CB  . LYS A 1 56  ? 23.642  0.903   -1.817  1.00 115.14 ? 654  LYS A CB  1 
ATOM   277  N  N   . LYS A 1 57  ? 21.440  2.280   -3.731  1.00 127.62 ? 655  LYS A N   1 
ATOM   278  C  CA  . LYS A 1 57  ? 20.758  2.249   -5.024  1.00 121.74 ? 655  LYS A CA  1 
ATOM   279  C  C   . LYS A 1 57  ? 19.262  1.999   -4.849  1.00 121.06 ? 655  LYS A C   1 
ATOM   280  O  O   . LYS A 1 57  ? 18.661  1.167   -5.534  1.00 131.68 ? 655  LYS A O   1 
ATOM   281  C  CB  . LYS A 1 57  ? 21.387  1.207   -5.955  1.00 122.76 ? 655  LYS A CB  1 
ATOM   282  N  N   . GLU A 1 58  ? 18.659  2.720   -3.911  1.00 111.44 ? 656  GLU A N   1 
ATOM   283  C  CA  . GLU A 1 58  ? 17.215  2.643   -3.782  1.00 112.93 ? 656  GLU A CA  1 
ATOM   284  C  C   . GLU A 1 58  ? 16.547  3.338   -4.969  1.00 112.05 ? 656  GLU A C   1 
ATOM   285  O  O   . GLU A 1 58  ? 17.146  4.162   -5.667  1.00 108.47 ? 656  GLU A O   1 
ATOM   286  C  CB  . GLU A 1 58  ? 16.747  3.246   -2.453  1.00 110.71 ? 656  GLU A CB  1 
ATOM   287  C  CG  . GLU A 1 58  ? 17.104  4.706   -2.245  1.00 114.37 ? 656  GLU A CG  1 
ATOM   288  C  CD  . GLU A 1 58  ? 16.656  5.239   -0.886  1.00 118.34 ? 656  GLU A CD  1 
ATOM   289  O  OE1 . GLU A 1 58  ? 16.270  6.424   -0.810  1.00 104.79 ? 656  GLU A OE1 1 
ATOM   290  O  OE2 . GLU A 1 58  ? 16.696  4.479   0.107   1.00 122.07 ? 656  GLU A OE2 1 
ATOM   291  N  N   . ARG A 1 59  ? 15.284  2.977   -5.195  1.00 107.58 ? 657  ARG A N   1 
ATOM   292  C  CA  . ARG A 1 59  ? 14.548  3.330   -6.410  1.00 88.20  ? 657  ARG A CA  1 
ATOM   293  C  C   . ARG A 1 59  ? 13.560  4.438   -6.075  1.00 88.74  ? 657  ARG A C   1 
ATOM   294  O  O   . ARG A 1 59  ? 12.358  4.213   -5.920  1.00 96.73  ? 657  ARG A O   1 
ATOM   295  C  CB  . ARG A 1 59  ? 13.834  2.102   -6.955  1.00 93.36  ? 657  ARG A CB  1 
ATOM   296  C  CG  . ARG A 1 59  ? 13.215  2.218   -8.356  1.00 102.45 ? 657  ARG A CG  1 
ATOM   297  C  CD  . ARG A 1 59  ? 13.715  1.082   -9.192  1.00 96.60  ? 657  ARG A CD  1 
ATOM   298  N  NE  . ARG A 1 59  ? 13.726  -0.123  -8.382  1.00 97.35  ? 657  ARG A NE  1 
ATOM   299  C  CZ  . ARG A 1 59  ? 14.233  -1.287  -8.756  1.00 98.29  ? 657  ARG A CZ  1 
ATOM   300  N  NH1 . ARG A 1 59  ? 14.752  -1.439  -9.958  1.00 85.78  ? 657  ARG A NH1 1 
ATOM   301  N  NH2 . ARG A 1 59  ? 14.212  -2.302  -7.916  1.00 98.11  ? 657  ARG A NH2 1 
ATOM   302  N  N   . ILE A 1 60  ? 14.079  5.655   -5.970  1.00 99.17  ? 658  ILE A N   1 
ATOM   303  C  CA  . ILE A 1 60  ? 13.275  6.787   -5.530  1.00 106.02 ? 658  ILE A CA  1 
ATOM   304  C  C   . ILE A 1 60  ? 12.423  7.278   -6.692  1.00 98.25  ? 658  ILE A C   1 
ATOM   305  O  O   . ILE A 1 60  ? 12.922  7.470   -7.808  1.00 98.44  ? 658  ILE A O   1 
ATOM   306  C  CB  . ILE A 1 60  ? 14.165  7.907   -4.950  1.00 103.86 ? 658  ILE A CB  1 
ATOM   307  C  CG1 . ILE A 1 60  ? 13.362  8.764   -3.990  1.00 107.21 ? 658  ILE A CG1 1 
ATOM   308  C  CG2 . ILE A 1 60  ? 14.838  8.764   -6.036  1.00 113.39 ? 658  ILE A CG2 1 
ATOM   309  C  CD1 . ILE A 1 60  ? 12.738  7.927   -2.945  1.00 109.72 ? 658  ILE A CD1 1 
ATOM   310  N  N   . LEU A 1 61  ? 11.129  7.474   -6.434  1.00 91.24  ? 659  LEU A N   1 
ATOM   311  C  CA  . LEU A 1 61  ? 10.224  7.982   -7.452  1.00 100.18 ? 659  LEU A CA  1 
ATOM   312  C  C   . LEU A 1 61  ? 9.903   9.461   -7.268  1.00 102.15 ? 659  LEU A C   1 
ATOM   313  O  O   . LEU A 1 61  ? 9.470   10.113  -8.228  1.00 99.85  ? 659  LEU A O   1 
ATOM   314  C  CB  . LEU A 1 61  ? 8.925   7.163   -7.457  1.00 103.08 ? 659  LEU A CB  1 
ATOM   315  C  CG  . LEU A 1 61  ? 9.038   5.654   -7.260  1.00 86.68  ? 659  LEU A CG  1 
ATOM   316  C  CD1 . LEU A 1 61  ? 7.680   5.003   -7.093  1.00 93.50  ? 659  LEU A CD1 1 
ATOM   317  C  CD2 . LEU A 1 61  ? 9.763   5.008   -8.403  1.00 73.58  ? 659  LEU A CD2 1 
ATOM   318  N  N   . ALA A 1 62  ? 10.108  10.002  -6.068  1.00 104.48 ? 660  ALA A N   1 
ATOM   319  C  CA  . ALA A 1 62  ? 9.804   11.398  -5.792  1.00 112.29 ? 660  ALA A CA  1 
ATOM   320  C  C   . ALA A 1 62  ? 10.399  11.773  -4.448  1.00 109.72 ? 660  ALA A C   1 
ATOM   321  O  O   . ALA A 1 62  ? 10.376  10.972  -3.509  1.00 106.74 ? 660  ALA A O   1 
ATOM   322  C  CB  . ALA A 1 62  ? 8.290   11.652  -5.783  1.00 114.47 ? 660  ALA A CB  1 
ATOM   323  N  N   . GLU A 1 63  ? 10.930  12.987  -4.374  1.00 117.37 ? 661  GLU A N   1 
ATOM   324  C  CA  . GLU A 1 63  ? 11.429  13.567  -3.139  1.00 115.52 ? 661  GLU A CA  1 
ATOM   325  C  C   . GLU A 1 63  ? 10.382  14.508  -2.552  1.00 118.36 ? 661  GLU A C   1 
ATOM   326  O  O   . GLU A 1 63  ? 9.570   15.093  -3.274  1.00 124.74 ? 661  GLU A O   1 
ATOM   327  C  CB  . GLU A 1 63  ? 12.735  14.326  -3.384  1.00 103.39 ? 661  GLU A CB  1 
ATOM   328  C  CG  . GLU A 1 63  ? 13.885  13.474  -3.877  1.00 103.12 ? 661  GLU A CG  1 
ATOM   329  C  CD  . GLU A 1 63  ? 14.614  12.761  -2.755  1.00 120.15 ? 661  GLU A CD  1 
ATOM   330  O  OE1 . GLU A 1 63  ? 14.041  12.644  -1.651  1.00 124.26 ? 661  GLU A OE1 1 
ATOM   331  O  OE2 . GLU A 1 63  ? 15.773  12.336  -2.969  1.00 119.67 ? 661  GLU A OE2 1 
ATOM   332  N  N   . TYR A 1 64  ? 10.400  14.643  -1.231  1.00 111.08 ? 662  TYR A N   1 
ATOM   333  C  CA  . TYR A 1 64  ? 9.447   15.517  -0.557  1.00 116.57 ? 662  TYR A CA  1 
ATOM   334  C  C   . TYR A 1 64  ? 10.121  16.214  0.619   1.00 118.34 ? 662  TYR A C   1 
ATOM   335  O  O   . TYR A 1 64  ? 11.222  15.818  1.030   1.00 115.99 ? 662  TYR A O   1 
ATOM   336  C  CB  . TYR A 1 64  ? 8.229   14.720  -0.081  1.00 114.83 ? 662  TYR A CB  1 
ATOM   337  C  CG  . TYR A 1 64  ? 7.416   14.106  -1.199  1.00 114.40 ? 662  TYR A CG  1 
ATOM   338  C  CD1 . TYR A 1 64  ? 6.420   14.829  -1.840  1.00 111.29 ? 662  TYR A CD1 1 
ATOM   339  C  CD2 . TYR A 1 64  ? 7.646   12.799  -1.612  1.00 118.53 ? 662  TYR A CD2 1 
ATOM   340  C  CE1 . TYR A 1 64  ? 5.675   14.268  -2.866  1.00 112.66 ? 662  TYR A CE1 1 
ATOM   341  C  CE2 . TYR A 1 64  ? 6.909   12.228  -2.634  1.00 113.68 ? 662  TYR A CE2 1 
ATOM   342  C  CZ  . TYR A 1 64  ? 5.923   12.964  -3.259  1.00 118.19 ? 662  TYR A CZ  1 
ATOM   343  O  OH  . TYR A 1 64  ? 5.186   12.391  -4.282  1.00 110.76 ? 662  TYR A OH  1 
ATOM   344  N  N   . PRO A 1 65  ? 9.512   17.269  1.170   1.00 115.42 ? 663  PRO A N   1 
ATOM   345  C  CA  . PRO A 1 65  ? 10.015  17.797  2.448   1.00 110.39 ? 663  PRO A CA  1 
ATOM   346  C  C   . PRO A 1 65  ? 9.904   16.792  3.577   1.00 111.42 ? 663  PRO A C   1 
ATOM   347  O  O   . PRO A 1 65  ? 10.832  16.669  4.387   1.00 118.66 ? 663  PRO A O   1 
ATOM   348  C  CB  . PRO A 1 65  ? 9.131   19.031  2.692   1.00 114.11 ? 663  PRO A CB  1 
ATOM   349  C  CG  . PRO A 1 65  ? 7.907   18.807  1.847   1.00 115.52 ? 663  PRO A CG  1 
ATOM   350  C  CD  . PRO A 1 65  ? 8.405   18.081  0.633   1.00 112.49 ? 663  PRO A CD  1 
ATOM   351  N  N   . ASP A 1 66  ? 8.795   16.055  3.643   1.00 106.27 ? 664  ASP A N   1 
ATOM   352  C  CA  . ASP A 1 66  ? 8.548   15.098  4.712   1.00 107.76 ? 664  ASP A CA  1 
ATOM   353  C  C   . ASP A 1 66  ? 8.917   13.672  4.320   1.00 107.62 ? 664  ASP A C   1 
ATOM   354  O  O   . ASP A 1 66  ? 8.401   12.720  4.915   1.00 108.03 ? 664  ASP A O   1 
ATOM   355  C  CB  . ASP A 1 66  ? 7.085   15.164  5.149   1.00 95.78  ? 664  ASP A CB  1 
ATOM   356  C  CG  . ASP A 1 66  ? 6.133   14.815  4.031   1.00 115.29 ? 664  ASP A CG  1 
ATOM   357  O  OD1 . ASP A 1 66  ? 6.536   14.918  2.851   1.00 116.30 ? 664  ASP A OD1 1 
ATOM   358  O  OD2 . ASP A 1 66  ? 4.984   14.433  4.331   1.00 114.08 ? 664  ASP A OD2 1 
ATOM   359  N  N   . GLY A 1 67  ? 9.794   13.501  3.333   1.00 111.19 ? 665  GLY A N   1 
ATOM   360  C  CA  . GLY A 1 67  ? 10.289  12.176  3.007   1.00 112.16 ? 665  GLY A CA  1 
ATOM   361  C  C   . GLY A 1 67  ? 10.459  11.900  1.525   1.00 112.20 ? 665  GLY A C   1 
ATOM   362  O  O   . GLY A 1 67  ? 10.738  12.817  0.746   1.00 117.25 ? 665  GLY A O   1 
ATOM   363  N  N   . ARG A 1 68  ? 10.286  10.638  1.120   1.00 107.29 ? 666  ARG A N   1 
ATOM   364  C  CA  . ARG A 1 68  ? 10.521  10.236  -0.264  1.00 107.23 ? 666  ARG A CA  1 
ATOM   365  C  C   . ARG A 1 68  ? 9.924   8.843   -0.500  1.00 105.42 ? 666  ARG A C   1 
ATOM   366  O  O   . ARG A 1 68  ? 9.656   8.106   0.447   1.00 99.44  ? 666  ARG A O   1 
ATOM   367  C  CB  . ARG A 1 68  ? 12.018  10.263  -0.583  1.00 99.67  ? 666  ARG A CB  1 
ATOM   368  C  CG  . ARG A 1 68  ? 12.781  9.197   0.152   1.00 108.19 ? 666  ARG A CG  1 
ATOM   369  C  CD  . ARG A 1 68  ? 14.274  9.209   -0.106  1.00 110.10 ? 666  ARG A CD  1 
ATOM   370  N  NE  . ARG A 1 68  ? 14.848  7.972   0.413   1.00 116.88 ? 666  ARG A NE  1 
ATOM   371  C  CZ  . ARG A 1 68  ? 15.418  7.846   1.606   1.00 119.54 ? 666  ARG A CZ  1 
ATOM   372  N  NH1 . ARG A 1 68  ? 15.894  6.667   1.985   1.00 113.45 ? 666  ARG A NH1 1 
ATOM   373  N  NH2 . ARG A 1 68  ? 15.535  8.901   2.407   1.00 115.11 ? 666  ARG A NH2 1 
ATOM   374  N  N   . ILE A 1 69  ? 9.715   8.488   -1.774  1.00 97.60  ? 667  ILE A N   1 
ATOM   375  C  CA  . ILE A 1 69  ? 8.964   7.292   -2.167  1.00 88.65  ? 667  ILE A CA  1 
ATOM   376  C  C   . ILE A 1 69  ? 9.891   6.366   -2.958  1.00 86.55  ? 667  ILE A C   1 
ATOM   377  O  O   . ILE A 1 69  ? 10.312  6.697   -4.072  1.00 92.56  ? 667  ILE A O   1 
ATOM   378  C  CB  . ILE A 1 69  ? 7.729   7.658   -3.023  1.00 90.92  ? 667  ILE A CB  1 
ATOM   379  C  CG1 . ILE A 1 69  ? 6.492   8.117   -2.225  1.00 100.06 ? 667  ILE A CG1 1 
ATOM   380  C  CG2 . ILE A 1 69  ? 7.330   6.484   -3.937  1.00 79.12  ? 667  ILE A CG2 1 
ATOM   381  C  CD1 . ILE A 1 69  ? 5.788   7.037   -1.460  1.00 104.53 ? 667  ILE A CD1 1 
ATOM   382  N  N   . ILE A 1 70  ? 10.202  5.203   -2.387  1.00 83.90  ? 668  ILE A N   1 
ATOM   383  C  CA  . ILE A 1 70  ? 10.982  4.211   -3.120  1.00 89.12  ? 668  ILE A CA  1 
ATOM   384  C  C   . ILE A 1 70  ? 10.031  3.128   -3.621  1.00 87.04  ? 668  ILE A C   1 
ATOM   385  O  O   . ILE A 1 70  ? 8.926   2.950   -3.105  1.00 89.89  ? 668  ILE A O   1 
ATOM   386  C  CB  . ILE A 1 70  ? 12.140  3.601   -2.287  1.00 94.16  ? 668  ILE A CB  1 
ATOM   387  C  CG1 . ILE A 1 70  ? 11.597  2.757   -1.124  1.00 90.55  ? 668  ILE A CG1 1 
ATOM   388  C  CG2 . ILE A 1 70  ? 13.070  4.706   -1.790  1.00 93.71  ? 668  ILE A CG2 1 
ATOM   389  C  CD1 . ILE A 1 70  ? 12.688  2.069   -0.283  1.00 89.99  ? 668  ILE A CD1 1 
ATOM   390  N  N   . MET A 1 71  ? 10.461  2.425   -4.669  1.00 86.49  ? 669  MET A N   1 
ATOM   391  C  CA  . MET A 1 71  ? 9.752   1.278   -5.221  1.00 87.28  ? 669  MET A CA  1 
ATOM   392  C  C   . MET A 1 71  ? 10.689  0.087   -5.214  1.00 88.14  ? 669  MET A C   1 
ATOM   393  O  O   . MET A 1 71  ? 11.883  0.241   -5.470  1.00 99.05  ? 669  MET A O   1 
ATOM   394  C  CB  . MET A 1 71  ? 9.276   1.556   -6.667  1.00 84.34  ? 669  MET A CB  1 
ATOM   395  C  CG  . MET A 1 71  ? 8.545   0.375   -7.335  1.00 79.09  ? 669  MET A CG  1 
ATOM   396  S  SD  . MET A 1 71  ? 7.754   0.778   -8.919  1.00 93.42  ? 669  MET A SD  1 
ATOM   397  C  CE  . MET A 1 71  ? 9.179   1.149   -9.949  1.00 92.10  ? 669  MET A CE  1 
ATOM   398  N  N   . VAL A 1 72  ? 10.153  -1.094  -4.919  1.00 78.38  ? 670  VAL A N   1 
ATOM   399  C  CA  . VAL A 1 72  ? 10.916  -2.331  -5.006  1.00 88.90  ? 670  VAL A CA  1 
ATOM   400  C  C   . VAL A 1 72  ? 10.191  -3.288  -5.945  1.00 87.21  ? 670  VAL A C   1 
ATOM   401  O  O   . VAL A 1 72  ? 8.957   -3.385  -5.930  1.00 84.33  ? 670  VAL A O   1 
ATOM   402  C  CB  . VAL A 1 72  ? 11.140  -2.969  -3.622  1.00 85.56  ? 670  VAL A CB  1 
ATOM   403  C  CG1 . VAL A 1 72  ? 11.614  -1.926  -2.616  1.00 89.96  ? 670  VAL A CG1 1 
ATOM   404  C  CG2 . VAL A 1 72  ? 9.886   -3.633  -3.144  1.00 101.11 ? 670  VAL A CG2 1 
ATOM   405  N  N   . LEU A 1 73  ? 10.952  -3.971  -6.757  1.00 86.45  ? 671  LEU A N   1 
ATOM   406  C  CA  . LEU A 1 73  ? 10.501  -4.913  -7.767  1.00 88.10  ? 671  LEU A CA  1 
ATOM   407  C  C   . LEU A 1 73  ? 10.887  -6.344  -7.397  1.00 81.77  ? 671  LEU A C   1 
ATOM   408  O  O   . LEU A 1 73  ? 11.818  -6.549  -6.617  1.00 89.85  ? 671  LEU A O   1 
ATOM   409  C  CB  . LEU A 1 73  ? 11.059  -4.532  -9.148  1.00 81.99  ? 671  LEU A CB  1 
ATOM   410  C  CG  . LEU A 1 73  ? 10.364  -3.305  -9.788  1.00 100.34 ? 671  LEU A CG  1 
ATOM   411  C  CD1 . LEU A 1 73  ? 10.670  -1.950  -9.161  1.00 104.66 ? 671  LEU A CD1 1 
ATOM   412  C  CD2 . LEU A 1 73  ? 10.709  -3.225  -11.221 1.00 105.43 ? 671  LEU A CD2 1 
ATOM   413  N  N   . PRO A 1 74  ? 10.185  -7.363  -7.910  1.00 88.27  ? 672  PRO A N   1 
ATOM   414  C  CA  . PRO A 1 74  ? 10.473  -8.744  -7.475  1.00 96.11  ? 672  PRO A CA  1 
ATOM   415  C  C   . PRO A 1 74  ? 11.864  -9.247  -7.837  1.00 95.59  ? 672  PRO A C   1 
ATOM   416  O  O   . PRO A 1 74  ? 12.255  -10.314 -7.346  1.00 100.26 ? 672  PRO A O   1 
ATOM   417  C  CB  . PRO A 1 74  ? 9.388   -9.574  -8.175  1.00 94.49  ? 672  PRO A CB  1 
ATOM   418  C  CG  . PRO A 1 74  ? 8.961   -8.746  -9.335  1.00 101.99 ? 672  PRO A CG  1 
ATOM   419  C  CD  . PRO A 1 74  ? 9.039   -7.325  -8.837  1.00 95.50  ? 672  PRO A CD  1 
ATOM   420  N  N   . GLU A 1 75  ? 12.611  -8.525  -8.666  1.00 95.07  ? 673  GLU A N   1 
ATOM   421  C  CA  . GLU A 1 75  ? 13.967  -8.907  -9.033  1.00 98.01  ? 673  GLU A CA  1 
ATOM   422  C  C   . GLU A 1 75  ? 15.026  -8.391  -8.072  1.00 89.41  ? 673  GLU A C   1 
ATOM   423  O  O   . GLU A 1 75  ? 16.184  -8.798  -8.193  1.00 99.02  ? 673  GLU A O   1 
ATOM   424  C  CB  . GLU A 1 75  ? 14.274  -8.421  -10.462 1.00 89.38  ? 673  GLU A CB  1 
ATOM   425  N  N   . ASP A 1 76  ? 14.660  -7.523  -7.145  1.00 88.30  ? 674  ASP A N   1 
ATOM   426  C  CA  . ASP A 1 76  ? 15.589  -6.830  -6.262  1.00 95.40  ? 674  ASP A CA  1 
ATOM   427  C  C   . ASP A 1 76  ? 16.317  -7.766  -5.301  1.00 91.35  ? 674  ASP A C   1 
ATOM   428  O  O   . ASP A 1 76  ? 15.996  -8.959  -5.215  1.00 93.75  ? 674  ASP A O   1 
ATOM   429  C  CB  . ASP A 1 76  ? 14.856  -5.759  -5.456  1.00 102.94 ? 674  ASP A CB  1 
ATOM   430  C  CG  . ASP A 1 76  ? 14.581  -4.544  -6.273  1.00 95.38  ? 674  ASP A CG  1 
ATOM   431  O  OD1 . ASP A 1 76  ? 15.262  -4.380  -7.323  1.00 93.68  ? 674  ASP A OD1 1 
ATOM   432  O  OD2 . ASP A 1 76  ? 13.714  -3.729  -5.905  1.00 95.78  ? 674  ASP A OD2 1 
ATOM   433  N  N   . PRO A 1 77  ? 17.329  -7.272  -4.587  1.00 96.38  ? 675  PRO A N   1 
ATOM   434  C  CA  . PRO A 1 77  ? 17.997  -8.095  -3.574  1.00 101.53 ? 675  PRO A CA  1 
ATOM   435  C  C   . PRO A 1 77  ? 17.027  -8.713  -2.589  1.00 107.08 ? 675  PRO A C   1 
ATOM   436  O  O   . PRO A 1 77  ? 15.880  -8.312  -2.438  1.00 114.21 ? 675  PRO A O   1 
ATOM   437  C  CB  . PRO A 1 77  ? 18.943  -7.110  -2.871  1.00 99.56  ? 675  PRO A CB  1 
ATOM   438  C  CG  . PRO A 1 77  ? 18.989  -5.868  -3.750  1.00 104.13 ? 675  PRO A CG  1 
ATOM   439  C  CD  . PRO A 1 77  ? 18.179  -6.127  -4.972  1.00 105.51 ? 675  PRO A CD  1 
ATOM   440  N  N   . LYS A 1 78  ? 17.544  -9.703  -1.878  1.00 102.26 ? 676  LYS A N   1 
ATOM   441  C  CA  . LYS A 1 78  ? 16.754  -10.428 -0.887  1.00 100.64 ? 676  LYS A CA  1 
ATOM   442  C  C   . LYS A 1 78  ? 16.443  -9.553  0.322   1.00 98.55  ? 676  LYS A C   1 
ATOM   443  O  O   . LYS A 1 78  ? 15.336  -9.619  0.879   1.00 95.55  ? 676  LYS A O   1 
ATOM   444  C  CB  . LYS A 1 78  ? 17.498  -11.695 -0.431  1.00 96.73  ? 676  LYS A CB  1 
ATOM   445  N  N   . TYR A 1 79  ? 17.404  -8.717  0.734   1.00 106.09 ? 677  TYR A N   1 
ATOM   446  C  CA  . TYR A 1 79  ? 17.191  -7.866  1.901   1.00 105.96 ? 677  TYR A CA  1 
ATOM   447  C  C   . TYR A 1 79  ? 16.073  -6.857  1.656   1.00 106.69 ? 677  TYR A C   1 
ATOM   448  O  O   . TYR A 1 79  ? 15.321  -6.524  2.583   1.00 87.13  ? 677  TYR A O   1 
ATOM   449  C  CB  . TYR A 1 79  ? 18.491  -7.153  2.301   1.00 109.66 ? 677  TYR A CB  1 
ATOM   450  C  CG  . TYR A 1 79  ? 19.080  -6.209  1.262   1.00 120.74 ? 677  TYR A CG  1 
ATOM   451  C  CD1 . TYR A 1 79  ? 20.187  -6.580  0.499   1.00 111.90 ? 677  TYR A CD1 1 
ATOM   452  C  CD2 . TYR A 1 79  ? 18.545  -4.939  1.060   1.00 126.03 ? 677  TYR A CD2 1 
ATOM   453  C  CE1 . TYR A 1 79  ? 20.735  -5.712  -0.437  1.00 113.60 ? 677  TYR A CE1 1 
ATOM   454  C  CE2 . TYR A 1 79  ? 19.075  -4.078  0.122   1.00 123.38 ? 677  TYR A CE2 1 
ATOM   455  C  CZ  . TYR A 1 79  ? 20.170  -4.462  -0.622  1.00 131.06 ? 677  TYR A CZ  1 
ATOM   456  O  OH  . TYR A 1 79  ? 20.695  -3.590  -1.550  1.00 136.79 ? 677  TYR A OH  1 
ATOM   457  N  N   . ALA A 1 80  ? 15.937  -6.374  0.418   1.00 109.75 ? 678  ALA A N   1 
ATOM   458  C  CA  . ALA A 1 80  ? 14.841  -5.468  0.096   1.00 100.81 ? 678  ALA A CA  1 
ATOM   459  C  C   . ALA A 1 80  ? 13.517  -6.216  0.063   1.00 92.42  ? 678  ALA A C   1 
ATOM   460  O  O   . ALA A 1 80  ? 12.514  -5.746  0.610   1.00 94.79  ? 678  ALA A O   1 
ATOM   461  C  CB  . ALA A 1 80  ? 15.100  -4.767  -1.237  1.00 94.00  ? 678  ALA A CB  1 
ATOM   462  N  N   . LEU A 1 81  ? 13.496  -7.392  -0.563  1.00 88.91  ? 679  LEU A N   1 
ATOM   463  C  CA  . LEU A 1 81  ? 12.260  -8.162  -0.648  1.00 93.36  ? 679  LEU A CA  1 
ATOM   464  C  C   . LEU A 1 81  ? 11.798  -8.607  0.733   1.00 91.21  ? 679  LEU A C   1 
ATOM   465  O  O   . LEU A 1 81  ? 10.661  -8.338  1.133   1.00 92.44  ? 679  LEU A O   1 
ATOM   466  C  CB  . LEU A 1 81  ? 12.450  -9.360  -1.576  1.00 91.48  ? 679  LEU A CB  1 
ATOM   467  C  CG  . LEU A 1 81  ? 12.755  -8.967  -3.017  1.00 91.22  ? 679  LEU A CG  1 
ATOM   468  C  CD1 . LEU A 1 81  ? 13.048  -10.203 -3.831  1.00 95.05  ? 679  LEU A CD1 1 
ATOM   469  C  CD2 . LEU A 1 81  ? 11.590  -8.185  -3.614  1.00 91.84  ? 679  LEU A CD2 1 
ATOM   470  N  N   . LYS A 1 82  ? 12.676  -9.283  1.481   1.00 95.72  ? 680  LYS A N   1 
ATOM   471  C  CA  . LYS A 1 82  ? 12.327  -9.704  2.836   1.00 99.54  ? 680  LYS A CA  1 
ATOM   472  C  C   . LYS A 1 82  ? 11.848  -8.522  3.670   1.00 95.35  ? 680  LYS A C   1 
ATOM   473  O  O   . LYS A 1 82  ? 10.935  -8.659  4.494   1.00 92.47  ? 680  LYS A O   1 
ATOM   474  C  CB  . LYS A 1 82  ? 13.526  -10.381 3.502   1.00 102.08 ? 680  LYS A CB  1 
ATOM   475  N  N   . LYS A 1 83  ? 12.449  -7.347  3.456   1.00 98.12  ? 681  LYS A N   1 
ATOM   476  C  CA  . LYS A 1 83  ? 11.971  -6.124  4.095   1.00 88.01  ? 681  LYS A CA  1 
ATOM   477  C  C   . LYS A 1 83  ? 10.517  -5.846  3.738   1.00 88.10  ? 681  LYS A C   1 
ATOM   478  O  O   . LYS A 1 83  ? 9.741   -5.370  4.574   1.00 90.34  ? 681  LYS A O   1 
ATOM   479  C  CB  . LYS A 1 83  ? 12.844  -4.944  3.669   1.00 92.72  ? 681  LYS A CB  1 
ATOM   480  C  CG  . LYS A 1 83  ? 12.517  -3.657  4.377   1.00 89.54  ? 681  LYS A CG  1 
ATOM   481  C  CD  . LYS A 1 83  ? 12.620  -3.884  5.861   1.00 96.25  ? 681  LYS A CD  1 
ATOM   482  C  CE  . LYS A 1 83  ? 12.252  -2.657  6.633   1.00 95.16  ? 681  LYS A CE  1 
ATOM   483  N  NZ  . LYS A 1 83  ? 12.348  -2.933  8.080   1.00 95.72  ? 681  LYS A NZ  1 
ATOM   484  N  N   . VAL A 1 84  ? 10.134  -6.133  2.495   1.00 90.22  ? 682  VAL A N   1 
ATOM   485  C  CA  . VAL A 1 84  ? 8.792   -5.810  2.027   1.00 78.11  ? 682  VAL A CA  1 
ATOM   486  C  C   . VAL A 1 84  ? 7.787   -6.825  2.554   1.00 88.62  ? 682  VAL A C   1 
ATOM   487  O  O   . VAL A 1 84  ? 6.689   -6.463  2.993   1.00 88.18  ? 682  VAL A O   1 
ATOM   488  C  CB  . VAL A 1 84  ? 8.786   -5.715  0.492   1.00 83.23  ? 682  VAL A CB  1 
ATOM   489  C  CG1 . VAL A 1 84  ? 7.372   -5.705  -0.067  1.00 79.91  ? 682  VAL A CG1 1 
ATOM   490  C  CG2 . VAL A 1 84  ? 9.521   -4.464  0.086   1.00 81.07  ? 682  VAL A CG2 1 
ATOM   491  N  N   . ASP A 1 85  ? 8.154   -8.109  2.545   1.00 83.27  ? 683  ASP A N   1 
ATOM   492  C  CA  . ASP A 1 85  ? 7.256   -9.104  3.116   1.00 86.90  ? 683  ASP A CA  1 
ATOM   493  C  C   . ASP A 1 85  ? 7.033   -8.861  4.604   1.00 100.21 ? 683  ASP A C   1 
ATOM   494  O  O   . ASP A 1 85  ? 5.939   -9.131  5.113   1.00 103.11 ? 683  ASP A O   1 
ATOM   495  C  CB  . ASP A 1 85  ? 7.778   -10.520 2.856   1.00 95.84  ? 683  ASP A CB  1 
ATOM   496  C  CG  . ASP A 1 85  ? 8.135   -10.758 1.385   1.00 121.51 ? 683  ASP A CG  1 
ATOM   497  O  OD1 . ASP A 1 85  ? 9.294   -10.503 1.000   1.00 135.94 ? 683  ASP A OD1 1 
ATOM   498  O  OD2 . ASP A 1 85  ? 7.251   -11.175 0.603   1.00 118.73 ? 683  ASP A OD2 1 
ATOM   499  N  N   . GLU A 1 86  ? 8.025   -8.314  5.318   1.00 98.43  ? 684  GLU A N   1 
ATOM   500  C  CA  . GLU A 1 86  ? 7.788   -8.051  6.734   1.00 93.49  ? 684  GLU A CA  1 
ATOM   501  C  C   . GLU A 1 86  ? 6.922   -6.810  6.939   1.00 88.60  ? 684  GLU A C   1 
ATOM   502  O  O   . GLU A 1 86  ? 6.120   -6.773  7.879   1.00 84.35  ? 684  GLU A O   1 
ATOM   503  C  CB  . GLU A 1 86  ? 9.115   -7.938  7.502   1.00 98.16  ? 684  GLU A CB  1 
ATOM   504  C  CG  . GLU A 1 86  ? 9.890   -6.634  7.366   1.00 104.48 ? 684  GLU A CG  1 
ATOM   505  C  CD  . GLU A 1 86  ? 11.004  -6.492  8.412   1.00 111.80 ? 684  GLU A CD  1 
ATOM   506  O  OE1 . GLU A 1 86  ? 11.198  -7.440  9.212   1.00 124.40 ? 684  GLU A OE1 1 
ATOM   507  O  OE2 . GLU A 1 86  ? 11.672  -5.437  8.445   1.00 105.14 ? 684  GLU A OE2 1 
ATOM   508  N  N   . ILE A 1 87  ? 7.043   -5.803  6.069   1.00 85.30  ? 685  ILE A N   1 
ATOM   509  C  CA  . ILE A 1 87  ? 6.086   -4.700  6.090   1.00 81.47  ? 685  ILE A CA  1 
ATOM   510  C  C   . ILE A 1 87  ? 4.698   -5.202  5.718   1.00 91.57  ? 685  ILE A C   1 
ATOM   511  O  O   . ILE A 1 87  ? 3.713   -4.919  6.411   1.00 84.65  ? 685  ILE A O   1 
ATOM   512  C  CB  . ILE A 1 87  ? 6.541   -3.570  5.150   1.00 82.35  ? 685  ILE A CB  1 
ATOM   513  C  CG1 . ILE A 1 87  ? 7.735   -2.833  5.749   1.00 83.45  ? 685  ILE A CG1 1 
ATOM   514  C  CG2 . ILE A 1 87  ? 5.379   -2.621  4.853   1.00 75.90  ? 685  ILE A CG2 1 
ATOM   515  C  CD1 . ILE A 1 87  ? 8.309   -1.769  4.847   1.00 91.82  ? 685  ILE A CD1 1 
ATOM   516  N  N   . ARG A 1 88  ? 4.603   -5.954  4.615   1.00 91.65  ? 686  ARG A N   1 
ATOM   517  C  CA  . ARG A 1 88  ? 3.332   -6.540  4.201   1.00 90.89  ? 686  ARG A CA  1 
ATOM   518  C  C   . ARG A 1 88  ? 2.695   -7.332  5.338   1.00 95.43  ? 686  ARG A C   1 
ATOM   519  O  O   . ARG A 1 88  ? 1.524   -7.118  5.683   1.00 83.71  ? 686  ARG A O   1 
ATOM   520  C  CB  . ARG A 1 88  ? 3.554   -7.433  2.975   1.00 92.22  ? 686  ARG A CB  1 
ATOM   521  C  CG  . ARG A 1 88  ? 2.403   -8.371  2.630   1.00 79.80  ? 686  ARG A CG  1 
ATOM   522  C  CD  . ARG A 1 88  ? 2.900   -9.501  1.721   1.00 85.64  ? 686  ARG A CD  1 
ATOM   523  N  N   . GLU A 1 89  ? 3.465   -8.240  5.950   1.00 90.54  ? 687  GLU A N   1 
ATOM   524  C  CA  . GLU A 1 89  ? 2.916   -9.054  7.032   1.00 94.95  ? 687  GLU A CA  1 
ATOM   525  C  C   . GLU A 1 89  ? 2.508   -8.197  8.225   1.00 94.42  ? 687  GLU A C   1 
ATOM   526  O  O   . GLU A 1 89  ? 1.635   -8.595  9.005   1.00 92.52  ? 687  GLU A O   1 
ATOM   527  C  CB  . GLU A 1 89  ? 3.924   -10.127 7.446   1.00 77.22  ? 687  GLU A CB  1 
ATOM   528  N  N   . MET A 1 90  ? 3.116   -7.017  8.380   1.00 84.80  ? 688  MET A N   1 
ATOM   529  C  CA  . MET A 1 90  ? 2.675   -6.093  9.418   1.00 86.27  ? 688  MET A CA  1 
ATOM   530  C  C   . MET A 1 90  ? 1.362   -5.424  9.033   1.00 94.35  ? 688  MET A C   1 
ATOM   531  O  O   . MET A 1 90  ? 0.469   -5.267  9.877   1.00 100.22 ? 688  MET A O   1 
ATOM   532  C  CB  . MET A 1 90  ? 3.758   -5.043  9.683   1.00 91.55  ? 688  MET A CB  1 
ATOM   533  C  CG  . MET A 1 90  ? 3.415   -4.032  10.771  1.00 83.53  ? 688  MET A CG  1 
ATOM   534  S  SD  . MET A 1 90  ? 2.440   -2.625  10.176  1.00 81.30  ? 688  MET A SD  1 
ATOM   535  C  CE  . MET A 1 90  ? 3.654   -1.751  9.184   1.00 75.62  ? 688  MET A CE  1 
ATOM   536  N  N   . VAL A 1 91  ? 1.236   -5.010  7.770   1.00 93.93  ? 689  VAL A N   1 
ATOM   537  C  CA  . VAL A 1 91  ? 0.013   -4.350  7.312   1.00 84.19  ? 689  VAL A CA  1 
ATOM   538  C  C   . VAL A 1 91  ? -1.193  -5.251  7.534   1.00 88.00  ? 689  VAL A C   1 
ATOM   539  O  O   . VAL A 1 91  ? -2.228  -4.817  8.055   1.00 89.77  ? 689  VAL A O   1 
ATOM   540  C  CB  . VAL A 1 91  ? 0.143   -3.944  5.832   1.00 85.73  ? 689  VAL A CB  1 
ATOM   541  C  CG1 . VAL A 1 91  ? -1.157  -3.337  5.334   1.00 81.29  ? 689  VAL A CG1 1 
ATOM   542  C  CG2 . VAL A 1 91  ? 1.291   -2.964  5.644   1.00 90.11  ? 689  VAL A CG2 1 
ATOM   543  N  N   . ASP A 1 92  ? -1.071  -6.527  7.162   1.00 91.17  ? 690  ASP A N   1 
ATOM   544  C  CA  . ASP A 1 92  ? -2.231  -7.413  7.203   1.00 96.92  ? 690  ASP A CA  1 
ATOM   545  C  C   . ASP A 1 92  ? -2.749  -7.601  8.627   1.00 94.01  ? 690  ASP A C   1 
ATOM   546  O  O   . ASP A 1 92  ? -3.964  -7.611  8.850   1.00 100.16 ? 690  ASP A O   1 
ATOM   547  C  CB  . ASP A 1 92  ? -1.895  -8.760  6.556   1.00 103.95 ? 690  ASP A CB  1 
ATOM   548  C  CG  . ASP A 1 92  ? -1.709  -8.660  5.040   1.00 100.10 ? 690  ASP A CG  1 
ATOM   549  O  OD1 . ASP A 1 92  ? -2.215  -7.698  4.429   1.00 98.90  ? 690  ASP A OD1 1 
ATOM   550  O  OD2 . ASP A 1 92  ? -1.066  -9.554  4.454   1.00 94.34  ? 690  ASP A OD2 1 
ATOM   551  N  N   . ASN A 1 93  ? -1.851  -7.733  9.610   1.00 99.38  ? 691  ASN A N   1 
ATOM   552  C  CA  . ASN A 1 93  ? -2.318  -7.894  10.986  1.00 104.86 ? 691  ASN A CA  1 
ATOM   553  C  C   . ASN A 1 93  ? -2.928  -6.605  11.521  1.00 99.17  ? 691  ASN A C   1 
ATOM   554  O  O   . ASN A 1 93  ? -3.909  -6.652  12.271  1.00 93.10  ? 691  ASN A O   1 
ATOM   555  C  CB  . ASN A 1 93  ? -1.182  -8.357  11.901  1.00 99.23  ? 691  ASN A CB  1 
ATOM   556  C  CG  . ASN A 1 93  ? -1.656  -8.638  13.331  1.00 108.72 ? 691  ASN A CG  1 
ATOM   557  O  OD1 . ASN A 1 93  ? -2.851  -8.823  13.582  1.00 104.75 ? 691  ASN A OD1 1 
ATOM   558  N  ND2 . ASN A 1 93  ? -0.717  -8.668  14.270  1.00 103.01 ? 691  ASN A ND2 1 
ATOM   559  N  N   . ASP A 1 94  ? -2.368  -5.452  11.149  1.00 93.29  ? 692  ASP A N   1 
ATOM   560  C  CA  . ASP A 1 94  ? -2.972  -4.180  11.527  1.00 90.02  ? 692  ASP A CA  1 
ATOM   561  C  C   . ASP A 1 94  ? -4.394  -4.066  10.986  1.00 94.29  ? 692  ASP A C   1 
ATOM   562  O  O   . ASP A 1 94  ? -5.243  -3.419  11.607  1.00 97.78  ? 692  ASP A O   1 
ATOM   563  C  CB  . ASP A 1 94  ? -2.094  -3.023  11.035  1.00 88.24  ? 692  ASP A CB  1 
ATOM   564  C  CG  . ASP A 1 94  ? -2.502  -1.674  11.616  1.00 91.89  ? 692  ASP A CG  1 
ATOM   565  O  OD1 . ASP A 1 94  ? -2.945  -1.629  12.782  1.00 100.37 ? 692  ASP A OD1 1 
ATOM   566  O  OD2 . ASP A 1 94  ? -2.349  -0.648  10.918  1.00 92.79  ? 692  ASP A OD2 1 
ATOM   567  N  N   . LEU A 1 95  ? -4.678  -4.713  9.852   1.00 97.79  ? 693  LEU A N   1 
ATOM   568  C  CA  . LEU A 1 95  ? -6.014  -4.746  9.266   1.00 95.11  ? 693  LEU A CA  1 
ATOM   569  C  C   . LEU A 1 95  ? -6.803  -5.998  9.621   1.00 92.00  ? 693  LEU A C   1 
ATOM   570  O  O   . LEU A 1 95  ? -8.036  -5.955  9.624   1.00 103.17 ? 693  LEU A O   1 
ATOM   571  C  CB  . LEU A 1 95  ? -5.928  -4.651  7.736   1.00 93.56  ? 693  LEU A CB  1 
ATOM   572  C  CG  . LEU A 1 95  ? -5.124  -3.476  7.179   1.00 99.56  ? 693  LEU A CG  1 
ATOM   573  C  CD1 . LEU A 1 95  ? -4.922  -3.590  5.674   1.00 94.59  ? 693  LEU A CD1 1 
ATOM   574  C  CD2 . LEU A 1 95  ? -5.788  -2.165  7.548   1.00 101.11 ? 693  LEU A CD2 1 
ATOM   575  N  N   . GLY A 1 96  ? -6.135  -7.113  9.897   1.00 100.63 ? 694  GLY A N   1 
ATOM   576  C  CA  . GLY A 1 96  ? -6.825  -8.359  10.177  1.00 93.13  ? 694  GLY A CA  1 
ATOM   577  C  C   . GLY A 1 96  ? -7.338  -9.046  8.925   1.00 103.61 ? 694  GLY A C   1 
ATOM   578  O  O   . GLY A 1 96  ? -6.565  -9.406  8.030   1.00 93.71  ? 694  GLY A O   1 
ATOM   579  N  N   . MET A 1 103 ? -1.312  -13.272 -3.187  1.00 125.90 ? 701  MET A N   1 
ATOM   580  C  CA  . MET A 1 103 ? -1.441  -14.096 -4.385  1.00 127.11 ? 701  MET A CA  1 
ATOM   581  C  C   . MET A 1 103 ? -0.109  -14.206 -5.124  1.00 133.80 ? 701  MET A C   1 
ATOM   582  O  O   . MET A 1 103 ? 0.932   -14.445 -4.510  1.00 141.03 ? 701  MET A O   1 
ATOM   583  C  CB  . MET A 1 103 ? -2.515  -13.523 -5.312  1.00 120.96 ? 701  MET A CB  1 
ATOM   584  N  N   . CYS A 1 104 ? -0.149  -14.028 -6.444  1.00 127.11 ? 702  CYS A N   1 
ATOM   585  C  CA  . CYS A 1 104 ? 1.045   -14.131 -7.280  1.00 135.52 ? 702  CYS A CA  1 
ATOM   586  C  C   . CYS A 1 104 ? 1.989   -12.975 -6.964  1.00 133.81 ? 702  CYS A C   1 
ATOM   587  O  O   . CYS A 1 104 ? 1.738   -11.834 -7.363  1.00 120.51 ? 702  CYS A O   1 
ATOM   588  C  CB  . CYS A 1 104 ? 0.651   -14.135 -8.755  1.00 129.83 ? 702  CYS A CB  1 
ATOM   589  S  SG  . CYS A 1 104 ? 2.025   -14.338 -9.934  1.00 131.05 ? 702  CYS A SG  1 
ATOM   590  N  N   . TYR A 1 105 ? 3.079   -13.267 -6.254  1.00 153.33 ? 703  TYR A N   1 
ATOM   591  C  CA  . TYR A 1 105 ? 4.024   -12.242 -5.830  1.00 153.33 ? 703  TYR A CA  1 
ATOM   592  C  C   . TYR A 1 105 ? 5.065   -11.905 -6.889  1.00 153.33 ? 703  TYR A C   1 
ATOM   593  O  O   . TYR A 1 105 ? 5.767   -10.899 -6.744  1.00 153.33 ? 703  TYR A O   1 
ATOM   594  C  CB  . TYR A 1 105 ? 4.737   -12.674 -4.542  1.00 137.49 ? 703  TYR A CB  1 
ATOM   595  N  N   . SER A 1 106 ? 5.182   -12.712 -7.943  1.00 114.60 ? 704  SER A N   1 
ATOM   596  C  CA  . SER A 1 106 ? 6.182   -12.444 -8.968  1.00 113.87 ? 704  SER A CA  1 
ATOM   597  C  C   . SER A 1 106 ? 5.827   -11.233 -9.822  1.00 115.46 ? 704  SER A C   1 
ATOM   598  O  O   . SER A 1 106 ? 6.714   -10.674 -10.476 1.00 111.13 ? 704  SER A O   1 
ATOM   599  C  CB  . SER A 1 106 ? 6.372   -13.679 -9.857  1.00 110.68 ? 704  SER A CB  1 
ATOM   600  O  OG  . SER A 1 106 ? 5.240   -13.915 -10.677 1.00 113.68 ? 704  SER A OG  1 
ATOM   601  N  N   . ARG A 1 107 ? 4.562   -10.813 -9.824  1.00 115.58 ? 705  ARG A N   1 
ATOM   602  C  CA  . ARG A 1 107 ? 4.097   -9.706  -10.649 1.00 104.47 ? 705  ARG A CA  1 
ATOM   603  C  C   . ARG A 1 107 ? 3.822   -8.439  -9.851  1.00 101.46 ? 705  ARG A C   1 
ATOM   604  O  O   . ARG A 1 107 ? 3.333   -7.458  -10.423 1.00 84.18  ? 705  ARG A O   1 
ATOM   605  C  CB  . ARG A 1 107 ? 2.827   -10.113 -11.402 1.00 96.13  ? 705  ARG A CB  1 
ATOM   606  C  CG  . ARG A 1 107 ? 1.694   -10.454 -10.464 1.00 107.21 ? 705  ARG A CG  1 
ATOM   607  C  CD  . ARG A 1 107 ? 0.424   -10.837 -11.192 1.00 98.76  ? 705  ARG A CD  1 
ATOM   608  N  NE  . ARG A 1 107 ? -0.722  -10.811 -10.283 1.00 106.58 ? 705  ARG A NE  1 
ATOM   609  C  CZ  . ARG A 1 107 ? -1.939  -11.261 -10.581 1.00 100.11 ? 705  ARG A CZ  1 
ATOM   610  N  NH1 . ARG A 1 107 ? -2.191  -11.777 -11.773 1.00 103.21 ? 705  ARG A NH1 1 
ATOM   611  N  NH2 . ARG A 1 107 ? -2.915  -11.192 -9.686  1.00 87.91  ? 705  ARG A NH2 1 
ATOM   612  N  N   . THR A 1 108 ? 4.112   -8.429  -8.554  1.00 109.43 ? 706  THR A N   1 
ATOM   613  C  CA  . THR A 1 108 ? 3.838   -7.233  -7.782  1.00 93.43  ? 706  THR A CA  1 
ATOM   614  C  C   . THR A 1 108 ? 4.926   -6.185  -7.986  1.00 83.74  ? 706  THR A C   1 
ATOM   615  O  O   . THR A 1 108 ? 6.000   -6.445  -8.533  1.00 85.46  ? 706  THR A O   1 
ATOM   616  C  CB  . THR A 1 108 ? 3.726   -7.543  -6.290  1.00 96.84  ? 706  THR A CB  1 
ATOM   617  O  OG1 . THR A 1 108 ? 5.044   -7.662  -5.731  1.00 115.78 ? 706  THR A OG1 1 
ATOM   618  C  CG2 . THR A 1 108 ? 2.915   -8.806  -6.030  1.00 93.55  ? 706  THR A CG2 1 
ATOM   619  N  N   . LYS A 1 109 ? 4.595   -4.971  -7.560  1.00 83.37  ? 707  LYS A N   1 
ATOM   620  C  CA  . LYS A 1 109 ? 5.544   -3.930  -7.214  1.00 83.90  ? 707  LYS A CA  1 
ATOM   621  C  C   . LYS A 1 109 ? 5.054   -3.313  -5.911  1.00 92.64  ? 707  LYS A C   1 
ATOM   622  O  O   . LYS A 1 109 ? 3.844   -3.243  -5.667  1.00 91.39  ? 707  LYS A O   1 
ATOM   623  C  CB  . LYS A 1 109 ? 5.653   -2.864  -8.309  1.00 76.23  ? 707  LYS A CB  1 
ATOM   624  C  CG  . LYS A 1 109 ? 5.855   -3.447  -9.686  1.00 75.49  ? 707  LYS A CG  1 
ATOM   625  C  CD  . LYS A 1 109 ? 6.188   -2.388  -10.713 1.00 86.49  ? 707  LYS A CD  1 
ATOM   626  C  CE  . LYS A 1 109 ? 6.532   -3.042  -12.045 1.00 85.79  ? 707  LYS A CE  1 
ATOM   627  N  NZ  . LYS A 1 109 ? 7.068   -2.072  -13.039 1.00 80.04  ? 707  LYS A NZ  1 
ATOM   628  N  N   . THR A 1 110 ? 5.992   -2.889  -5.064  1.00 84.46  ? 708  THR A N   1 
ATOM   629  C  CA  . THR A 1 110 ? 5.656   -2.268  -3.784  1.00 80.25  ? 708  THR A CA  1 
ATOM   630  C  C   . THR A 1 110 ? 6.304   -0.897  -3.682  1.00 80.22  ? 708  THR A C   1 
ATOM   631  O  O   . THR A 1 110 ? 7.513   -0.761  -3.895  1.00 82.43  ? 708  THR A O   1 
ATOM   632  C  CB  . THR A 1 110 ? 6.089   -3.139  -2.593  1.00 79.85  ? 708  THR A CB  1 
ATOM   633  O  OG1 . THR A 1 110 ? 5.617   -4.485  -2.774  1.00 78.96  ? 708  THR A OG1 1 
ATOM   634  C  CG2 . THR A 1 110 ? 5.533   -2.577  -1.290  1.00 89.65  ? 708  THR A CG2 1 
ATOM   635  N  N   . LEU A 1 111 ? 5.496   0.110   -3.370  1.00 83.71  ? 709  LEU A N   1 
ATOM   636  C  CA  . LEU A 1 111 ? 5.972   1.455   -3.079  1.00 86.55  ? 709  LEU A CA  1 
ATOM   637  C  C   . LEU A 1 111 ? 5.949   1.674   -1.571  1.00 83.64  ? 709  LEU A C   1 
ATOM   638  O  O   . LEU A 1 111 ? 5.004   1.269   -0.887  1.00 76.26  ? 709  LEU A O   1 
ATOM   639  C  CB  . LEU A 1 111 ? 5.110   2.525   -3.761  1.00 91.66  ? 709  LEU A CB  1 
ATOM   640  C  CG  . LEU A 1 111 ? 5.211   2.882   -5.241  1.00 88.83  ? 709  LEU A CG  1 
ATOM   641  C  CD1 . LEU A 1 111 ? 5.085   1.661   -6.135  1.00 78.17  ? 709  LEU A CD1 1 
ATOM   642  C  CD2 . LEU A 1 111 ? 4.128   3.898   -5.580  1.00 75.18  ? 709  LEU A CD2 1 
ATOM   643  N  N   . LEU A 1 112 ? 6.990   2.324   -1.064  1.00 90.92  ? 710  LEU A N   1 
ATOM   644  C  CA  . LEU A 1 112 ? 7.121   2.629   0.351   1.00 85.95  ? 710  LEU A CA  1 
ATOM   645  C  C   . LEU A 1 112 ? 7.386   4.124   0.497   1.00 84.36  ? 710  LEU A C   1 
ATOM   646  O  O   . LEU A 1 112 ? 8.248   4.680   -0.198  1.00 77.82  ? 710  LEU A O   1 
ATOM   647  C  CB  . LEU A 1 112 ? 8.240   1.811   1.007   1.00 75.15  ? 710  LEU A CB  1 
ATOM   648  C  CG  . LEU A 1 112 ? 8.310   0.309   0.747   1.00 80.36  ? 710  LEU A CG  1 
ATOM   649  C  CD1 . LEU A 1 112 ? 9.483   -0.352  1.449   1.00 66.18  ? 710  LEU A CD1 1 
ATOM   650  C  CD2 . LEU A 1 112 ? 7.020   -0.344  1.190   1.00 82.93  ? 710  LEU A CD2 1 
ATOM   651  N  N   . PHE A 1 113 ? 6.637   4.781   1.386   1.00 81.40  ? 711  PHE A N   1 
ATOM   652  C  CA  . PHE A 1 113 ? 6.962   6.131   1.849   1.00 98.30  ? 711  PHE A CA  1 
ATOM   653  C  C   . PHE A 1 113 ? 7.854   6.001   3.075   1.00 91.47  ? 711  PHE A C   1 
ATOM   654  O  O   . PHE A 1 113 ? 7.495   5.309   4.035   1.00 90.78  ? 711  PHE A O   1 
ATOM   655  C  CB  . PHE A 1 113 ? 5.699   6.944   2.176   1.00 85.48  ? 711  PHE A CB  1 
ATOM   656  C  CG  . PHE A 1 113 ? 5.875   8.440   2.078   1.00 100.21 ? 711  PHE A CG  1 
ATOM   657  C  CD1 . PHE A 1 113 ? 6.770   9.131   2.889   1.00 103.91 ? 711  PHE A CD1 1 
ATOM   658  C  CD2 . PHE A 1 113 ? 5.092   9.160   1.200   1.00 101.89 ? 711  PHE A CD2 1 
ATOM   659  C  CE1 . PHE A 1 113 ? 6.899   10.519  2.772   1.00 104.72 ? 711  PHE A CE1 1 
ATOM   660  C  CE2 . PHE A 1 113 ? 5.209   10.532  1.093   1.00 100.25 ? 711  PHE A CE2 1 
ATOM   661  C  CZ  . PHE A 1 113 ? 6.118   11.214  1.874   1.00 105.67 ? 711  PHE A CZ  1 
ATOM   662  N  N   . ILE A 1 114 ? 9.010   6.646   3.037   1.00 93.63  ? 712  ILE A N   1 
ATOM   663  C  CA  . ILE A 1 114 ? 9.906   6.697   4.187   1.00 101.56 ? 712  ILE A CA  1 
ATOM   664  C  C   . ILE A 1 114 ? 9.857   8.102   4.769   1.00 97.52  ? 712  ILE A C   1 
ATOM   665  O  O   . ILE A 1 114 ? 9.807   9.093   4.028   1.00 99.06  ? 712  ILE A O   1 
ATOM   666  C  CB  . ILE A 1 114 ? 11.347  6.283   3.815   1.00 103.98 ? 712  ILE A CB  1 
ATOM   667  C  CG1 . ILE A 1 114 ? 11.989  7.269   2.838   1.00 104.16 ? 712  ILE A CG1 1 
ATOM   668  C  CG2 . ILE A 1 114 ? 11.374  4.870   3.182   1.00 99.42  ? 712  ILE A CG2 1 
ATOM   669  C  CD1 . ILE A 1 114 ? 12.702  8.426   3.493   1.00 106.12 ? 712  ILE A CD1 1 
ATOM   670  N  N   . SER A 1 115 ? 9.873   8.195   6.093   1.00 106.89 ? 713  SER A N   1 
ATOM   671  C  CA  . SER A 1 115 ? 9.955   9.507   6.716   1.00 107.47 ? 713  SER A CA  1 
ATOM   672  C  C   . SER A 1 115 ? 11.403  9.992   6.757   1.00 100.98 ? 713  SER A C   1 
ATOM   673  O  O   . SER A 1 115 ? 12.353  9.232   6.541   1.00 101.33 ? 713  SER A O   1 
ATOM   674  C  CB  . SER A 1 115 ? 9.363   9.466   8.121   1.00 93.59  ? 713  SER A CB  1 
ATOM   675  O  OG  . SER A 1 115 ? 10.054  8.533   8.937   1.00 98.80  ? 713  SER A OG  1 
ATOM   676  N  N   . ASN A 1 116 ? 11.566  11.283  7.054   1.00 112.37 ? 714  ASN A N   1 
ATOM   677  C  CA  . ASN A 1 116 ? 12.900  11.830  7.272   1.00 113.20 ? 714  ASN A CA  1 
ATOM   678  C  C   . ASN A 1 116 ? 13.595  11.172  8.457   1.00 103.83 ? 714  ASN A C   1 
ATOM   679  O  O   . ASN A 1 116 ? 14.831  11.198  8.533   1.00 117.23 ? 714  ASN A O   1 
ATOM   680  C  CB  . ASN A 1 116 ? 12.812  13.346  7.462   1.00 104.28 ? 714  ASN A CB  1 
ATOM   681  C  CG  . ASN A 1 116 ? 12.393  14.061  6.188   1.00 112.02 ? 714  ASN A CG  1 
ATOM   682  O  OD1 . ASN A 1 116 ? 12.829  13.698  5.090   1.00 124.14 ? 714  ASN A OD1 1 
ATOM   683  N  ND2 . ASN A 1 116 ? 11.534  15.065  6.321   1.00 95.26  ? 714  ASN A ND2 1 
ATOM   684  N  N   . ASP A 1 117 ? 12.827  10.566  9.366   1.00 89.84  ? 715  ASP A N   1 
ATOM   685  C  CA  . ASP A 1 117 ? 13.346  9.746   10.450  1.00 88.88  ? 715  ASP A CA  1 
ATOM   686  C  C   . ASP A 1 117 ? 13.689  8.329   10.021  1.00 109.12 ? 715  ASP A C   1 
ATOM   687  O  O   . ASP A 1 117 ? 13.750  7.447   10.885  1.00 122.42 ? 715  ASP A O   1 
ATOM   688  C  CB  . ASP A 1 117 ? 12.336  9.693   11.590  1.00 95.48  ? 715  ASP A CB  1 
ATOM   689  C  CG  . ASP A 1 117 ? 11.946  11.068  12.073  1.00 123.30 ? 715  ASP A CG  1 
ATOM   690  O  OD1 . ASP A 1 117 ? 12.483  12.045  11.522  1.00 130.64 ? 715  ASP A OD1 1 
ATOM   691  O  OD2 . ASP A 1 117 ? 11.115  11.163  12.997  1.00 126.95 ? 715  ASP A OD2 1 
ATOM   692  N  N   . LYS A 1 118 ? 13.881  8.088   8.723   1.00 108.09 ? 716  LYS A N   1 
ATOM   693  C  CA  . LYS A 1 118 ? 14.282  6.777   8.205   1.00 111.24 ? 716  LYS A CA  1 
ATOM   694  C  C   . LYS A 1 118 ? 13.279  5.687   8.586   1.00 106.84 ? 716  LYS A C   1 
ATOM   695  O  O   . LYS A 1 118 ? 13.643  4.529   8.809   1.00 107.78 ? 716  LYS A O   1 
ATOM   696  C  CB  . LYS A 1 118 ? 15.693  6.406   8.673   1.00 95.88  ? 716  LYS A CB  1 
ATOM   697  N  N   . LYS A 1 119 ? 12.002  6.057   8.668   1.00 91.75  ? 717  LYS A N   1 
ATOM   698  C  CA  . LYS A 1 119 ? 10.942  5.119   9.002   1.00 103.82 ? 717  LYS A CA  1 
ATOM   699  C  C   . LYS A 1 119 ? 9.900   5.055   7.884   1.00 101.76 ? 717  LYS A C   1 
ATOM   700  O  O   . LYS A 1 119 ? 9.647   6.043   7.184   1.00 93.87  ? 717  LYS A O   1 
ATOM   701  C  CB  . LYS A 1 119 ? 10.278  5.495   10.331  1.00 89.51  ? 717  LYS A CB  1 
ATOM   702  N  N   . VAL A 1 120 ? 9.304   3.876   7.721   1.00 90.30  ? 718  VAL A N   1 
ATOM   703  C  CA  . VAL A 1 120 ? 8.352   3.626   6.645   1.00 87.49  ? 718  VAL A CA  1 
ATOM   704  C  C   . VAL A 1 120 ? 6.982   4.081   7.125   1.00 97.66  ? 718  VAL A C   1 
ATOM   705  O  O   . VAL A 1 120 ? 6.418   3.497   8.055   1.00 99.29  ? 718  VAL A O   1 
ATOM   706  C  CB  . VAL A 1 120 ? 8.334   2.150   6.225   1.00 96.20  ? 718  VAL A CB  1 
ATOM   707  C  CG1 . VAL A 1 120 ? 7.292   1.923   5.129   1.00 82.78  ? 718  VAL A CG1 1 
ATOM   708  C  CG2 . VAL A 1 120 ? 9.709   1.718   5.757   1.00 95.57  ? 718  VAL A CG2 1 
ATOM   709  N  N   . VAL A 1 121 ? 6.443   5.122   6.480   1.00 99.36  ? 719  VAL A N   1 
ATOM   710  C  CA  . VAL A 1 121 ? 5.145   5.661   6.867   1.00 91.11  ? 719  VAL A CA  1 
ATOM   711  C  C   . VAL A 1 121 ? 4.023   5.205   5.941   1.00 99.27  ? 719  VAL A C   1 
ATOM   712  O  O   . VAL A 1 121 ? 2.844   5.310   6.318   1.00 89.80  ? 719  VAL A O   1 
ATOM   713  C  CB  . VAL A 1 121 ? 5.184   7.201   6.927   1.00 94.95  ? 719  VAL A CB  1 
ATOM   714  C  CG1 . VAL A 1 121 ? 5.938   7.642   8.183   1.00 108.20 ? 719  VAL A CG1 1 
ATOM   715  C  CG2 . VAL A 1 121 ? 5.832   7.792   5.683   1.00 95.21  ? 719  VAL A CG2 1 
ATOM   716  N  N   . GLY A 1 122 ? 4.347   4.690   4.749   1.00 92.57  ? 720  GLY A N   1 
ATOM   717  C  CA  . GLY A 1 122 ? 3.318   4.302   3.798   1.00 88.44  ? 720  GLY A CA  1 
ATOM   718  C  C   . GLY A 1 122 ? 3.688   3.142   2.897   1.00 92.18  ? 720  GLY A C   1 
ATOM   719  O  O   . GLY A 1 122 ? 4.832   3.026   2.446   1.00 82.50  ? 720  GLY A O   1 
ATOM   720  N  N   . CYS A 1 123 ? 2.710   2.287   2.608   1.00 82.76  ? 721  CYS A N   1 
ATOM   721  C  CA  . CYS A 1 123 ? 2.944   1.083   1.825   1.00 80.27  ? 721  CYS A CA  1 
ATOM   722  C  C   . CYS A 1 123 ? 1.819   0.890   0.816   1.00 78.24  ? 721  CYS A C   1 
ATOM   723  O  O   . CYS A 1 123 ? 0.644   1.033   1.166   1.00 71.01  ? 721  CYS A O   1 
ATOM   724  C  CB  . CYS A 1 123 ? 3.048   -0.142  2.738   1.00 69.90  ? 721  CYS A CB  1 
ATOM   725  S  SG  . CYS A 1 123 ? 3.255   -1.672  1.850   1.00 85.45  ? 721  CYS A SG  1 
ATOM   726  N  N   . LEU A 1 124 ? 2.179   0.542   -0.425  1.00 81.27  ? 722  LEU A N   1 
ATOM   727  C  CA  . LEU A 1 124 ? 1.202   0.297   -1.483  1.00 73.76  ? 722  LEU A CA  1 
ATOM   728  C  C   . LEU A 1 124 ? 1.718   -0.805  -2.403  1.00 83.34  ? 722  LEU A C   1 
ATOM   729  O  O   . LEU A 1 124 ? 2.801   -0.674  -2.981  1.00 83.89  ? 722  LEU A O   1 
ATOM   730  C  CB  . LEU A 1 124 ? 0.904   1.584   -2.272  1.00 82.18  ? 722  LEU A CB  1 
ATOM   731  C  CG  . LEU A 1 124 ? 0.368   1.493   -3.696  1.00 88.49  ? 722  LEU A CG  1 
ATOM   732  C  CD1 . LEU A 1 124 ? -0.967  0.851   -3.648  1.00 83.68  ? 722  LEU A CD1 1 
ATOM   733  C  CD2 . LEU A 1 124 ? 0.214   2.865   -4.366  1.00 71.71  ? 722  LEU A CD2 1 
ATOM   734  N  N   . ILE A 1 125 ? 0.937   -1.880  -2.543  1.00 81.91  ? 723  ILE A N   1 
ATOM   735  C  CA  . ILE A 1 125 ? 1.315   -3.052  -3.332  1.00 86.44  ? 723  ILE A CA  1 
ATOM   736  C  C   . ILE A 1 125 ? 0.338   -3.186  -4.491  1.00 74.09  ? 723  ILE A C   1 
ATOM   737  O  O   . ILE A 1 125 ? -0.876  -3.236  -4.272  1.00 81.52  ? 723  ILE A O   1 
ATOM   738  C  CB  . ILE A 1 125 ? 1.324   -4.338  -2.479  1.00 85.55  ? 723  ILE A CB  1 
ATOM   739  C  CG1 . ILE A 1 125 ? 2.194   -4.146  -1.228  1.00 89.42  ? 723  ILE A CG1 1 
ATOM   740  C  CG2 . ILE A 1 125 ? 1.795   -5.530  -3.300  1.00 66.81  ? 723  ILE A CG2 1 
ATOM   741  C  CD1 . ILE A 1 125 ? 2.134   -5.309  -0.229  1.00 82.31  ? 723  ILE A CD1 1 
ATOM   742  N  N   . ALA A 1 126 ? 0.864   -3.266  -5.715  1.00 74.92  ? 724  ALA A N   1 
ATOM   743  C  CA  . ALA A 1 126 ? 0.048   -3.287  -6.923  1.00 75.15  ? 724  ALA A CA  1 
ATOM   744  C  C   . ALA A 1 126 ? 0.474   -4.426  -7.845  1.00 83.14  ? 724  ALA A C   1 
ATOM   745  O  O   . ALA A 1 126 ? 1.666   -4.619  -8.101  1.00 86.53  ? 724  ALA A O   1 
ATOM   746  C  CB  . ALA A 1 126 ? 0.149   -1.950  -7.672  1.00 67.74  ? 724  ALA A CB  1 
ATOM   747  N  N   . GLU A 1 127 ? -0.503  -5.162  -8.362  1.00 90.37  ? 725  GLU A N   1 
ATOM   748  C  CA  . GLU A 1 127 ? -0.254  -6.313  -9.223  1.00 84.73  ? 725  GLU A CA  1 
ATOM   749  C  C   . GLU A 1 127 ? -0.503  -5.946  -10.678 1.00 71.45  ? 725  GLU A C   1 
ATOM   750  O  O   . GLU A 1 127 ? -1.514  -5.315  -11.000 1.00 70.82  ? 725  GLU A O   1 
ATOM   751  C  CB  . GLU A 1 127 ? -1.144  -7.489  -8.822  1.00 78.12  ? 725  GLU A CB  1 
ATOM   752  C  CG  . GLU A 1 127 ? -0.905  -7.952  -7.391  1.00 96.33  ? 725  GLU A CG  1 
ATOM   753  C  CD  . GLU A 1 127 ? -1.772  -9.126  -6.993  1.00 101.97 ? 725  GLU A CD  1 
ATOM   754  O  OE1 . GLU A 1 127 ? -2.439  -9.034  -5.936  1.00 100.05 ? 725  GLU A OE1 1 
ATOM   755  O  OE2 . GLU A 1 127 ? -1.775  -10.139 -7.725  1.00 97.37  ? 725  GLU A OE2 1 
ATOM   756  N  N   . HIS A 1 128 ? 0.414   -6.360  -11.550 1.00 77.59  ? 726  HIS A N   1 
ATOM   757  C  CA  . HIS A 1 128 ? 0.270   -6.162  -12.987 1.00 77.35  ? 726  HIS A CA  1 
ATOM   758  C  C   . HIS A 1 128 ? -0.541  -7.315  -13.585 1.00 82.99  ? 726  HIS A C   1 
ATOM   759  O  O   . HIS A 1 128 ? -0.083  -8.457  -13.564 1.00 89.09  ? 726  HIS A O   1 
ATOM   760  C  CB  . HIS A 1 128 ? 1.645   -6.071  -13.646 1.00 76.98  ? 726  HIS A CB  1 
ATOM   761  C  CG  . HIS A 1 128 ? 1.589   -5.719  -15.094 1.00 80.54  ? 726  HIS A CG  1 
ATOM   762  N  ND1 . HIS A 1 128 ? 1.228   -6.627  -16.064 1.00 81.37  ? 726  HIS A ND1 1 
ATOM   763  C  CD2 . HIS A 1 128 ? 1.886   -4.568  -15.742 1.00 89.04  ? 726  HIS A CD2 1 
ATOM   764  C  CE1 . HIS A 1 128 ? 1.281   -6.044  -17.248 1.00 89.15  ? 726  HIS A CE1 1 
ATOM   765  N  NE2 . HIS A 1 128 ? 1.680   -4.796  -17.081 1.00 84.60  ? 726  HIS A NE2 1 
ATOM   766  N  N   . ILE A 1 129 ? -1.731  -7.026  -14.122 1.00 84.08  ? 727  ILE A N   1 
ATOM   767  C  CA  . ILE A 1 129 ? -2.679  -8.050  -14.558 1.00 79.77  ? 727  ILE A CA  1 
ATOM   768  C  C   . ILE A 1 129 ? -2.604  -8.139  -16.071 1.00 84.37  ? 727  ILE A C   1 
ATOM   769  O  O   . ILE A 1 129 ? -2.850  -7.145  -16.763 1.00 78.90  ? 727  ILE A O   1 
ATOM   770  C  CB  . ILE A 1 129 ? -4.112  -7.719  -14.116 1.00 88.12  ? 727  ILE A CB  1 
ATOM   771  C  CG1 . ILE A 1 129 ? -4.188  -7.622  -12.600 1.00 82.08  ? 727  ILE A CG1 1 
ATOM   772  C  CG2 . ILE A 1 129 ? -5.101  -8.786  -14.634 1.00 84.72  ? 727  ILE A CG2 1 
ATOM   773  C  CD1 . ILE A 1 129 ? -3.597  -8.757  -11.927 1.00 102.07 ? 727  ILE A CD1 1 
ATOM   774  N  N   . GLN A 1 130 ? -2.280  -9.323  -16.587 1.00 82.05  ? 728  GLN A N   1 
ATOM   775  C  CA  . GLN A 1 130 ? -2.228  -9.526  -18.027 1.00 76.19  ? 728  GLN A CA  1 
ATOM   776  C  C   . GLN A 1 130 ? -3.550  -10.016 -18.614 1.00 80.17  ? 728  GLN A C   1 
ATOM   777  O  O   . GLN A 1 130 ? -3.784  -9.817  -19.809 1.00 75.27  ? 728  GLN A O   1 
ATOM   778  C  CB  . GLN A 1 130 ? -1.106  -10.518 -18.383 1.00 74.95  ? 728  GLN A CB  1 
ATOM   779  N  N   . TRP A 1 131 ? -4.415  -10.642 -17.818 1.00 66.33  ? 729  TRP A N   1 
ATOM   780  C  CA  . TRP A 1 131 ? -5.589  -11.340 -18.328 1.00 73.26  ? 729  TRP A CA  1 
ATOM   781  C  C   . TRP A 1 131 ? -6.893  -10.817 -17.721 1.00 93.87  ? 729  TRP A C   1 
ATOM   782  O  O   . TRP A 1 131 ? -7.805  -11.591 -17.407 1.00 83.48  ? 729  TRP A O   1 
ATOM   783  C  CB  . TRP A 1 131 ? -5.451  -12.840 -18.082 1.00 81.23  ? 729  TRP A CB  1 
ATOM   784  N  N   . GLY A 1 132 ? -7.022  -9.495  -17.590 1.00 79.21  ? 730  GLY A N   1 
ATOM   785  C  CA  . GLY A 1 132 ? -8.215  -8.909  -17.015 1.00 67.96  ? 730  GLY A CA  1 
ATOM   786  C  C   . GLY A 1 132 ? -9.249  -8.421  -18.010 1.00 70.64  ? 730  GLY A C   1 
ATOM   787  O  O   . GLY A 1 132 ? -8.980  -7.533  -18.828 1.00 74.11  ? 730  GLY A O   1 
ATOM   788  N  N   . TYR A 1 133 ? -10.452 -8.987  -17.919 1.00 68.24  ? 731  TYR A N   1 
ATOM   789  C  CA  . TYR A 1 133 ? -11.576 -8.658  -18.789 1.00 67.64  ? 731  TYR A CA  1 
ATOM   790  C  C   . TYR A 1 133 ? -12.468 -7.635  -18.100 1.00 69.37  ? 731  TYR A C   1 
ATOM   791  O  O   . TYR A 1 133 ? -12.854 -7.833  -16.943 1.00 67.69  ? 731  TYR A O   1 
ATOM   792  C  CB  . TYR A 1 133 ? -12.368 -9.928  -19.109 1.00 65.94  ? 731  TYR A CB  1 
ATOM   793  C  CG  . TYR A 1 133 ? -11.636 -10.895 -20.027 1.00 82.74  ? 731  TYR A CG  1 
ATOM   794  C  CD1 . TYR A 1 133 ? -10.881 -11.931 -19.499 1.00 84.17  ? 731  TYR A CD1 1 
ATOM   795  C  CD2 . TYR A 1 133 ? -11.774 -10.818 -21.417 1.00 71.60  ? 731  TYR A CD2 1 
ATOM   796  C  CE1 . TYR A 1 133 ? -10.207 -12.816 -20.307 1.00 91.54  ? 731  TYR A CE1 1 
ATOM   797  C  CE2 . TYR A 1 133 ? -11.112 -11.703 -22.254 1.00 78.71  ? 731  TYR A CE2 1 
ATOM   798  C  CZ  . TYR A 1 133 ? -10.331 -12.725 -21.674 1.00 94.93  ? 731  TYR A CZ  1 
ATOM   799  O  OH  . TYR A 1 133 ? -9.644  -13.649 -22.421 1.00 86.09  ? 731  TYR A OH  1 
ATOM   800  N  N   . ARG A 1 134 ? -12.776 -6.541  -18.801 1.00 65.64  ? 732  ARG A N   1 
ATOM   801  C  CA  . ARG A 1 134 ? -13.725 -5.549  -18.297 1.00 71.77  ? 732  ARG A CA  1 
ATOM   802  C  C   . ARG A 1 134 ? -15.121 -6.164  -18.202 1.00 81.34  ? 732  ARG A C   1 
ATOM   803  O  O   . ARG A 1 134 ? -15.675 -6.633  -19.206 1.00 74.71  ? 732  ARG A O   1 
ATOM   804  C  CB  . ARG A 1 134 ? -13.764 -4.325  -19.212 1.00 67.77  ? 732  ARG A CB  1 
ATOM   805  C  CG  . ARG A 1 134 ? -12.520 -3.464  -19.236 1.00 77.65  ? 732  ARG A CG  1 
ATOM   806  C  CD  . ARG A 1 134 ? -12.702 -2.258  -20.162 1.00 60.74  ? 732  ARG A CD  1 
ATOM   807  N  N   . VAL A 1 135 ? -15.694 -6.143  -17.000 1.00 67.56  ? 733  VAL A N   1 
ATOM   808  C  CA  . VAL A 1 135 ? -17.027 -6.667  -16.724 1.00 71.46  ? 733  VAL A CA  1 
ATOM   809  C  C   . VAL A 1 135 ? -17.824 -5.605  -15.961 1.00 75.32  ? 733  VAL A C   1 
ATOM   810  O  O   . VAL A 1 135 ? -17.265 -4.808  -15.212 1.00 71.40  ? 733  VAL A O   1 
ATOM   811  C  CB  . VAL A 1 135 ? -16.939 -7.998  -15.928 1.00 70.52  ? 733  VAL A CB  1 
ATOM   812  C  CG1 . VAL A 1 135 ? -18.311 -8.488  -15.499 1.00 75.14  ? 733  VAL A CG1 1 
ATOM   813  C  CG2 . VAL A 1 135 ? -16.263 -9.083  -16.773 1.00 65.27  ? 733  VAL A CG2 1 
ATOM   814  N  N   . ILE A 1 136 ? -19.145 -5.576  -16.173 1.00 85.92  ? 734  ILE A N   1 
ATOM   815  C  CA  . ILE A 1 136 ? -20.010 -4.762  -15.315 1.00 87.01  ? 734  ILE A CA  1 
ATOM   816  C  C   . ILE A 1 136 ? -20.867 -5.703  -14.469 1.00 78.52  ? 734  ILE A C   1 
ATOM   817  O  O   . ILE A 1 136 ? -21.503 -6.635  -14.980 1.00 75.10  ? 734  ILE A O   1 
ATOM   818  C  CB  . ILE A 1 136 ? -20.846 -3.726  -16.098 1.00 68.72  ? 734  ILE A CB  1 
ATOM   819  C  CG1 . ILE A 1 136 ? -21.988 -4.317  -16.940 1.00 102.23 ? 734  ILE A CG1 1 
ATOM   820  C  CG2 . ILE A 1 136 ? -19.943 -2.798  -16.885 1.00 71.21  ? 734  ILE A CG2 1 
ATOM   821  C  CD1 . ILE A 1 136 ? -23.397 -4.205  -16.257 1.00 95.79  ? 734  ILE A CD1 1 
ATOM   822  N  N   . GLU A 1 137 ? -20.827 -5.467  -13.162 1.00 75.10  ? 735  GLU A N   1 
ATOM   823  C  CA  . GLU A 1 137 ? -21.480 -6.291  -12.158 1.00 77.91  ? 735  GLU A CA  1 
ATOM   824  C  C   . GLU A 1 137 ? -22.662 -5.507  -11.596 1.00 87.49  ? 735  GLU A C   1 
ATOM   825  O  O   . GLU A 1 137 ? -22.497 -4.390  -11.084 1.00 69.40  ? 735  GLU A O   1 
ATOM   826  C  CB  . GLU A 1 137 ? -20.483 -6.666  -11.060 1.00 82.25  ? 735  GLU A CB  1 
ATOM   827  C  CG  . GLU A 1 137 ? -20.975 -7.709  -10.067 1.00 87.26  ? 735  GLU A CG  1 
ATOM   828  N  N   . GLU A 1 138 ? -23.852 -6.080  -11.739 1.00 87.67  ? 736  GLU A N   1 
ATOM   829  C  CA  . GLU A 1 138 ? -25.083 -5.506  -11.215 1.00 87.25  ? 736  GLU A CA  1 
ATOM   830  C  C   . GLU A 1 138 ? -25.127 -5.645  -9.697  1.00 82.57  ? 736  GLU A C   1 
ATOM   831  O  O   . GLU A 1 138 ? -24.925 -6.738  -9.166  1.00 99.28  ? 736  GLU A O   1 
ATOM   832  C  CB  . GLU A 1 138 ? -26.267 -6.232  -11.853 1.00 92.52  ? 736  GLU A CB  1 
ATOM   833  C  CG  . GLU A 1 138 ? -26.794 -5.622  -13.142 1.00 93.58  ? 736  GLU A CG  1 
ATOM   834  C  CD  . GLU A 1 138 ? -27.818 -6.509  -13.863 1.00 93.00  ? 736  GLU A CD  1 
ATOM   835  O  OE1 . GLU A 1 138 ? -27.843 -7.759  -13.658 1.00 98.24  ? 736  GLU A OE1 1 
ATOM   836  O  OE2 . GLU A 1 138 ? -28.637 -5.946  -14.604 1.00 108.01 ? 736  GLU A OE2 1 
ATOM   837  N  N   . LYS A 1 139 ? -25.381 -4.549  -8.989  1.00 83.07  ? 737  LYS A N   1 
ATOM   838  C  CA  . LYS A 1 139 ? -25.464 -4.598  -7.522  1.00 96.48  ? 737  LYS A CA  1 
ATOM   839  C  C   . LYS A 1 139 ? -26.492 -3.565  -7.073  1.00 93.86  ? 737  LYS A C   1 
ATOM   840  O  O   . LYS A 1 139 ? -26.158 -2.397  -6.847  1.00 103.64 ? 737  LYS A O   1 
ATOM   841  C  CB  . LYS A 1 139 ? -24.106 -4.357  -6.870  1.00 76.82  ? 737  LYS A CB  1 
ATOM   842  N  N   . LEU A 1 140 ? -27.750 -4.010  -6.945  1.00 91.82  ? 738  LEU A N   1 
ATOM   843  C  CA  . LEU A 1 140 ? -28.802 -3.194  -6.349  1.00 102.59 ? 738  LEU A CA  1 
ATOM   844  C  C   . LEU A 1 140 ? -28.603 -3.101  -4.834  1.00 102.54 ? 738  LEU A C   1 
ATOM   845  O  O   . LEU A 1 140 ? -28.230 -4.089  -4.194  1.00 109.66 ? 738  LEU A O   1 
ATOM   846  C  CB  . LEU A 1 140 ? -30.177 -3.785  -6.660  1.00 88.33  ? 738  LEU A CB  1 
ATOM   847  N  N   . PRO A 1 141 ? -28.838 -1.920  -4.229  1.00 111.85 ? 739  PRO A N   1 
ATOM   848  C  CA  . PRO A 1 141 ? -28.637 -1.701  -2.783  1.00 111.62 ? 739  PRO A CA  1 
ATOM   849  C  C   . PRO A 1 141 ? -29.729 -2.320  -1.905  1.00 104.56 ? 739  PRO A C   1 
ATOM   850  O  O   . PRO A 1 141 ? -30.887 -1.895  -1.981  1.00 101.04 ? 739  PRO A O   1 
ATOM   851  C  CB  . PRO A 1 141 ? -28.657 -0.169  -2.649  1.00 96.06  ? 739  PRO A CB  1 
ATOM   852  C  CG  . PRO A 1 141 ? -28.552 0.367   -4.060  1.00 98.08  ? 739  PRO A CG  1 
ATOM   853  C  CD  . PRO A 1 141 ? -29.198 -0.672  -4.921  1.00 98.12  ? 739  PRO A CD  1 
ATOM   854  N  N   . ALA A 1 157 ? -23.754 -11.165 -14.822 1.00 87.62  ? 755  ALA A N   1 
ATOM   855  C  CA  . ALA A 1 157 ? -22.621 -10.273 -15.037 1.00 92.31  ? 755  ALA A CA  1 
ATOM   856  C  C   . ALA A 1 157 ? -22.358 -10.116 -16.535 1.00 83.84  ? 755  ALA A C   1 
ATOM   857  O  O   . ALA A 1 157 ? -22.105 -11.102 -17.222 1.00 98.53  ? 755  ALA A O   1 
ATOM   858  C  CB  . ALA A 1 157 ? -21.365 -10.797 -14.312 1.00 73.40  ? 755  ALA A CB  1 
ATOM   859  N  N   . TRP A 1 158 ? -22.394 -8.870  -17.020 1.00 72.25  ? 756  TRP A N   1 
ATOM   860  C  CA  . TRP A 1 158 ? -22.297 -8.582  -18.450 1.00 80.10  ? 756  TRP A CA  1 
ATOM   861  C  C   . TRP A 1 158 ? -20.841 -8.483  -18.911 1.00 76.07  ? 756  TRP A C   1 
ATOM   862  O  O   . TRP A 1 158 ? -19.977 -7.952  -18.203 1.00 84.26  ? 756  TRP A O   1 
ATOM   863  C  CB  . TRP A 1 158 ? -23.027 -7.274  -18.784 1.00 73.66  ? 756  TRP A CB  1 
ATOM   864  C  CG  . TRP A 1 158 ? -24.451 -7.224  -18.303 1.00 89.68  ? 756  TRP A CG  1 
ATOM   865  C  CD1 . TRP A 1 158 ? -24.874 -7.027  -17.030 1.00 82.66  ? 756  TRP A CD1 1 
ATOM   866  C  CD2 . TRP A 1 158 ? -25.643 -7.337  -19.114 1.00 83.55  ? 756  TRP A CD2 1 
ATOM   867  N  NE1 . TRP A 1 158 ? -26.268 -7.053  -16.982 1.00 86.27  ? 756  TRP A NE1 1 
ATOM   868  C  CE2 . TRP A 1 158 ? -26.753 -7.222  -18.254 1.00 88.61  ? 756  TRP A CE2 1 
ATOM   869  C  CE3 . TRP A 1 158 ? -25.872 -7.516  -20.482 1.00 75.49  ? 756  TRP A CE3 1 
ATOM   870  C  CZ2 . TRP A 1 158 ? -28.054 -7.287  -18.704 1.00 81.33  ? 756  TRP A CZ2 1 
ATOM   871  C  CZ3 . TRP A 1 158 ? -27.174 -7.577  -20.930 1.00 81.80  ? 756  TRP A CZ3 1 
ATOM   872  C  CH2 . TRP A 1 158 ? -28.250 -7.458  -20.036 1.00 80.87  ? 756  TRP A CH2 1 
ATOM   873  N  N   . CYS A 1 159 ? -20.584 -8.971  -20.122 1.00 80.35  ? 757  CYS A N   1 
ATOM   874  C  CA  . CYS A 1 159 ? -19.287 -8.791  -20.763 1.00 74.20  ? 757  CYS A CA  1 
ATOM   875  C  C   . CYS A 1 159 ? -19.208 -7.413  -21.405 1.00 73.13  ? 757  CYS A C   1 
ATOM   876  O  O   . CYS A 1 159 ? -20.216 -6.845  -21.835 1.00 81.99  ? 757  CYS A O   1 
ATOM   877  C  CB  . CYS A 1 159 ? -19.057 -9.853  -21.841 1.00 68.07  ? 757  CYS A CB  1 
ATOM   878  S  SG  . CYS A 1 159 ? -19.357 -11.555 -21.334 1.00 82.06  ? 757  CYS A SG  1 
ATOM   879  N  N   . CYS A 1 160 ? -17.990 -6.885  -21.493 1.00 62.95  ? 758  CYS A N   1 
ATOM   880  C  CA  . CYS A 1 160 ? -17.748 -5.611  -22.152 1.00 62.86  ? 758  CYS A CA  1 
ATOM   881  C  C   . CYS A 1 160 ? -16.840 -5.724  -23.363 1.00 73.48  ? 758  CYS A C   1 
ATOM   882  O  O   . CYS A 1 160 ? -16.697 -4.742  -24.100 1.00 70.62  ? 758  CYS A O   1 
ATOM   883  C  CB  . CYS A 1 160 ? -17.121 -4.613  -21.170 1.00 78.05  ? 758  CYS A CB  1 
ATOM   884  S  SG  . CYS A 1 160 ? -18.178 -4.232  -19.763 1.00 81.31  ? 758  CYS A SG  1 
ATOM   885  N  N   . SER A 1 161 ? -16.207 -6.879  -23.565 1.00 84.16  ? 759  SER A N   1 
ATOM   886  C  CA  . SER A 1 161 ? -15.249 -7.072  -24.643 1.00 90.76  ? 759  SER A CA  1 
ATOM   887  C  C   . SER A 1 161 ? -14.948 -8.556  -24.775 1.00 83.79  ? 759  SER A C   1 
ATOM   888  O  O   . SER A 1 161 ? -15.030 -9.315  -23.804 1.00 75.46  ? 759  SER A O   1 
ATOM   889  C  CB  . SER A 1 161 ? -13.946 -6.297  -24.406 1.00 90.32  ? 759  SER A CB  1 
ATOM   890  O  OG  . SER A 1 161 ? -13.040 -6.512  -25.483 1.00 100.71 ? 759  SER A OG  1 
ATOM   891  N  N   . THR A 1 162 ? -14.590 -8.953  -25.993 1.00 92.90  ? 760  THR A N   1 
ATOM   892  C  CA  . THR A 1 162 ? -14.189 -10.325 -26.259 1.00 100.77 ? 760  THR A CA  1 
ATOM   893  C  C   . THR A 1 162 ? -12.734 -10.589 -25.894 1.00 93.55  ? 760  THR A C   1 
ATOM   894  O  O   . THR A 1 162 ? -12.361 -11.747 -25.677 1.00 86.53  ? 760  THR A O   1 
ATOM   895  C  CB  . THR A 1 162 ? -14.427 -10.634 -27.729 1.00 91.73  ? 760  THR A CB  1 
ATOM   896  O  OG1 . THR A 1 162 ? -13.902 -9.557  -28.518 1.00 103.18 ? 760  THR A OG1 1 
ATOM   897  C  CG2 . THR A 1 162 ? -15.923 -10.733 -27.985 1.00 96.64  ? 760  THR A CG2 1 
ATOM   898  N  N   . LEU A 1 163 ? -11.921 -9.541  -25.797 1.00 85.18  ? 761  LEU A N   1 
ATOM   899  C  CA  . LEU A 1 163 ? -10.494 -9.587  -25.544 1.00 85.17  ? 761  LEU A CA  1 
ATOM   900  C  C   . LEU A 1 163 ? -10.182 -8.924  -24.195 1.00 87.10  ? 761  LEU A C   1 
ATOM   901  O  O   . LEU A 1 163 ? -10.965 -8.106  -23.703 1.00 82.58  ? 761  LEU A O   1 
ATOM   902  C  CB  . LEU A 1 163 ? -9.729  -8.877  -26.674 1.00 83.48  ? 761  LEU A CB  1 
ATOM   903  C  CG  . LEU A 1 163 ? -9.826  -9.512  -28.060 1.00 101.32 ? 761  LEU A CG  1 
ATOM   904  C  CD1 . LEU A 1 163 ? -9.109  -8.680  -29.103 1.00 99.28  ? 761  LEU A CD1 1 
ATOM   905  C  CD2 . LEU A 1 163 ? -9.280  -10.925 -28.069 1.00 84.76  ? 761  LEU A CD2 1 
ATOM   906  N  N   . PRO A 1 164 ? -9.055  -9.259  -23.574 1.00 89.32  ? 762  PRO A N   1 
ATOM   907  C  CA  . PRO A 1 164 ? -8.718  -8.624  -22.293 1.00 80.46  ? 762  PRO A CA  1 
ATOM   908  C  C   . PRO A 1 164 ? -8.067  -7.269  -22.517 1.00 80.02  ? 762  PRO A C   1 
ATOM   909  O  O   . PRO A 1 164 ? -7.621  -6.930  -23.613 1.00 85.53  ? 762  PRO A O   1 
ATOM   910  C  CB  . PRO A 1 164 ? -7.737  -9.614  -21.659 1.00 77.60  ? 762  PRO A CB  1 
ATOM   911  C  CG  . PRO A 1 164 ? -7.031  -10.193 -22.838 1.00 68.72  ? 762  PRO A CG  1 
ATOM   912  C  CD  . PRO A 1 164 ? -8.036  -10.244 -23.967 1.00 74.22  ? 762  PRO A CD  1 
ATOM   913  N  N   . GLU A 1 165 ? -8.002  -6.493  -21.438 1.00 64.47  ? 763  GLU A N   1 
ATOM   914  C  CA  . GLU A 1 165 ? -7.343  -5.203  -21.594 1.00 68.34  ? 763  GLU A CA  1 
ATOM   915  C  C   . GLU A 1 165 ? -5.832  -5.380  -21.565 1.00 75.40  ? 763  GLU A C   1 
ATOM   916  O  O   . GLU A 1 165 ? -5.324  -6.235  -20.831 1.00 77.62  ? 763  GLU A O   1 
ATOM   917  C  CB  . GLU A 1 165 ? -7.769  -4.241  -20.490 1.00 86.61  ? 763  GLU A CB  1 
ATOM   918  C  CG  . GLU A 1 165 ? -9.264  -4.167  -20.339 1.00 70.90  ? 763  GLU A CG  1 
ATOM   919  C  CD  . GLU A 1 165 ? -9.897  -3.524  -21.553 1.00 80.87  ? 763  GLU A CD  1 
ATOM   920  O  OE1 . GLU A 1 165 ? -10.903 -4.068  -22.064 1.00 84.65  ? 763  GLU A OE1 1 
ATOM   921  O  OE2 . GLU A 1 165 ? -9.364  -2.489  -22.009 1.00 79.27  ? 763  GLU A OE2 1 
ATOM   922  N  N   . PRO A 1 166 ? -5.119  -4.579  -22.361 1.00 81.13  ? 764  PRO A N   1 
ATOM   923  C  CA  . PRO A 1 166 ? -3.667  -4.799  -22.520 1.00 80.06  ? 764  PRO A CA  1 
ATOM   924  C  C   . PRO A 1 166 ? -2.900  -4.831  -21.204 1.00 84.59  ? 764  PRO A C   1 
ATOM   925  O  O   . PRO A 1 166 ? -2.055  -5.716  -21.017 1.00 90.31  ? 764  PRO A O   1 
ATOM   926  C  CB  . PRO A 1 166 ? -3.228  -3.629  -23.416 1.00 73.41  ? 764  PRO A CB  1 
ATOM   927  C  CG  . PRO A 1 166 ? -4.386  -2.658  -23.431 1.00 84.48  ? 764  PRO A CG  1 
ATOM   928  C  CD  . PRO A 1 166 ? -5.617  -3.458  -23.175 1.00 80.89  ? 764  PRO A CD  1 
ATOM   929  N  N   . ALA A 1 167 ? -3.185  -3.911  -20.280 1.00 80.88  ? 765  ALA A N   1 
ATOM   930  C  CA  . ALA A 1 167 ? -2.514  -3.889  -18.985 1.00 78.80  ? 765  ALA A CA  1 
ATOM   931  C  C   . ALA A 1 167 ? -3.347  -3.080  -18.001 1.00 89.24  ? 765  ALA A C   1 
ATOM   932  O  O   . ALA A 1 167 ? -3.731  -1.941  -18.304 1.00 81.04  ? 765  ALA A O   1 
ATOM   933  C  CB  . ALA A 1 167 ? -1.105  -3.289  -19.105 1.00 73.23  ? 765  ALA A CB  1 
ATOM   934  N  N   . ILE A 1 168 ? -3.638  -3.668  -16.834 1.00 75.53  ? 766  ILE A N   1 
ATOM   935  C  CA  . ILE A 1 168 ? -4.271  -2.926  -15.755 1.00 77.41  ? 766  ILE A CA  1 
ATOM   936  C  C   . ILE A 1 168 ? -3.504  -3.176  -14.459 1.00 87.28  ? 766  ILE A C   1 
ATOM   937  O  O   . ILE A 1 168 ? -2.910  -4.240  -14.241 1.00 77.69  ? 766  ILE A O   1 
ATOM   938  C  CB  . ILE A 1 168 ? -5.796  -3.223  -15.645 1.00 93.05  ? 766  ILE A CB  1 
ATOM   939  C  CG1 . ILE A 1 168 ? -6.169  -4.642  -15.189 1.00 90.26  ? 766  ILE A CG1 1 
ATOM   940  C  CG2 . ILE A 1 168 ? -6.498  -2.790  -16.941 1.00 83.74  ? 766  ILE A CG2 1 
ATOM   941  C  CD1 . ILE A 1 168 ? -6.179  -4.840  -13.620 1.00 85.71  ? 766  ILE A CD1 1 
ATOM   942  N  N   . CYS A 1 169 ? -3.482  -2.162  -13.616 1.00 80.24  ? 767  CYS A N   1 
ATOM   943  C  CA  . CYS A 1 169 ? -2.727  -2.175  -12.372 1.00 70.58  ? 767  CYS A CA  1 
ATOM   944  C  C   . CYS A 1 169 ? -3.707  -2.416  -11.234 1.00 72.04  ? 767  CYS A C   1 
ATOM   945  O  O   . CYS A 1 169 ? -4.532  -1.553  -10.924 1.00 77.68  ? 767  CYS A O   1 
ATOM   946  C  CB  . CYS A 1 169 ? -1.982  -0.860  -12.198 1.00 77.43  ? 767  CYS A CB  1 
ATOM   947  S  SG  . CYS A 1 169 ? -1.185  -0.603  -10.620 1.00 83.58  ? 767  CYS A SG  1 
ATOM   948  N  N   . GLY A 1 170 ? -3.626  -3.593  -10.624 1.00 71.13  ? 768  GLY A N   1 
ATOM   949  C  CA  . GLY A 1 170 ? -4.508  -3.922  -9.525  1.00 74.24  ? 768  GLY A CA  1 
ATOM   950  C  C   . GLY A 1 170 ? -3.867  -3.604  -8.192  1.00 85.45  ? 768  GLY A C   1 
ATOM   951  O  O   . GLY A 1 170 ? -2.818  -4.166  -7.862  1.00 75.01  ? 768  GLY A O   1 
ATOM   952  N  N   . ILE A 1 171 ? -4.476  -2.697  -7.428  1.00 80.17  ? 769  ILE A N   1 
ATOM   953  C  CA  . ILE A 1 171 ? -3.964  -2.318  -6.113  1.00 70.90  ? 769  ILE A CA  1 
ATOM   954  C  C   . ILE A 1 171 ? -4.471  -3.333  -5.099  1.00 77.30  ? 769  ILE A C   1 
ATOM   955  O  O   . ILE A 1 171 ? -5.679  -3.454  -4.876  1.00 79.73  ? 769  ILE A O   1 
ATOM   956  C  CB  . ILE A 1 171 ? -4.399  -0.904  -5.723  1.00 84.60  ? 769  ILE A CB  1 
ATOM   957  C  CG1 . ILE A 1 171 ? -3.815  0.146   -6.669  1.00 82.92  ? 769  ILE A CG1 1 
ATOM   958  C  CG2 . ILE A 1 171 ? -4.014  -0.638  -4.279  1.00 78.28  ? 769  ILE A CG2 1 
ATOM   959  C  CD1 . ILE A 1 171 ? -4.468  1.523   -6.496  1.00 70.07  ? 769  ILE A CD1 1 
ATOM   960  N  N   . SER A 1 172 ? -3.549  -4.046  -4.459  1.00 68.65  ? 770  SER A N   1 
ATOM   961  C  CA  . SER A 1 172 ? -3.927  -5.057  -3.484  1.00 76.28  ? 770  SER A CA  1 
ATOM   962  C  C   . SER A 1 172 ? -3.918  -4.525  -2.052  1.00 80.12  ? 770  SER A C   1 
ATOM   963  O  O   . SER A 1 172 ? -4.665  -5.026  -1.202  1.00 64.36  ? 770  SER A O   1 
ATOM   964  C  CB  . SER A 1 172 ? -2.990  -6.259  -3.600  1.00 79.42  ? 770  SER A CB  1 
ATOM   965  O  OG  . SER A 1 172 ? -3.581  -7.418  -3.047  1.00 99.52  ? 770  SER A OG  1 
ATOM   966  N  N   . ARG A 1 173 ? -3.086  -3.521  -1.769  1.00 68.79  ? 771  ARG A N   1 
ATOM   967  C  CA  . ARG A 1 173 ? -2.880  -3.043  -0.412  1.00 72.90  ? 771  ARG A CA  1 
ATOM   968  C  C   . ARG A 1 173 ? -2.462  -1.579  -0.459  1.00 73.98  ? 771  ARG A C   1 
ATOM   969  O  O   . ARG A 1 173 ? -1.574  -1.203  -1.227  1.00 69.43  ? 771  ARG A O   1 
ATOM   970  C  CB  . ARG A 1 173 ? -1.831  -3.892  0.328   1.00 64.58  ? 771  ARG A CB  1 
ATOM   971  N  N   . ILE A 1 174 ? -3.130  -0.755  0.353   1.00 71.17  ? 772  ILE A N   1 
ATOM   972  C  CA  . ILE A 1 174 ? -2.831  0.668   0.484   1.00 65.32  ? 772  ILE A CA  1 
ATOM   973  C  C   . ILE A 1 174 ? -2.872  0.982   1.980   1.00 71.36  ? 772  ILE A C   1 
ATOM   974  O  O   . ILE A 1 174 ? -3.920  0.851   2.619   1.00 76.02  ? 772  ILE A O   1 
ATOM   975  C  CB  . ILE A 1 174 ? -3.819  1.554   -0.320  1.00 77.75  ? 772  ILE A CB  1 
ATOM   976  C  CG1 . ILE A 1 174 ? -3.463  3.040   -0.264  1.00 68.09  ? 772  ILE A CG1 1 
ATOM   977  C  CG2 . ILE A 1 174 ? -5.275  1.376   0.102   1.00 60.95  ? 772  ILE A CG2 1 
ATOM   978  C  CD1 . ILE A 1 174 ? -2.283  3.407   -1.107  1.00 61.34  ? 772  ILE A CD1 1 
ATOM   979  N  N   . TRP A 1 175 ? -1.724  1.319   2.557   1.00 73.88  ? 773  TRP A N   1 
ATOM   980  C  CA  . TRP A 1 175 ? -1.667  1.493   4.003   1.00 77.21  ? 773  TRP A CA  1 
ATOM   981  C  C   . TRP A 1 175 ? -0.725  2.628   4.342   1.00 78.84  ? 773  TRP A C   1 
ATOM   982  O  O   . TRP A 1 175 ? 0.362   2.749   3.763   1.00 70.63  ? 773  TRP A O   1 
ATOM   983  C  CB  . TRP A 1 175 ? -1.202  0.227   4.733   1.00 74.43  ? 773  TRP A CB  1 
ATOM   984  C  CG  . TRP A 1 175 ? -0.762  0.490   6.161   1.00 80.30  ? 773  TRP A CG  1 
ATOM   985  C  CD1 . TRP A 1 175 ? -1.525  0.389   7.288   1.00 83.18  ? 773  TRP A CD1 1 
ATOM   986  C  CD2 . TRP A 1 175 ? 0.540   0.918   6.599   1.00 86.49  ? 773  TRP A CD2 1 
ATOM   987  N  NE1 . TRP A 1 175 ? -0.780  0.718   8.398   1.00 79.84  ? 773  TRP A NE1 1 
ATOM   988  C  CE2 . TRP A 1 175 ? 0.488   1.051   8.001   1.00 78.25  ? 773  TRP A CE2 1 
ATOM   989  C  CE3 . TRP A 1 175 ? 1.743   1.202   5.939   1.00 90.28  ? 773  TRP A CE3 1 
ATOM   990  C  CZ2 . TRP A 1 175 ? 1.591   1.445   8.755   1.00 75.28  ? 773  TRP A CZ2 1 
ATOM   991  C  CZ3 . TRP A 1 175 ? 2.836   1.602   6.689   1.00 88.30  ? 773  TRP A CZ3 1 
ATOM   992  C  CH2 . TRP A 1 175 ? 2.751   1.721   8.083   1.00 90.35  ? 773  TRP A CH2 1 
ATOM   993  N  N   . VAL A 1 176 ? -1.153  3.455   5.291   1.00 77.33  ? 774  VAL A N   1 
ATOM   994  C  CA  . VAL A 1 176 ? -0.309  4.506   5.839   1.00 87.47  ? 774  VAL A CA  1 
ATOM   995  C  C   . VAL A 1 176 ? -0.508  4.522   7.352   1.00 84.16  ? 774  VAL A C   1 
ATOM   996  O  O   . VAL A 1 176 ? -1.623  4.329   7.847   1.00 75.68  ? 774  VAL A O   1 
ATOM   997  C  CB  . VAL A 1 176 ? -0.613  5.872   5.186   1.00 82.53  ? 774  VAL A CB  1 
ATOM   998  C  CG1 . VAL A 1 176 ? -0.698  5.710   3.679   1.00 86.14  ? 774  VAL A CG1 1 
ATOM   999  C  CG2 . VAL A 1 176 ? -1.884  6.460   5.709   1.00 100.11 ? 774  VAL A CG2 1 
ATOM   1000 N  N   . PHE A 1 177 ? 0.587   4.718   8.084   1.00 89.82  ? 775  PHE A N   1 
ATOM   1001 C  CA  . PHE A 1 177 ? 0.570   4.579   9.538   1.00 87.24  ? 775  PHE A CA  1 
ATOM   1002 C  C   . PHE A 1 177 ? -0.347  5.615   10.154  1.00 75.81  ? 775  PHE A C   1 
ATOM   1003 O  O   . PHE A 1 177 ? -0.296  6.796   9.805   1.00 83.54  ? 775  PHE A O   1 
ATOM   1004 C  CB  . PHE A 1 177 ? 1.999   4.707   10.080  1.00 88.46  ? 775  PHE A CB  1 
ATOM   1005 C  CG  . PHE A 1 177 ? 2.103   4.839   11.572  1.00 87.35  ? 775  PHE A CG  1 
ATOM   1006 C  CD1 . PHE A 1 177 ? 1.562   3.875   12.411  1.00 96.08  ? 775  PHE A CD1 1 
ATOM   1007 C  CD2 . PHE A 1 177 ? 2.859   5.862   12.133  1.00 87.17  ? 775  PHE A CD2 1 
ATOM   1008 C  CE1 . PHE A 1 177 ? 1.688   3.982   13.793  1.00 96.83  ? 775  PHE A CE1 1 
ATOM   1009 C  CE2 . PHE A 1 177 ? 3.003   5.968   13.505  1.00 87.84  ? 775  PHE A CE2 1 
ATOM   1010 C  CZ  . PHE A 1 177 ? 2.418   5.026   14.336  1.00 94.39  ? 775  PHE A CZ  1 
ATOM   1011 N  N   . SER A 1 178 ? -1.189  5.152   11.077  1.00 80.77  ? 776  SER A N   1 
ATOM   1012 C  CA  . SER A 1 178 ? -2.283  5.974   11.598  1.00 81.18  ? 776  SER A CA  1 
ATOM   1013 C  C   . SER A 1 178 ? -1.809  7.355   12.054  1.00 85.80  ? 776  SER A C   1 
ATOM   1014 O  O   . SER A 1 178 ? -2.398  8.380   11.691  1.00 89.88  ? 776  SER A O   1 
ATOM   1015 C  CB  . SER A 1 178 ? -2.981  5.245   12.747  1.00 79.15  ? 776  SER A CB  1 
ATOM   1016 O  OG  . SER A 1 178 ? -2.097  5.076   13.838  1.00 102.28 ? 776  SER A OG  1 
ATOM   1017 N  N   . MET A 1 179 ? -0.710  7.409   12.811  1.00 86.44  ? 777  MET A N   1 
ATOM   1018 C  CA  . MET A 1 179 ? -0.276  8.733   13.262  1.00 87.92  ? 777  MET A CA  1 
ATOM   1019 C  C   . MET A 1 179 ? 0.295   9.607   12.126  1.00 95.90  ? 777  MET A C   1 
ATOM   1020 O  O   . MET A 1 179 ? 0.828   10.693  12.386  1.00 105.82 ? 777  MET A O   1 
ATOM   1021 C  CB  . MET A 1 179 ? 0.755   8.587   14.384  1.00 96.41  ? 777  MET A CB  1 
ATOM   1022 N  N   . MET A 1 180 ? 0.210   9.170   10.871  1.00 94.33  ? 778  MET A N   1 
ATOM   1023 C  CA  . MET A 1 180 ? 0.628   9.982   9.741   1.00 90.16  ? 778  MET A CA  1 
ATOM   1024 C  C   . MET A 1 180 ? -0.496  10.205  8.739   1.00 93.30  ? 778  MET A C   1 
ATOM   1025 O  O   . MET A 1 180 ? -0.264  10.848  7.708   1.00 100.75 ? 778  MET A O   1 
ATOM   1026 C  CB  . MET A 1 180 ? 1.826   9.336   9.029   1.00 91.30  ? 778  MET A CB  1 
ATOM   1027 C  CG  . MET A 1 180 ? 3.033   9.044   9.928   1.00 107.35 ? 778  MET A CG  1 
ATOM   1028 S  SD  . MET A 1 180 ? 4.011   10.502  10.344  1.00 124.96 ? 778  MET A SD  1 
ATOM   1029 C  CE  . MET A 1 180 ? 4.619   10.977  8.720   1.00 93.22  ? 778  MET A CE  1 
ATOM   1030 N  N   . ARG A 1 181 ? -1.701  9.705   9.018   1.00 87.72  ? 779  ARG A N   1 
ATOM   1031 C  CA  . ARG A 1 181 ? -2.813  9.774   8.084   1.00 85.39  ? 779  ARG A CA  1 
ATOM   1032 C  C   . ARG A 1 181 ? -3.256  11.220  7.868   1.00 90.19  ? 779  ARG A C   1 
ATOM   1033 O  O   . ARG A 1 181 ? -2.776  12.155  8.512   1.00 89.80  ? 779  ARG A O   1 
ATOM   1034 C  CB  . ARG A 1 181 ? -3.976  8.910   8.581   1.00 81.86  ? 779  ARG A CB  1 
ATOM   1035 C  CG  . ARG A 1 181 ? -3.830  7.446   8.182   1.00 76.44  ? 779  ARG A CG  1 
ATOM   1036 C  CD  . ARG A 1 181 ? -4.712  6.467   8.932   1.00 62.54  ? 779  ARG A CD  1 
ATOM   1037 N  NE  . ARG A 1 181 ? -4.129  5.128   8.851   1.00 70.43  ? 779  ARG A NE  1 
ATOM   1038 C  CZ  . ARG A 1 181 ? -4.577  4.065   9.514   1.00 78.97  ? 779  ARG A CZ  1 
ATOM   1039 N  NH1 . ARG A 1 181 ? -5.634  4.179   10.312  1.00 68.15  ? 779  ARG A NH1 1 
ATOM   1040 N  NH2 . ARG A 1 181 ? -3.960  2.888   9.386   1.00 57.70  ? 779  ARG A NH2 1 
ATOM   1041 N  N   . ARG A 1 182 ? -4.178  11.392  6.921   1.00 103.70 ? 780  ARG A N   1 
ATOM   1042 C  CA  . ARG A 1 182 ? -4.721  12.692  6.527   1.00 96.94  ? 780  ARG A CA  1 
ATOM   1043 C  C   . ARG A 1 182 ? -3.629  13.700  6.152   1.00 98.31  ? 780  ARG A C   1 
ATOM   1044 O  O   . ARG A 1 182 ? -3.852  14.909  6.220   1.00 104.61 ? 780  ARG A O   1 
ATOM   1045 C  CB  . ARG A 1 182 ? -5.614  13.282  7.626   1.00 91.07  ? 780  ARG A CB  1 
ATOM   1046 C  CG  . ARG A 1 182 ? -6.747  12.388  8.133   1.00 89.78  ? 780  ARG A CG  1 
ATOM   1047 C  CD  . ARG A 1 182 ? -7.626  11.884  7.014   1.00 110.61 ? 780  ARG A CD  1 
ATOM   1048 N  NE  . ARG A 1 182 ? -8.162  12.955  6.176   1.00 110.40 ? 780  ARG A NE  1 
ATOM   1049 C  CZ  . ARG A 1 182 ? -9.422  13.372  6.211   1.00 104.73 ? 780  ARG A CZ  1 
ATOM   1050 N  NH1 . ARG A 1 182 ? -9.821  14.354  5.411   1.00 106.44 ? 780  ARG A NH1 1 
ATOM   1051 N  NH2 . ARG A 1 182 ? -10.288 12.788  7.024   1.00 101.76 ? 780  ARG A NH2 1 
ATOM   1052 N  N   . LYS A 1 183 ? -2.442  13.244  5.752   1.00 91.75  ? 781  LYS A N   1 
ATOM   1053 C  CA  . LYS A 1 183 ? -1.356  14.128  5.341   1.00 93.89  ? 781  LYS A CA  1 
ATOM   1054 C  C   . LYS A 1 183 ? -1.037  13.965  3.855   1.00 105.54 ? 781  LYS A C   1 
ATOM   1055 O  O   . LYS A 1 183 ? 0.101   14.166  3.415   1.00 91.37  ? 781  LYS A O   1 
ATOM   1056 C  CB  . LYS A 1 183 ? -0.110  13.882  6.189   1.00 104.21 ? 781  LYS A CB  1 
ATOM   1057 C  CG  . LYS A 1 183 ? -0.309  14.151  7.676   1.00 91.40  ? 781  LYS A CG  1 
ATOM   1058 N  N   . LYS A 1 184 ? -2.053  13.586  3.071   1.00 107.75 ? 782  LYS A N   1 
ATOM   1059 C  CA  . LYS A 1 184 ? -1.969  13.488  1.609   1.00 91.72  ? 782  LYS A CA  1 
ATOM   1060 C  C   . LYS A 1 184 ? -0.800  12.611  1.145   1.00 104.02 ? 782  LYS A C   1 
ATOM   1061 O  O   . LYS A 1 184 ? -0.213  12.865  0.089   1.00 103.16 ? 782  LYS A O   1 
ATOM   1062 C  CB  . LYS A 1 184 ? -1.902  14.882  0.964   1.00 85.93  ? 782  LYS A CB  1 
ATOM   1063 N  N   . ILE A 1 185 ? -0.465  11.555  1.897   1.00 97.25  ? 783  ILE A N   1 
ATOM   1064 C  CA  . ILE A 1 185 ? 0.708   10.752  1.540   1.00 93.26  ? 783  ILE A CA  1 
ATOM   1065 C  C   . ILE A 1 185 ? 0.323   9.477   0.802   1.00 99.22  ? 783  ILE A C   1 
ATOM   1066 O  O   . ILE A 1 185 ? 1.101   8.979   -0.007  1.00 96.14  ? 783  ILE A O   1 
ATOM   1067 C  CB  . ILE A 1 185 ? 1.593   10.462  2.782   1.00 110.69 ? 783  ILE A CB  1 
ATOM   1068 C  CG1 . ILE A 1 185 ? 1.004   9.461   3.790   1.00 114.60 ? 783  ILE A CG1 1 
ATOM   1069 C  CG2 . ILE A 1 185 ? 1.989   11.754  3.508   1.00 110.36 ? 783  ILE A CG2 1 
ATOM   1070 C  CD1 . ILE A 1 185 ? 1.563   8.033   3.673   1.00 110.05 ? 783  ILE A CD1 1 
ATOM   1071 N  N   . ALA A 1 186 ? -0.876  8.934   1.012   1.00 96.29  ? 784  ALA A N   1 
ATOM   1072 C  CA  . ALA A 1 186 ? -1.367  7.897   0.101   1.00 91.52  ? 784  ALA A CA  1 
ATOM   1073 C  C   . ALA A 1 186 ? -1.629  8.472   -1.275  1.00 90.68  ? 784  ALA A C   1 
ATOM   1074 O  O   . ALA A 1 186 ? -1.346  7.817   -2.284  1.00 102.61 ? 784  ALA A O   1 
ATOM   1075 C  CB  . ALA A 1 186 ? -2.658  7.241   0.616   1.00 76.81  ? 784  ALA A CB  1 
ATOM   1076 N  N   . SER A 1 187 ? -2.169  9.690   -1.323  1.00 80.21  ? 785  SER A N   1 
ATOM   1077 C  CA  . SER A 1 187 ? -2.340  10.393  -2.585  1.00 86.34  ? 785  SER A CA  1 
ATOM   1078 C  C   . SER A 1 187 ? -1.025  10.500  -3.345  1.00 96.04  ? 785  SER A C   1 
ATOM   1079 O  O   . SER A 1 187 ? -1.007  10.388  -4.577  1.00 107.65 ? 785  SER A O   1 
ATOM   1080 C  CB  . SER A 1 187 ? -2.931  11.777  -2.320  1.00 89.79  ? 785  SER A CB  1 
ATOM   1081 O  OG  . SER A 1 187 ? -4.212  11.671  -1.713  1.00 91.99  ? 785  SER A OG  1 
ATOM   1082 N  N   . ARG A 1 188 ? 0.085   10.696  -2.636  1.00 94.98  ? 786  ARG A N   1 
ATOM   1083 C  CA  . ARG A 1 188 ? 1.379   10.729  -3.296  1.00 92.51  ? 786  ARG A CA  1 
ATOM   1084 C  C   . ARG A 1 188 ? 1.858   9.343   -3.697  1.00 93.63  ? 786  ARG A C   1 
ATOM   1085 O  O   . ARG A 1 188 ? 2.703   9.228   -4.593  1.00 94.97  ? 786  ARG A O   1 
ATOM   1086 C  CB  . ARG A 1 188 ? 2.411   11.403  -2.392  1.00 97.42  ? 786  ARG A CB  1 
ATOM   1087 C  CG  . ARG A 1 188 ? 2.506   12.899  -2.608  1.00 88.40  ? 786  ARG A CG  1 
ATOM   1088 C  CD  . ARG A 1 188 ? 2.285   13.663  -1.324  1.00 96.91  ? 786  ARG A CD  1 
ATOM   1089 N  NE  . ARG A 1 188 ? 3.427   13.586  -0.416  1.00 109.03 ? 786  ARG A NE  1 
ATOM   1090 C  CZ  . ARG A 1 188 ? 3.354   13.823  0.890   1.00 99.08  ? 786  ARG A CZ  1 
ATOM   1091 N  NH1 . ARG A 1 188 ? 4.439   13.744  1.642   1.00 101.18 ? 786  ARG A NH1 1 
ATOM   1092 N  NH2 . ARG A 1 188 ? 2.192   14.142  1.444   1.00 116.29 ? 786  ARG A NH2 1 
ATOM   1093 N  N   . MET A 1 189 ? 1.347   8.292   -3.056  1.00 88.14  ? 787  MET A N   1 
ATOM   1094 C  CA  . MET A 1 189 ? 1.704   6.950   -3.490  1.00 88.94  ? 787  MET A CA  1 
ATOM   1095 C  C   . MET A 1 189 ? 0.952   6.567   -4.756  1.00 93.26  ? 787  MET A C   1 
ATOM   1096 O  O   . MET A 1 189 ? 1.522   5.901   -5.629  1.00 86.94  ? 787  MET A O   1 
ATOM   1097 C  CB  . MET A 1 189 ? 1.451   5.940   -2.369  1.00 91.03  ? 787  MET A CB  1 
ATOM   1098 C  CG  . MET A 1 189 ? 2.162   6.301   -1.061  1.00 93.80  ? 787  MET A CG  1 
ATOM   1099 S  SD  . MET A 1 189 ? 2.330   4.945   0.115   1.00 72.11  ? 787  MET A SD  1 
ATOM   1100 C  CE  . MET A 1 189 ? 3.639   4.030   -0.668  1.00 75.51  ? 787  MET A CE  1 
ATOM   1101 N  N   . ILE A 1 190 ? -0.304  7.000   -4.895  1.00 82.93  ? 788  ILE A N   1 
ATOM   1102 C  CA  . ILE A 1 190 ? -1.000  6.816   -6.163  1.00 80.46  ? 788  ILE A CA  1 
ATOM   1103 C  C   . ILE A 1 190 ? -0.343  7.651   -7.252  1.00 88.25  ? 788  ILE A C   1 
ATOM   1104 O  O   . ILE A 1 190 ? -0.073  7.155   -8.351  1.00 92.36  ? 788  ILE A O   1 
ATOM   1105 C  CB  . ILE A 1 190 ? -2.499  7.138   -6.027  1.00 91.61  ? 788  ILE A CB  1 
ATOM   1106 C  CG1 . ILE A 1 190 ? -3.299  5.871   -5.721  1.00 77.91  ? 788  ILE A CG1 1 
ATOM   1107 C  CG2 . ILE A 1 190 ? -3.039  7.745   -7.320  1.00 93.56  ? 788  ILE A CG2 1 
ATOM   1108 C  CD1 . ILE A 1 190 ? -2.992  5.257   -4.392  1.00 83.67  ? 788  ILE A CD1 1 
ATOM   1109 N  N   . GLU A 1 191 ? -0.050  8.924   -6.963  1.00 81.58  ? 789  GLU A N   1 
ATOM   1110 C  CA  . GLU A 1 191 ? 0.549   9.767   -7.995  1.00 86.85  ? 789  GLU A CA  1 
ATOM   1111 C  C   . GLU A 1 191 ? 1.874   9.187   -8.475  1.00 91.10  ? 789  GLU A C   1 
ATOM   1112 O  O   . GLU A 1 191 ? 2.194   9.264   -9.667  1.00 95.83  ? 789  GLU A O   1 
ATOM   1113 C  CB  . GLU A 1 191 ? 0.739   11.195  -7.492  1.00 89.41  ? 789  GLU A CB  1 
ATOM   1114 C  CG  . GLU A 1 191 ? 1.263   12.142  -8.575  1.00 97.47  ? 789  GLU A CG  1 
ATOM   1115 C  CD  . GLU A 1 191 ? 0.500   12.027  -9.890  1.00 99.36  ? 789  GLU A CD  1 
ATOM   1116 O  OE1 . GLU A 1 191 ? -0.751  12.146  -9.880  1.00 82.65  ? 789  GLU A OE1 1 
ATOM   1117 O  OE2 . GLU A 1 191 ? 1.158   11.814  -10.932 1.00 101.64 ? 789  GLU A OE2 1 
ATOM   1118 N  N   . CYS A 1 192 ? 2.647   8.579   -7.571  1.00 84.80  ? 790  CYS A N   1 
ATOM   1119 C  CA  . CYS A 1 192 ? 3.864   7.897   -7.994  1.00 97.54  ? 790  CYS A CA  1 
ATOM   1120 C  C   . CYS A 1 192 ? 3.568   6.526   -8.596  1.00 98.55  ? 790  CYS A C   1 
ATOM   1121 O  O   . CYS A 1 192 ? 4.281   6.092   -9.510  1.00 84.16  ? 790  CYS A O   1 
ATOM   1122 C  CB  . CYS A 1 192 ? 4.838   7.769   -6.826  1.00 85.26  ? 790  CYS A CB  1 
ATOM   1123 S  SG  . CYS A 1 192 ? 5.575   9.331   -6.415  1.00 104.81 ? 790  CYS A SG  1 
ATOM   1124 N  N   . LEU A 1 193 ? 2.551   5.824   -8.076  1.00 90.17  ? 791  LEU A N   1 
ATOM   1125 C  CA  . LEU A 1 193 ? 2.091   4.598   -8.727  1.00 79.33  ? 791  LEU A CA  1 
ATOM   1126 C  C   . LEU A 1 193 ? 1.865   4.839   -10.207 1.00 92.10  ? 791  LEU A C   1 
ATOM   1127 O  O   . LEU A 1 193 ? 2.405   4.115   -11.056 1.00 86.50  ? 791  LEU A O   1 
ATOM   1128 C  CB  . LEU A 1 193 ? 0.804   4.089   -8.072  1.00 84.12  ? 791  LEU A CB  1 
ATOM   1129 C  CG  . LEU A 1 193 ? 0.151   2.825   -8.644  1.00 87.05  ? 791  LEU A CG  1 
ATOM   1130 C  CD1 . LEU A 1 193 ? 1.135   1.664   -8.777  1.00 78.90  ? 791  LEU A CD1 1 
ATOM   1131 C  CD2 . LEU A 1 193 ? -1.108  2.413   -7.880  1.00 72.86  ? 791  LEU A CD2 1 
ATOM   1132 N  N   . ARG A 1 194 ? 1.087   5.882   -10.538 1.00 91.74  ? 792  ARG A N   1 
ATOM   1133 C  CA  . ARG A 1 194 ? 0.667   6.123   -11.914 1.00 86.95  ? 792  ARG A CA  1 
ATOM   1134 C  C   . ARG A 1 194 ? 1.786   6.666   -12.787 1.00 95.60  ? 792  ARG A C   1 
ATOM   1135 O  O   . ARG A 1 194 ? 1.757   6.476   -14.007 1.00 99.12  ? 792  ARG A O   1 
ATOM   1136 C  CB  . ARG A 1 194 ? -0.549  7.058   -11.944 1.00 83.33  ? 792  ARG A CB  1 
ATOM   1137 C  CG  . ARG A 1 194 ? -1.601  6.672   -10.930 1.00 80.39  ? 792  ARG A CG  1 
ATOM   1138 C  CD  . ARG A 1 194 ? -2.981  7.281   -11.155 1.00 92.33  ? 792  ARG A CD  1 
ATOM   1139 N  NE  . ARG A 1 194 ? -3.043  8.701   -11.485 1.00 114.64 ? 792  ARG A NE  1 
ATOM   1140 C  CZ  . ARG A 1 194 ? -3.969  9.253   -12.260 1.00 104.13 ? 792  ARG A CZ  1 
ATOM   1141 N  NH1 . ARG A 1 194 ? -4.920  8.502   -12.783 1.00 96.53  ? 792  ARG A NH1 1 
ATOM   1142 N  NH2 . ARG A 1 194 ? -3.929  10.556  -12.496 1.00 101.98 ? 792  ARG A NH2 1 
ATOM   1143 N  N   . SER A 1 195 ? 2.781   7.307   -12.198 1.00 86.58  ? 793  SER A N   1 
ATOM   1144 C  CA  . SER A 1 195 ? 3.874   7.819   -13.008 1.00 93.62  ? 793  SER A CA  1 
ATOM   1145 C  C   . SER A 1 195 ? 4.895   6.747   -13.373 1.00 88.79  ? 793  SER A C   1 
ATOM   1146 O  O   . SER A 1 195 ? 5.685   6.963   -14.301 1.00 96.86  ? 793  SER A O   1 
ATOM   1147 C  CB  . SER A 1 195 ? 4.572   8.980   -12.277 1.00 90.35  ? 793  SER A CB  1 
ATOM   1148 N  N   . ASN A 1 196 ? 4.871   5.592   -12.697 1.00 88.21  ? 794  ASN A N   1 
ATOM   1149 C  CA  . ASN A 1 196 ? 5.997   4.660   -12.731 1.00 96.38  ? 794  ASN A CA  1 
ATOM   1150 C  C   . ASN A 1 196 ? 5.627   3.187   -12.788 1.00 79.41  ? 794  ASN A C   1 
ATOM   1151 O  O   . ASN A 1 196 ? 6.533   2.368   -12.955 1.00 82.77  ? 794  ASN A O   1 
ATOM   1152 C  CB  . ASN A 1 196 ? 6.906   4.857   -11.502 1.00 85.53  ? 794  ASN A CB  1 
ATOM   1153 C  CG  . ASN A 1 196 ? 7.110   6.310   -11.153 1.00 103.99 ? 794  ASN A CG  1 
ATOM   1154 O  OD1 . ASN A 1 196 ? 8.012   6.962   -11.677 1.00 110.73 ? 794  ASN A OD1 1 
ATOM   1155 N  ND2 . ASN A 1 196 ? 6.274   6.831   -10.257 1.00 98.64  ? 794  ASN A ND2 1 
ATOM   1156 N  N   . PHE A 1 197 ? 4.363   2.806   -12.616 1.00 88.57  ? 795  PHE A N   1 
ATOM   1157 C  CA  . PHE A 1 197 ? 4.035   1.383   -12.601 1.00 87.14  ? 795  PHE A CA  1 
ATOM   1158 C  C   . PHE A 1 197 ? 4.358   0.722   -13.936 1.00 93.78  ? 795  PHE A C   1 
ATOM   1159 O  O   . PHE A 1 197 ? 4.626   -0.484  -13.987 1.00 91.45  ? 795  PHE A O   1 
ATOM   1160 C  CB  . PHE A 1 197 ? 2.564   1.197   -12.235 1.00 77.84  ? 795  PHE A CB  1 
ATOM   1161 C  CG  . PHE A 1 197 ? 2.134   -0.239  -12.119 1.00 85.08  ? 795  PHE A CG  1 
ATOM   1162 C  CD1 . PHE A 1 197 ? 2.437   -0.982  -10.988 1.00 78.03  ? 795  PHE A CD1 1 
ATOM   1163 C  CD2 . PHE A 1 197 ? 1.388   -0.836  -13.133 1.00 80.37  ? 795  PHE A CD2 1 
ATOM   1164 C  CE1 . PHE A 1 197 ? 2.021   -2.302  -10.876 1.00 80.18  ? 795  PHE A CE1 1 
ATOM   1165 C  CE2 . PHE A 1 197 ? 0.969   -2.153  -13.030 1.00 72.78  ? 795  PHE A CE2 1 
ATOM   1166 C  CZ  . PHE A 1 197 ? 1.279   -2.887  -11.902 1.00 82.61  ? 795  PHE A CZ  1 
ATOM   1167 N  N   . ILE A 1 198 ? 4.347   1.495   -15.018 1.00 88.78  ? 796  ILE A N   1 
ATOM   1168 C  CA  . ILE A 1 198 ? 4.825   1.050   -16.320 1.00 99.54  ? 796  ILE A CA  1 
ATOM   1169 C  C   . ILE A 1 198 ? 5.678   2.172   -16.897 1.00 99.87  ? 796  ILE A C   1 
ATOM   1170 O  O   . ILE A 1 198 ? 5.187   3.294   -17.088 1.00 87.79  ? 796  ILE A O   1 
ATOM   1171 C  CB  . ILE A 1 198 ? 3.677   0.688   -17.281 1.00 86.65  ? 796  ILE A CB  1 
ATOM   1172 C  CG1 . ILE A 1 198 ? 2.974   -0.585  -16.818 1.00 84.21  ? 796  ILE A CG1 1 
ATOM   1173 C  CG2 . ILE A 1 198 ? 4.209   0.514   -18.689 1.00 89.16  ? 796  ILE A CG2 1 
ATOM   1174 C  CD1 . ILE A 1 198 ? 1.472   -0.583  -17.028 1.00 73.89  ? 796  ILE A CD1 1 
ATOM   1175 N  N   . TYR A 1 199 ? 6.948   1.874   -17.182 1.00 81.36  ? 797  TYR A N   1 
ATOM   1176 C  CA  . TYR A 1 199 ? 7.899   2.902   -17.592 1.00 96.35  ? 797  TYR A CA  1 
ATOM   1177 C  C   . TYR A 1 199 ? 7.434   3.591   -18.869 1.00 91.34  ? 797  TYR A C   1 
ATOM   1178 O  O   . TYR A 1 199 ? 7.148   2.932   -19.872 1.00 97.94  ? 797  TYR A O   1 
ATOM   1179 C  CB  . TYR A 1 199 ? 9.290   2.291   -17.792 1.00 91.31  ? 797  TYR A CB  1 
ATOM   1180 N  N   . GLY A 1 200 ? 7.360   4.919   -18.822 1.00 95.03  ? 798  GLY A N   1 
ATOM   1181 C  CA  . GLY A 1 200 ? 7.051   5.716   -19.986 1.00 82.79  ? 798  GLY A CA  1 
ATOM   1182 C  C   . GLY A 1 200 ? 5.591   6.025   -20.198 1.00 95.30  ? 798  GLY A C   1 
ATOM   1183 O  O   . GLY A 1 200 ? 5.255   6.662   -21.203 1.00 107.78 ? 798  GLY A O   1 
ATOM   1184 N  N   . SER A 1 201 ? 4.711   5.601   -19.293 1.00 91.25  ? 799  SER A N   1 
ATOM   1185 C  CA  . SER A 1 201 ? 3.283   5.835   -19.449 1.00 99.41  ? 799  SER A CA  1 
ATOM   1186 C  C   . SER A 1 201 ? 2.684   6.243   -18.111 1.00 96.30  ? 799  SER A C   1 
ATOM   1187 O  O   . SER A 1 201 ? 3.253   5.990   -17.047 1.00 99.67  ? 799  SER A O   1 
ATOM   1188 C  CB  . SER A 1 201 ? 2.560   4.598   -20.010 1.00 106.15 ? 799  SER A CB  1 
ATOM   1189 O  OG  . SER A 1 201 ? 2.787   3.455   -19.201 1.00 108.69 ? 799  SER A OG  1 
ATOM   1190 N  N   . TYR A 1 202 ? 1.516   6.877   -18.187 1.00 95.62  ? 800  TYR A N   1 
ATOM   1191 C  CA  . TYR A 1 202 ? 0.847   7.476   -17.036 1.00 96.93  ? 800  TYR A CA  1 
ATOM   1192 C  C   . TYR A 1 202 ? -0.530  6.839   -16.923 1.00 100.67 ? 800  TYR A C   1 
ATOM   1193 O  O   . TYR A 1 202 ? -1.433  7.157   -17.708 1.00 105.30 ? 800  TYR A O   1 
ATOM   1194 C  CB  . TYR A 1 202 ? 0.753   8.997   -17.187 1.00 94.53  ? 800  TYR A CB  1 
ATOM   1195 C  CG  . TYR A 1 202 ? 0.127   9.701   -15.998 1.00 96.23  ? 800  TYR A CG  1 
ATOM   1196 C  CD1 . TYR A 1 202 ? -1.206  10.073  -16.004 1.00 93.54  ? 800  TYR A CD1 1 
ATOM   1197 C  CD2 . TYR A 1 202 ? 0.877   9.977   -14.857 1.00 106.20 ? 800  TYR A CD2 1 
ATOM   1198 C  CE1 . TYR A 1 202 ? -1.784  10.718  -14.912 1.00 95.81  ? 800  TYR A CE1 1 
ATOM   1199 C  CE2 . TYR A 1 202 ? 0.311   10.624  -13.753 1.00 92.70  ? 800  TYR A CE2 1 
ATOM   1200 C  CZ  . TYR A 1 202 ? -1.026  10.982  -13.793 1.00 100.54 ? 800  TYR A CZ  1 
ATOM   1201 O  OH  . TYR A 1 202 ? -1.594  11.619  -12.709 1.00 100.50 ? 800  TYR A OH  1 
ATOM   1202 N  N   . LEU A 1 203 ? -0.680  5.925   -15.968 1.00 98.64  ? 801  LEU A N   1 
ATOM   1203 C  CA  . LEU A 1 203 ? -1.920  5.170   -15.849 1.00 103.39 ? 801  LEU A CA  1 
ATOM   1204 C  C   . LEU A 1 203 ? -3.136  6.079   -15.738 1.00 94.96  ? 801  LEU A C   1 
ATOM   1205 O  O   . LEU A 1 203 ? -3.117  7.096   -15.036 1.00 103.33 ? 801  LEU A O   1 
ATOM   1206 C  CB  . LEU A 1 203 ? -1.869  4.235   -14.646 1.00 104.81 ? 801  LEU A CB  1 
ATOM   1207 C  CG  . LEU A 1 203 ? -0.940  3.031   -14.665 1.00 103.91 ? 801  LEU A CG  1 
ATOM   1208 C  CD1 . LEU A 1 203 ? 0.454   3.390   -14.292 1.00 103.27 ? 801  LEU A CD1 1 
ATOM   1209 C  CD2 . LEU A 1 203 ? -1.450  2.105   -13.634 1.00 95.18  ? 801  LEU A CD2 1 
ATOM   1210 N  N   . SER A 1 204 ? -4.207  5.686   -16.423 1.00 93.82  ? 802  SER A N   1 
ATOM   1211 C  CA  . SER A 1 204 ? -5.479  6.392   -16.424 1.00 96.29  ? 802  SER A CA  1 
ATOM   1212 C  C   . SER A 1 204 ? -6.509  5.635   -15.595 1.00 91.89  ? 802  SER A C   1 
ATOM   1213 O  O   . SER A 1 204 ? -6.328  4.458   -15.268 1.00 93.81  ? 802  SER A O   1 
ATOM   1214 C  CB  . SER A 1 204 ? -6.004  6.566   -17.850 1.00 97.33  ? 802  SER A CB  1 
ATOM   1215 O  OG  . SER A 1 204 ? -6.683  5.394   -18.261 1.00 98.34  ? 802  SER A OG  1 
ATOM   1216 N  N   . LYS A 1 205 ? -7.622  6.318   -15.297 1.00 86.53  ? 803  LYS A N   1 
ATOM   1217 C  CA  . LYS A 1 205 ? -8.648  5.724   -14.444 1.00 93.81  ? 803  LYS A CA  1 
ATOM   1218 C  C   . LYS A 1 205 ? -9.086  4.353   -14.951 1.00 93.44  ? 803  LYS A C   1 
ATOM   1219 O  O   . LYS A 1 205 ? -9.343  3.442   -14.153 1.00 96.87  ? 803  LYS A O   1 
ATOM   1220 C  CB  . LYS A 1 205 ? -9.851  6.661   -14.342 1.00 83.54  ? 803  LYS A CB  1 
ATOM   1221 N  N   . GLU A 1 206 ? -9.161  4.183   -16.271 1.00 92.82  ? 804  GLU A N   1 
ATOM   1222 C  CA  . GLU A 1 206 ? -9.519  2.885   -16.826 1.00 97.36  ? 804  GLU A CA  1 
ATOM   1223 C  C   . GLU A 1 206 ? -8.465  1.834   -16.500 1.00 96.24  ? 804  GLU A C   1 
ATOM   1224 O  O   . GLU A 1 206 ? -8.805  0.692   -16.178 1.00 101.31 ? 804  GLU A O   1 
ATOM   1225 C  CB  . GLU A 1 206 ? -9.714  3.002   -18.338 1.00 100.63 ? 804  GLU A CB  1 
ATOM   1226 N  N   . GLU A 1 207 ? -7.183  2.206   -16.548 1.00 87.07  ? 805  GLU A N   1 
ATOM   1227 C  CA  . GLU A 1 207 ? -6.081  1.269   -16.383 1.00 85.27  ? 805  GLU A CA  1 
ATOM   1228 C  C   . GLU A 1 207 ? -5.774  0.909   -14.916 1.00 79.31  ? 805  GLU A C   1 
ATOM   1229 O  O   . GLU A 1 207 ? -4.740  0.271   -14.679 1.00 80.00  ? 805  GLU A O   1 
ATOM   1230 C  CB  . GLU A 1 207 ? -4.821  1.828   -17.051 1.00 97.79  ? 805  GLU A CB  1 
ATOM   1231 C  CG  . GLU A 1 207 ? -4.948  2.014   -18.556 1.00 94.27  ? 805  GLU A CG  1 
ATOM   1232 C  CD  . GLU A 1 207 ? -3.787  2.790   -19.157 1.00 98.70  ? 805  GLU A CD  1 
ATOM   1233 O  OE1 . GLU A 1 207 ? -2.876  3.189   -18.402 1.00 96.70  ? 805  GLU A OE1 1 
ATOM   1234 O  OE2 . GLU A 1 207 ? -3.790  3.006   -20.388 1.00 111.65 ? 805  GLU A OE2 1 
ATOM   1235 N  N   . ILE A 1 208 ? -6.610  1.279   -13.940 1.00 74.48  ? 806  ILE A N   1 
ATOM   1236 C  CA  . ILE A 1 208 ? -6.383  0.938   -12.534 1.00 81.03  ? 806  ILE A CA  1 
ATOM   1237 C  C   . ILE A 1 208 ? -7.630  0.281   -11.953 1.00 70.34  ? 806  ILE A C   1 
ATOM   1238 O  O   . ILE A 1 208 ? -8.734  0.823   -12.070 1.00 84.00  ? 806  ILE A O   1 
ATOM   1239 C  CB  . ILE A 1 208 ? -6.017  2.162   -11.661 1.00 80.09  ? 806  ILE A CB  1 
ATOM   1240 C  CG1 . ILE A 1 208 ? -4.657  2.760   -12.021 1.00 76.28  ? 806  ILE A CG1 1 
ATOM   1241 C  CG2 . ILE A 1 208 ? -6.078  1.811   -10.192 1.00 68.94  ? 806  ILE A CG2 1 
ATOM   1242 C  CD1 . ILE A 1 208 ? -4.739  4.053   -12.779 1.00 88.50  ? 806  ILE A CD1 1 
ATOM   1243 N  N   . ALA A 1 209 ? -7.446  -0.845  -11.276 1.00 67.23  ? 807  ALA A N   1 
ATOM   1244 C  CA  . ALA A 1 209 ? -8.460  -1.408  -10.391 1.00 66.20  ? 807  ALA A CA  1 
ATOM   1245 C  C   . ALA A 1 209 ? -7.872  -1.564  -8.993  1.00 74.73  ? 807  ALA A C   1 
ATOM   1246 O  O   . ALA A 1 209 ? -6.744  -1.141  -8.722  1.00 72.84  ? 807  ALA A O   1 
ATOM   1247 C  CB  . ALA A 1 209 ? -8.972  -2.747  -10.919 1.00 62.67  ? 807  ALA A CB  1 
ATOM   1248 N  N   . PHE A 1 210 ? -8.644  -2.188  -8.103  1.00 65.02  ? 808  PHE A N   1 
ATOM   1249 C  CA  . PHE A 1 210 ? -8.160  -2.466  -6.758  1.00 70.59  ? 808  PHE A CA  1 
ATOM   1250 C  C   . PHE A 1 210 ? -9.014  -3.554  -6.123  1.00 67.31  ? 808  PHE A C   1 
ATOM   1251 O  O   . PHE A 1 210 ? -10.114 -3.860  -6.594  1.00 72.44  ? 808  PHE A O   1 
ATOM   1252 C  CB  . PHE A 1 210 ? -8.144  -1.205  -5.883  1.00 70.08  ? 808  PHE A CB  1 
ATOM   1253 C  CG  . PHE A 1 210 ? -9.429  -0.420  -5.901  1.00 68.67  ? 808  PHE A CG  1 
ATOM   1254 C  CD1 . PHE A 1 210 ? -9.701  0.474   -6.929  1.00 71.41  ? 808  PHE A CD1 1 
ATOM   1255 C  CD2 . PHE A 1 210 ? -10.354 -0.554  -4.878  1.00 70.79  ? 808  PHE A CD2 1 
ATOM   1256 C  CE1 . PHE A 1 210 ? -10.884 1.210   -6.945  1.00 68.58  ? 808  PHE A CE1 1 
ATOM   1257 C  CE2 . PHE A 1 210 ? -11.540 0.183   -4.887  1.00 75.54  ? 808  PHE A CE2 1 
ATOM   1258 C  CZ  . PHE A 1 210 ? -11.800 1.065   -5.921  1.00 68.24  ? 808  PHE A CZ  1 
ATOM   1259 N  N   . SER A 1 211 ? -8.478  -4.153  -5.065  1.00 68.56  ? 809  SER A N   1 
ATOM   1260 C  CA  . SER A 1 211 ? -9.229  -5.186  -4.374  1.00 72.51  ? 809  SER A CA  1 
ATOM   1261 C  C   . SER A 1 211 ? -10.267 -4.537  -3.467  1.00 80.27  ? 809  SER A C   1 
ATOM   1262 O  O   . SER A 1 211 ? -10.201 -3.339  -3.172  1.00 75.86  ? 809  SER A O   1 
ATOM   1263 C  CB  . SER A 1 211 ? -8.288  -6.116  -3.602  1.00 83.67  ? 809  SER A CB  1 
ATOM   1264 O  OG  . SER A 1 211 ? -7.454  -5.405  -2.701  1.00 84.35  ? 809  SER A OG  1 
ATOM   1265 N  N   . ASP A 1 212 ? -11.247 -5.333  -3.047  1.00 98.13  ? 810  ASP A N   1 
ATOM   1266 C  CA  . ASP A 1 212 ? -12.440 -4.776  -2.417  1.00 104.62 ? 810  ASP A CA  1 
ATOM   1267 C  C   . ASP A 1 212 ? -12.057 -4.033  -1.161  1.00 102.18 ? 810  ASP A C   1 
ATOM   1268 O  O   . ASP A 1 212 ? -11.309 -4.562  -0.308  1.00 98.13  ? 810  ASP A O   1 
ATOM   1269 C  CB  . ASP A 1 212 ? -13.489 -5.864  -2.139  1.00 106.09 ? 810  ASP A CB  1 
ATOM   1270 C  CG  . ASP A 1 212 ? -12.897 -7.155  -1.565  1.00 123.44 ? 810  ASP A CG  1 
ATOM   1271 O  OD1 . ASP A 1 212 ? -13.471 -7.660  -0.576  1.00 131.94 ? 810  ASP A OD1 1 
ATOM   1272 O  OD2 . ASP A 1 212 ? -11.888 -7.660  -2.103  1.00 130.55 ? 810  ASP A OD2 1 
ATOM   1273 N  N   . PRO A 1 213 ? -12.494 -2.781  -0.970  1.00 98.82  ? 811  PRO A N   1 
ATOM   1274 C  CA  . PRO A 1 213 ? -11.840 -1.874  -0.049  1.00 95.64  ? 811  PRO A CA  1 
ATOM   1275 C  C   . PRO A 1 213 ? -12.372 -1.986  1.377   1.00 93.49  ? 811  PRO A C   1 
ATOM   1276 O  O   . PRO A 1 213 ? -13.364 -2.657  1.664   1.00 102.22 ? 811  PRO A O   1 
ATOM   1277 C  CB  . PRO A 1 213 ? -12.156 -0.485  -0.622  1.00 87.48  ? 811  PRO A CB  1 
ATOM   1278 C  CG  . PRO A 1 213 ? -12.922 -0.731  -1.905  1.00 79.05  ? 811  PRO A CG  1 
ATOM   1279 C  CD  . PRO A 1 213 ? -13.519 -2.087  -1.778  1.00 83.95  ? 811  PRO A CD  1 
ATOM   1280 N  N   . THR A 1 214 ? -11.682 -1.299  2.265   1.00 89.27  ? 812  THR A N   1 
ATOM   1281 C  CA  . THR A 1 214 ? -12.158 -1.024  3.607   1.00 89.74  ? 812  THR A CA  1 
ATOM   1282 C  C   . THR A 1 214 ? -12.883 0.307   3.621   1.00 90.99  ? 812  THR A C   1 
ATOM   1283 O  O   . THR A 1 214 ? -12.883 1.041   2.625   1.00 83.01  ? 812  THR A O   1 
ATOM   1284 C  CB  . THR A 1 214 ? -10.981 -1.011  4.577   1.00 76.53  ? 812  THR A CB  1 
ATOM   1285 O  OG1 . THR A 1 214 ? -9.965  -0.128  4.088   1.00 83.38  ? 812  THR A OG1 1 
ATOM   1286 C  CG2 . THR A 1 214 ? -10.437 -2.409  4.767   1.00 88.75  ? 812  THR A CG2 1 
ATOM   1287 N  N   . PRO A 1 215 ? -13.543 0.651   4.732   1.00 86.33  ? 813  PRO A N   1 
ATOM   1288 C  CA  . PRO A 1 215 ? -14.108 2.005   4.830   1.00 78.47  ? 813  PRO A CA  1 
ATOM   1289 C  C   . PRO A 1 215 ? -13.074 3.094   4.587   1.00 78.69  ? 813  PRO A C   1 
ATOM   1290 O  O   . PRO A 1 215 ? -13.367 4.066   3.880   1.00 79.66  ? 813  PRO A O   1 
ATOM   1291 C  CB  . PRO A 1 215 ? -14.670 2.034   6.254   1.00 79.26  ? 813  PRO A CB  1 
ATOM   1292 C  CG  . PRO A 1 215 ? -15.040 0.611   6.520   1.00 71.92  ? 813  PRO A CG  1 
ATOM   1293 C  CD  . PRO A 1 215 ? -13.973 -0.206  5.856   1.00 77.70  ? 813  PRO A CD  1 
ATOM   1294 N  N   . ASP A 1 216 ? -11.862 2.945   5.127   1.00 75.26  ? 814  ASP A N   1 
ATOM   1295 C  CA  . ASP A 1 216 ? -10.817 3.923   4.842   1.00 80.09  ? 814  ASP A CA  1 
ATOM   1296 C  C   . ASP A 1 216 ? -10.487 3.943   3.357   1.00 82.98  ? 814  ASP A C   1 
ATOM   1297 O  O   . ASP A 1 216 ? -10.383 5.019   2.752   1.00 76.12  ? 814  ASP A O   1 
ATOM   1298 C  CB  . ASP A 1 216 ? -9.568  3.620   5.668   1.00 90.63  ? 814  ASP A CB  1 
ATOM   1299 C  CG  . ASP A 1 216 ? -9.837  3.622   7.155   1.00 90.56  ? 814  ASP A CG  1 
ATOM   1300 O  OD1 . ASP A 1 216 ? -10.964 3.252   7.544   1.00 95.32  ? 814  ASP A OD1 1 
ATOM   1301 O  OD2 . ASP A 1 216 ? -8.918  3.965   7.932   1.00 93.60  ? 814  ASP A OD2 1 
ATOM   1302 N  N   . GLY A 1 217 ? -10.326 2.759   2.752   1.00 81.56  ? 815  GLY A N   1 
ATOM   1303 C  CA  . GLY A 1 217 ? -10.106 2.693   1.316   1.00 84.94  ? 815  GLY A CA  1 
ATOM   1304 C  C   . GLY A 1 217 ? -11.219 3.355   0.527   1.00 83.88  ? 815  GLY A C   1 
ATOM   1305 O  O   . GLY A 1 217 ? -10.960 4.109   -0.417  1.00 81.62  ? 815  GLY A O   1 
ATOM   1306 N  N   . LYS A 1 218 ? -12.473 3.093   0.909   1.00 85.36  ? 816  LYS A N   1 
ATOM   1307 C  CA  . LYS A 1 218 ? -13.598 3.813   0.313   1.00 90.97  ? 816  LYS A CA  1 
ATOM   1308 C  C   . LYS A 1 218 ? -13.477 5.315   0.559   1.00 85.08  ? 816  LYS A C   1 
ATOM   1309 O  O   . LYS A 1 218 ? -13.533 6.117   -0.381  1.00 91.38  ? 816  LYS A O   1 
ATOM   1310 C  CB  . LYS A 1 218 ? -14.927 3.282   0.861   1.00 88.01  ? 816  LYS A CB  1 
ATOM   1311 C  CG  . LYS A 1 218 ? -15.355 1.930   0.305   1.00 81.84  ? 816  LYS A CG  1 
ATOM   1312 N  N   . LEU A 1 219 ? -13.288 5.717   1.819   1.00 72.85  ? 817  LEU A N   1 
ATOM   1313 C  CA  . LEU A 1 219 ? -13.180 7.140   2.119   1.00 88.49  ? 817  LEU A CA  1 
ATOM   1314 C  C   . LEU A 1 219 ? -12.016 7.788   1.377   1.00 95.25  ? 817  LEU A C   1 
ATOM   1315 O  O   . LEU A 1 219 ? -12.054 8.991   1.094   1.00 98.34  ? 817  LEU A O   1 
ATOM   1316 C  CB  . LEU A 1 219 ? -13.041 7.356   3.631   1.00 94.37  ? 817  LEU A CB  1 
ATOM   1317 N  N   . PHE A 1 220 ? -10.980 7.011   1.047   1.00 96.91  ? 818  PHE A N   1 
ATOM   1318 C  CA  . PHE A 1 220 ? -9.870  7.531   0.254   1.00 90.06  ? 818  PHE A CA  1 
ATOM   1319 C  C   . PHE A 1 220 ? -10.174 7.515   -1.242  1.00 99.15  ? 818  PHE A C   1 
ATOM   1320 O  O   . PHE A 1 220 ? -9.553  8.266   -2.004  1.00 98.40  ? 818  PHE A O   1 
ATOM   1321 C  CB  . PHE A 1 220 ? -8.599  6.723   0.536   1.00 88.69  ? 818  PHE A CB  1 
ATOM   1322 C  CG  . PHE A 1 220 ? -7.439  7.073   -0.362  1.00 80.78  ? 818  PHE A CG  1 
ATOM   1323 C  CD1 . PHE A 1 220 ? -6.893  8.345   -0.346  1.00 88.66  ? 818  PHE A CD1 1 
ATOM   1324 C  CD2 . PHE A 1 220 ? -6.894  6.129   -1.215  1.00 84.33  ? 818  PHE A CD2 1 
ATOM   1325 C  CE1 . PHE A 1 220 ? -5.837  8.677   -1.161  1.00 86.11  ? 818  PHE A CE1 1 
ATOM   1326 C  CE2 . PHE A 1 220 ? -5.828  6.452   -2.041  1.00 89.16  ? 818  PHE A CE2 1 
ATOM   1327 C  CZ  . PHE A 1 220 ? -5.300  7.729   -2.013  1.00 97.04  ? 818  PHE A CZ  1 
ATOM   1328 N  N   . ALA A 1 221 ? -11.120 6.683   -1.682  1.00 96.49  ? 819  ALA A N   1 
ATOM   1329 C  CA  . ALA A 1 221 ? -11.353 6.536   -3.116  1.00 107.21 ? 819  ALA A CA  1 
ATOM   1330 C  C   . ALA A 1 221 ? -12.224 7.665   -3.659  1.00 106.54 ? 819  ALA A C   1 
ATOM   1331 O  O   . ALA A 1 221 ? -11.926 8.230   -4.718  1.00 107.11 ? 819  ALA A O   1 
ATOM   1332 C  CB  . ALA A 1 221 ? -11.983 5.176   -3.409  1.00 88.62  ? 819  ALA A CB  1 
ATOM   1333 N  N   . THR A 1 222 ? -13.291 8.019   -2.941  1.00 100.58 ? 820  THR A N   1 
ATOM   1334 C  CA  . THR A 1 222 ? -14.175 9.089   -3.385  1.00 110.27 ? 820  THR A CA  1 
ATOM   1335 C  C   . THR A 1 222 ? -13.448 10.418  -3.537  1.00 107.09 ? 820  THR A C   1 
ATOM   1336 O  O   . THR A 1 222 ? -13.993 11.345  -4.137  1.00 115.04 ? 820  THR A O   1 
ATOM   1337 C  CB  . THR A 1 222 ? -15.344 9.233   -2.418  1.00 108.61 ? 820  THR A CB  1 
ATOM   1338 O  OG1 . THR A 1 222 ? -14.859 9.592   -1.115  1.00 103.70 ? 820  THR A OG1 1 
ATOM   1339 C  CG2 . THR A 1 222 ? -16.090 7.905   -2.332  1.00 96.19  ? 820  THR A CG2 1 
ATOM   1340 N  N   . GLN A 1 223 ? -12.247 10.538  -2.979  1.00 101.18 ? 821  GLN A N   1 
ATOM   1341 C  CA  . GLN A 1 223 ? -11.305 11.545  -3.450  1.00 110.37 ? 821  GLN A CA  1 
ATOM   1342 C  C   . GLN A 1 223 ? -11.263 11.578  -4.969  1.00 111.61 ? 821  GLN A C   1 
ATOM   1343 O  O   . GLN A 1 223 ? -11.414 12.647  -5.580  1.00 119.15 ? 821  GLN A O   1 
ATOM   1344 C  CB  . GLN A 1 223 ? -9.906  11.239  -2.900  1.00 106.80 ? 821  GLN A CB  1 
ATOM   1345 C  CG  . GLN A 1 223 ? -8.801  11.977  -3.641  1.00 103.09 ? 821  GLN A CG  1 
ATOM   1346 C  CD  . GLN A 1 223 ? -7.684  12.431  -2.743  1.00 112.85 ? 821  GLN A CD  1 
ATOM   1347 O  OE1 . GLN A 1 223 ? -7.827  12.495  -1.528  1.00 116.99 ? 821  GLN A OE1 1 
ATOM   1348 N  NE2 . GLN A 1 223 ? -6.533  12.694  -3.340  1.00 108.81 ? 821  GLN A NE2 1 
ATOM   1349 N  N   . TYR A 1 224 ? -11.090 10.408  -5.602  1.00 104.64 ? 822  TYR A N   1 
ATOM   1350 C  CA  . TYR A 1 224 ? -10.760 10.351  -7.019  1.00 104.85 ? 822  TYR A CA  1 
ATOM   1351 C  C   . TYR A 1 224 ? -12.004 10.365  -7.899  1.00 116.51 ? 822  TYR A C   1 
ATOM   1352 O  O   . TYR A 1 224 ? -11.997 10.973  -8.976  1.00 110.05 ? 822  TYR A O   1 
ATOM   1353 C  CB  . TYR A 1 224 ? -9.920  9.107   -7.293  1.00 93.59  ? 822  TYR A CB  1 
ATOM   1354 C  CG  . TYR A 1 224 ? -8.523  9.164   -6.717  1.00 100.47 ? 822  TYR A CG  1 
ATOM   1355 C  CD1 . TYR A 1 224 ? -7.498  9.811   -7.394  1.00 91.34  ? 822  TYR A CD1 1 
ATOM   1356 C  CD2 . TYR A 1 224 ? -8.230  8.572   -5.496  1.00 99.65  ? 822  TYR A CD2 1 
ATOM   1357 C  CE1 . TYR A 1 224 ? -6.229  9.866   -6.873  1.00 81.70  ? 822  TYR A CE1 1 
ATOM   1358 C  CE2 . TYR A 1 224 ? -6.959  8.622   -4.966  1.00 89.84  ? 822  TYR A CE2 1 
ATOM   1359 C  CZ  . TYR A 1 224 ? -5.959  9.271   -5.656  1.00 96.57  ? 822  TYR A CZ  1 
ATOM   1360 O  OH  . TYR A 1 224 ? -4.684  9.323   -5.121  1.00 94.62  ? 822  TYR A OH  1 
ATOM   1361 N  N   . CYS A 1 225 ? -13.072 9.701   -7.461  1.00 117.89 ? 823  CYS A N   1 
ATOM   1362 C  CA  . CYS A 1 225 ? -14.296 9.610   -8.246  1.00 119.26 ? 823  CYS A CA  1 
ATOM   1363 C  C   . CYS A 1 225 ? -14.933 10.983  -8.422  1.00 112.13 ? 823  CYS A C   1 
ATOM   1364 O  O   . CYS A 1 225 ? -15.468 11.553  -7.466  1.00 112.71 ? 823  CYS A O   1 
ATOM   1365 C  CB  . CYS A 1 225 ? -15.274 8.633   -7.589  1.00 119.16 ? 823  CYS A CB  1 
ATOM   1366 S  SG  . CYS A 1 225 ? -14.702 6.900   -7.594  1.00 131.33 ? 823  CYS A SG  1 
ATOM   1367 N  N   . GLY A 1 226 ? -14.873 11.518  -9.639  1.00 117.02 ? 824  GLY A N   1 
ATOM   1368 C  CA  . GLY A 1 226 ? -15.399 12.835  -9.940  1.00 111.16 ? 824  GLY A CA  1 
ATOM   1369 C  C   . GLY A 1 226 ? -14.602 13.571  -11.002 1.00 106.07 ? 824  GLY A C   1 
ATOM   1370 O  O   . GLY A 1 226 ? -13.381 13.695  -10.905 1.00 109.57 ? 824  GLY A O   1 
HETATM 1371 N  N1A . ACO B 2 .   ? -9.921  8.937   5.960   1.00 113.60 ? 901  ACO A N1A 1 
HETATM 1372 C  C2A . ACO B 2 .   ? -9.123  9.037   4.881   1.00 105.54 ? 901  ACO A C2A 1 
HETATM 1373 N  N3A . ACO B 2 .   ? -9.404  9.815   3.878   1.00 95.15  ? 901  ACO A N3A 1 
HETATM 1374 C  C4A . ACO B 2 .   ? -10.539 10.563  3.878   1.00 108.26 ? 901  ACO A C4A 1 
HETATM 1375 C  C5A . ACO B 2 .   ? -11.413 10.491  4.977   1.00 117.51 ? 901  ACO A C5A 1 
HETATM 1376 C  C6A . ACO B 2 .   ? -11.051 9.630   6.045   1.00 118.30 ? 901  ACO A C6A 1 
HETATM 1377 N  N6A . ACO B 2 .   ? -11.843 9.514   7.130   1.00 114.99 ? 901  ACO A N6A 1 
HETATM 1378 N  N7A . ACO B 2 .   ? -12.459 11.337  4.705   1.00 112.09 ? 901  ACO A N7A 1 
HETATM 1379 C  C8A . ACO B 2 .   ? -12.243 11.903  3.496   1.00 117.23 ? 901  ACO A C8A 1 
HETATM 1380 N  N9A . ACO B 2 .   ? -11.106 11.455  2.980   1.00 115.58 ? 901  ACO A N9A 1 
HETATM 1381 C  C1B . ACO B 2 .   ? -10.586 11.833  1.774   1.00 116.95 ? 901  ACO A C1B 1 
HETATM 1382 C  C2B . ACO B 2 .   ? -10.183 13.282  1.885   1.00 108.39 ? 901  ACO A C2B 1 
HETATM 1383 O  O2B . ACO B 2 .   ? -10.515 13.972  0.728   1.00 111.26 ? 901  ACO A O2B 1 
HETATM 1384 C  C3B . ACO B 2 .   ? -8.727  13.242  2.063   1.00 105.77 ? 901  ACO A C3B 1 
HETATM 1385 O  O3B . ACO B 2 .   ? -8.151  14.418  1.528   1.00 115.71 ? 901  ACO A O3B 1 
HETATM 1386 P  P3B . ACO B 2 .   ? -8.003  15.693  2.457   1.00 120.14 ? 901  ACO A P3B 1 
HETATM 1387 O  O7A . ACO B 2 .   ? -9.376  16.271  2.791   1.00 90.69  ? 901  ACO A O7A 1 
HETATM 1388 O  O8A . ACO B 2 .   ? -7.302  15.311  3.741   1.00 116.40 ? 901  ACO A O8A 1 
HETATM 1389 O  O9A . ACO B 2 .   ? -7.162  16.734  1.740   1.00 110.11 ? 901  ACO A O9A 1 
HETATM 1390 C  C4B . ACO B 2 .   ? -8.349  12.048  1.304   1.00 95.12  ? 901  ACO A C4B 1 
HETATM 1391 O  O4B . ACO B 2 .   ? -9.395  11.077  1.454   1.00 104.15 ? 901  ACO A O4B 1 
HETATM 1392 C  C5B . ACO B 2 .   ? -7.096  11.376  1.865   1.00 94.63  ? 901  ACO A C5B 1 
HETATM 1393 O  O5B . ACO B 2 .   ? -5.930  11.627  1.117   1.00 89.53  ? 901  ACO A O5B 1 
HETATM 1394 P  P1A . ACO B 2 .   ? -4.586  11.060  1.820   1.00 98.48  ? 901  ACO A P1A 1 
HETATM 1395 O  O1A . ACO B 2 .   ? -4.173  11.961  2.965   1.00 100.03 ? 901  ACO A O1A 1 
HETATM 1396 O  O2A . ACO B 2 .   ? -3.439  10.955  0.798   1.00 101.08 ? 901  ACO A O2A 1 
HETATM 1397 O  O3A . ACO B 2 .   ? -4.973  9.632   2.434   1.00 95.26  ? 901  ACO A O3A 1 
HETATM 1398 P  P2A . ACO B 2 .   ? -4.308  9.007   3.756   1.00 92.35  ? 901  ACO A P2A 1 
HETATM 1399 O  O4A . ACO B 2 .   ? -2.965  9.652   3.942   1.00 86.56  ? 901  ACO A O4A 1 
HETATM 1400 O  O5A . ACO B 2 .   ? -5.153  9.266   5.004   1.00 105.06 ? 901  ACO A O5A 1 
HETATM 1401 O  O6A . ACO B 2 .   ? -4.194  7.439   3.531   1.00 86.82  ? 901  ACO A O6A 1 
HETATM 1402 C  CBP . ACO B 2 .   ? -5.525  5.440   3.588   1.00 81.10  ? 901  ACO A CBP 1 
HETATM 1403 C  CCP . ACO B 2 .   ? -5.294  6.802   2.903   1.00 85.23  ? 901  ACO A CCP 1 
HETATM 1404 C  CDP . ACO B 2 .   ? -4.556  4.427   2.969   1.00 83.55  ? 901  ACO A CDP 1 
HETATM 1405 C  CEP . ACO B 2 .   ? -6.935  4.952   3.376   1.00 74.44  ? 901  ACO A CEP 1 
HETATM 1406 C  CAP . ACO B 2 .   ? -5.293  5.623   5.091   1.00 82.24  ? 901  ACO A CAP 1 
HETATM 1407 O  OAP . ACO B 2 .   ? -6.437  6.212   5.673   1.00 88.43  ? 901  ACO A OAP 1 
HETATM 1408 C  C9P . ACO B 2 .   ? -5.045  4.298   5.790   1.00 81.33  ? 901  ACO A C9P 1 
HETATM 1409 O  O9P . ACO B 2 .   ? -3.900  3.836   5.871   1.00 80.92  ? 901  ACO A O9P 1 
HETATM 1410 N  N8P . ACO B 2 .   ? -6.201  3.580   6.392   1.00 75.54  ? 901  ACO A N8P 1 
HETATM 1411 C  C7P . ACO B 2 .   ? -5.984  2.315   7.075   1.00 76.35  ? 901  ACO A C7P 1 
HETATM 1412 C  C6P . ACO B 2 .   ? -5.550  1.270   6.108   1.00 80.06  ? 901  ACO A C6P 1 
HETATM 1413 C  C5P . ACO B 2 .   ? -6.596  0.986   4.986   1.00 93.41  ? 901  ACO A C5P 1 
HETATM 1414 O  O5P . ACO B 2 .   ? -7.753  0.878   5.285   1.00 92.42  ? 901  ACO A O5P 1 
HETATM 1415 N  N4P . ACO B 2 .   ? -6.205  0.850   3.616   1.00 73.77  ? 901  ACO A N4P 1 
HETATM 1416 C  C3P . ACO B 2 .   ? -7.263  0.582   2.663   1.00 84.66  ? 901  ACO A C3P 1 
HETATM 1417 C  C2P . ACO B 2 .   ? -7.158  -0.872  2.238   1.00 78.67  ? 901  ACO A C2P 1 
HETATM 1418 S  S1P . ACO B 2 .   ? -8.362  -1.257  1.010   1.00 109.02 ? 901  ACO A S1P 1 
HETATM 1419 C  C   . ACO B 2 .   ? -7.503  -2.360  -0.140  1.00 101.64 ? 901  ACO A C   1 
HETATM 1420 O  O   . ACO B 2 .   ? -7.493  -2.083  -1.354  1.00 71.83  ? 901  ACO A O   1 
HETATM 1421 C  CH3 . ACO B 2 .   ? -6.339  -3.121  0.495   1.00 88.43  ? 901  ACO A CH3 1 
HETATM 1422 ZN ZN  . ZN  C 3 .   ? 2.373   0.574   21.196  1.00 102.62 ? 902  ZN  A ZN  1 
HETATM 1423 O  O   . HOH D 4 .   ? -1.623  8.482   3.107   1.00 102.12 ? 1001 HOH A O   1 
HETATM 1424 O  O   . HOH D 4 .   ? -6.581  10.648  4.673   1.00 114.86 ? 1002 HOH A O   1 
HETATM 1425 O  O   . HOH D 4 .   ? -11.806 -6.228  -20.769 1.00 65.82  ? 1003 HOH A O   1 
HETATM 1426 O  O   . HOH D 4 .   ? 14.539  9.193   5.851   1.00 104.22 ? 1004 HOH A O   1 
HETATM 1427 O  O   . HOH D 4 .   ? 3.179   4.251   -15.300 1.00 97.09  ? 1005 HOH A O   1 
HETATM 1428 O  O   . HOH D 4 .   ? -7.554  -1.688  5.142   1.00 114.96 ? 1006 HOH A O   1 
HETATM 1429 O  O   . HOH D 4 .   ? -5.604  -7.386  -18.509 1.00 72.76  ? 1007 HOH A O   1 
HETATM 1430 O  O   . HOH D 4 .   ? -5.796  1.525   10.712  1.00 99.18  ? 1008 HOH A O   1 
HETATM 1431 O  O   . HOH D 4 .   ? 14.277  0.165   -4.335  1.00 102.47 ? 1009 HOH A O   1 
HETATM 1432 O  O   . HOH D 4 .   ? 15.865  -1.092  5.839   1.00 106.17 ? 1010 HOH A O   1 
HETATM 1433 O  O   . HOH D 4 .   ? -7.682  -0.392  -20.620 1.00 73.85  ? 1011 HOH A O   1 
HETATM 1434 O  O   . HOH D 4 .   ? -3.049  -3.418  15.248  1.00 80.49  ? 1012 HOH A O   1 
HETATM 1435 O  O   . HOH D 4 .   ? 1.517   -10.267 15.874  1.00 99.10  ? 1013 HOH A O   1 
HETATM 1436 O  O   . HOH D 4 .   ? -4.542  -12.581 -15.051 1.00 83.54  ? 1014 HOH A O   1 
# 
